data_9B6N
#
_entry.id   9B6N
#
_cell.length_a   1.00
_cell.length_b   1.00
_cell.length_c   1.00
_cell.angle_alpha   90.00
_cell.angle_beta   90.00
_cell.angle_gamma   90.00
#
_symmetry.space_group_name_H-M   'P 1'
#
loop_
_entity.id
_entity.type
_entity.pdbx_description
1 polymer 'Capsid protein VP1'
2 polymer 'Fab1-1 heavy chain'
3 polymer 'Fab1-1 light chain'
#
loop_
_entity_poly.entity_id
_entity_poly.type
_entity_poly.pdbx_seq_one_letter_code
_entity_poly.pdbx_strand_id
1 'polypeptide(L)'
;GADGVGSSSGNWHCDSQWLGDRVITTSTRTWALPTYNNHLYKQISNSTSGGSSNDNAYFGYSTPWGYFDFNRFHCHFSPR
DWQRLINNNWGFRPKRLNFKLFNIQVKEVTDNNGVKTIANNLTSTVQVFTDSDYQLPYVLGSAHEGCLPPFPADVFMIPQ
YGYLTLNDGSQAVGRSSFYCLEYFPSQMLRTGNNFQFSYEFENVPFHSSYAHSQSLDRLMNPLIDQYLYYLSKTINGSGQ
NQQTLKFSVAGPSNMAVQGRNYIPGPSYRQQRVSTTVTQNNNSEFAWPGASSWALNGRNSLMNPGPAMASHKEGEDRFFP
LSGSLIFGKQGTGRDNVDADKVMITNEEEIKTTNPVATESYGQVATNHQSAQAQAQTGWVQNQGILPGMVWQDRDVYLQG
PIWAKIPHTDGNFHPSPLMGGFGMKHPPPQILIKNTPVPADPPTAFNKDKLNSFITQYSTGQVSVEIEWELQKENSKRWN
PEIQYTSNYYKSNNVEFAVNTEGVYSEPRPIGTRYLTRNL
;
A,B,C
2 'polypeptide(L)'
;EVQLVESGGGLVKPGGSLRLSCAASGVPFSDAWMNWVRQAPGKGLEWVGRIKSKKDGGTADYAAPVKGRFSISRDDSKKM
LYLHMNSLKTEDTAVYYCTTEPSGYCSNGLCYTGNYWGQGTLVTVSS
;
H
3 'polypeptide(L)'
;QPVLTQSSSASASLGSSVKLTCTLSSGHITYIIAWHQQQPGKAPRYLMKLEDSGSYNKGSGVPDRFSGSSSGADRYLTIS
NLQFEDEADYYCETWDSYTRVFGGGTKLT
;
L
#
# COMPACT_ATOMS: atom_id res chain seq x y z
N TRP A 12 32.33 -37.05 -13.47
CA TRP A 12 30.96 -37.09 -13.01
C TRP A 12 30.89 -36.87 -11.51
N HIS A 13 30.11 -35.89 -11.05
CA HIS A 13 29.86 -35.70 -9.62
C HIS A 13 28.36 -35.51 -9.41
N CYS A 14 27.74 -36.46 -8.71
CA CYS A 14 26.40 -36.27 -8.16
C CYS A 14 26.35 -36.92 -6.79
N ASP A 15 26.03 -36.14 -5.76
CA ASP A 15 25.76 -36.64 -4.42
C ASP A 15 25.44 -35.43 -3.55
N SER A 16 25.09 -35.72 -2.31
CA SER A 16 24.76 -34.70 -1.34
C SER A 16 25.48 -34.98 -0.03
N GLN A 17 26.37 -34.07 0.35
CA GLN A 17 27.10 -34.14 1.61
C GLN A 17 26.31 -33.37 2.65
N TRP A 18 25.83 -34.06 3.67
CA TRP A 18 25.08 -33.44 4.75
C TRP A 18 26.01 -33.28 5.93
N LEU A 19 26.45 -32.06 6.17
CA LEU A 19 27.41 -31.78 7.22
C LEU A 19 26.80 -30.77 8.18
N GLY A 20 26.41 -31.22 9.36
CA GLY A 20 25.97 -30.29 10.37
C GLY A 20 24.86 -29.40 9.85
N ASP A 21 25.14 -28.10 9.88
CA ASP A 21 24.26 -27.05 9.39
C ASP A 21 24.46 -26.75 7.90
N ARG A 22 25.30 -27.52 7.21
CA ARG A 22 25.55 -27.26 5.80
C ARG A 22 25.13 -28.46 4.97
N VAL A 23 24.81 -28.18 3.71
CA VAL A 23 24.48 -29.18 2.70
C VAL A 23 25.20 -28.80 1.43
N ILE A 24 25.69 -29.80 0.70
CA ILE A 24 26.28 -29.59 -0.61
C ILE A 24 25.59 -30.53 -1.57
N THR A 25 24.91 -29.97 -2.57
CA THR A 25 24.17 -30.76 -3.54
C THR A 25 24.81 -30.65 -4.91
N THR A 26 25.40 -31.74 -5.37
CA THR A 26 26.07 -31.77 -6.66
C THR A 26 25.18 -32.50 -7.65
N SER A 27 25.10 -31.99 -8.86
CA SER A 27 24.29 -32.60 -9.91
C SER A 27 25.01 -32.50 -11.24
N THR A 28 25.17 -33.63 -11.92
CA THR A 28 25.80 -33.66 -13.23
C THR A 28 24.77 -34.17 -14.24
N ARG A 29 24.73 -33.55 -15.41
CA ARG A 29 23.80 -33.88 -16.46
C ARG A 29 24.51 -33.92 -17.79
N THR A 30 23.81 -34.39 -18.82
CA THR A 30 24.30 -34.37 -20.19
C THR A 30 23.37 -33.49 -21.01
N TRP A 31 23.95 -32.64 -21.84
CA TRP A 31 23.21 -31.66 -22.63
C TRP A 31 23.52 -31.81 -24.11
N ALA A 32 22.66 -31.22 -24.92
CA ALA A 32 22.85 -31.14 -26.36
C ALA A 32 22.52 -29.73 -26.82
N LEU A 33 23.43 -29.11 -27.55
CA LEU A 33 23.26 -27.74 -28.00
C LEU A 33 23.14 -27.69 -29.50
N PRO A 34 21.99 -27.32 -30.06
CA PRO A 34 21.84 -27.20 -31.49
C PRO A 34 22.32 -25.84 -31.98
N THR A 35 22.21 -25.63 -33.28
CA THR A 35 22.47 -24.35 -33.90
C THR A 35 21.16 -23.60 -34.04
N TYR A 36 21.07 -22.42 -33.43
CA TYR A 36 19.84 -21.65 -33.43
C TYR A 36 19.89 -20.55 -34.47
N ASN A 37 18.76 -20.34 -35.15
CA ASN A 37 18.56 -19.26 -36.11
C ASN A 37 19.55 -19.30 -37.26
N ASN A 38 20.17 -20.45 -37.52
CA ASN A 38 21.22 -20.56 -38.54
C ASN A 38 22.28 -19.49 -38.36
N HIS A 39 22.69 -19.27 -37.11
CA HIS A 39 23.72 -18.31 -36.74
C HIS A 39 23.31 -16.86 -37.00
N LEU A 40 22.04 -16.53 -36.84
CA LEU A 40 21.54 -15.20 -37.10
C LEU A 40 20.91 -14.61 -35.84
N TYR A 41 21.03 -13.29 -35.72
CA TYR A 41 20.14 -12.53 -34.86
C TYR A 41 18.89 -12.17 -35.67
N LYS A 42 17.74 -12.19 -35.02
CA LYS A 42 16.51 -11.89 -35.72
C LYS A 42 15.60 -11.05 -34.84
N GLN A 43 15.02 -10.01 -35.42
CA GLN A 43 13.97 -9.26 -34.76
C GLN A 43 12.67 -10.04 -34.73
N ILE A 44 12.11 -10.22 -33.55
CA ILE A 44 10.82 -10.88 -33.36
C ILE A 44 9.87 -9.90 -32.71
N SER A 45 8.58 -10.13 -32.93
CA SER A 45 7.52 -9.33 -32.32
C SER A 45 6.22 -10.09 -32.48
N ASN A 46 5.14 -9.50 -31.96
CA ASN A 46 3.84 -10.15 -32.08
C ASN A 46 3.39 -10.23 -33.51
N SER A 47 3.79 -9.25 -34.32
CA SER A 47 3.41 -9.22 -35.73
C SER A 47 4.08 -10.36 -36.50
N THR A 48 5.27 -10.77 -36.07
CA THR A 48 5.90 -11.94 -36.67
C THR A 48 5.14 -13.21 -36.33
N SER A 49 4.65 -13.32 -35.10
CA SER A 49 3.82 -14.45 -34.72
C SER A 49 2.37 -14.26 -35.19
N GLY A 50 1.83 -13.06 -35.05
CA GLY A 50 0.50 -12.74 -35.54
C GLY A 50 -0.58 -12.57 -34.49
N GLY A 51 -0.27 -12.71 -33.21
CA GLY A 51 -1.28 -12.45 -32.18
C GLY A 51 -1.59 -10.96 -32.11
N SER A 52 -2.87 -10.61 -32.32
CA SER A 52 -3.24 -9.21 -32.48
C SER A 52 -3.53 -8.51 -31.16
N SER A 53 -3.79 -9.26 -30.08
CA SER A 53 -4.25 -8.66 -28.84
C SER A 53 -3.24 -7.63 -28.33
N ASN A 54 -3.75 -6.56 -27.72
CA ASN A 54 -2.88 -5.49 -27.24
C ASN A 54 -2.21 -5.84 -25.93
N ASP A 55 -2.84 -6.69 -25.11
CA ASP A 55 -2.19 -7.11 -23.87
C ASP A 55 -1.02 -8.03 -24.17
N ASN A 56 -1.08 -8.75 -25.28
CA ASN A 56 -0.09 -9.74 -25.67
C ASN A 56 0.96 -9.18 -26.61
N ALA A 57 0.94 -7.88 -26.89
CA ALA A 57 1.89 -7.27 -27.80
C ALA A 57 3.31 -7.30 -27.23
N TYR A 58 4.29 -7.62 -28.08
CA TYR A 58 5.67 -7.65 -27.62
C TYR A 58 6.60 -7.31 -28.78
N PHE A 59 7.84 -6.98 -28.42
CA PHE A 59 8.90 -6.68 -29.36
C PHE A 59 10.22 -7.10 -28.74
N GLY A 60 11.10 -7.68 -29.54
CA GLY A 60 12.37 -8.13 -29.02
C GLY A 60 13.20 -8.84 -30.06
N TYR A 61 14.22 -9.55 -29.61
CA TYR A 61 15.17 -10.20 -30.49
C TYR A 61 15.41 -11.63 -30.05
N SER A 62 15.70 -12.49 -31.01
CA SER A 62 16.15 -13.85 -30.73
C SER A 62 17.60 -13.98 -31.13
N THR A 63 18.36 -14.71 -30.32
CA THR A 63 19.78 -14.86 -30.50
C THR A 63 20.11 -16.31 -30.80
N PRO A 64 21.20 -16.57 -31.53
CA PRO A 64 21.66 -17.96 -31.70
C PRO A 64 22.15 -18.58 -30.41
N TRP A 65 22.36 -17.81 -29.36
CA TRP A 65 22.92 -18.31 -28.11
C TRP A 65 21.89 -19.10 -27.32
N GLY A 66 22.37 -20.10 -26.60
CA GLY A 66 21.60 -20.79 -25.59
C GLY A 66 22.07 -20.41 -24.20
N TYR A 67 21.49 -21.06 -23.20
CA TYR A 67 21.88 -20.78 -21.83
C TYR A 67 21.51 -21.94 -20.92
N PHE A 68 22.16 -21.99 -19.76
CA PHE A 68 21.92 -23.03 -18.76
C PHE A 68 21.03 -22.48 -17.65
N ASP A 69 19.96 -23.21 -17.35
CA ASP A 69 19.05 -22.86 -16.26
C ASP A 69 19.01 -24.01 -15.26
N PHE A 70 19.61 -23.80 -14.09
CA PHE A 70 19.44 -24.69 -12.95
C PHE A 70 18.50 -24.13 -11.87
N ASN A 71 17.76 -23.07 -12.18
CA ASN A 71 17.00 -22.27 -11.22
C ASN A 71 15.87 -23.04 -10.50
N ARG A 72 15.55 -24.29 -10.81
CA ARG A 72 14.50 -25.01 -10.10
C ARG A 72 15.11 -25.95 -9.07
N PHE A 73 14.38 -26.14 -7.96
CA PHE A 73 14.88 -26.97 -6.87
C PHE A 73 15.15 -28.41 -7.28
N HIS A 74 14.26 -29.04 -8.05
CA HIS A 74 14.45 -30.47 -8.30
C HIS A 74 15.69 -30.76 -9.12
N CYS A 75 16.36 -29.76 -9.65
CA CYS A 75 17.67 -29.99 -10.24
C CYS A 75 18.66 -30.44 -9.19
N HIS A 76 18.65 -29.77 -8.04
CA HIS A 76 19.66 -29.95 -7.01
C HIS A 76 19.30 -30.95 -5.93
N PHE A 77 18.04 -31.38 -5.85
CA PHE A 77 17.59 -32.19 -4.74
C PHE A 77 16.89 -33.44 -5.25
N SER A 78 17.32 -34.59 -4.77
CA SER A 78 16.52 -35.79 -4.88
C SER A 78 15.34 -35.71 -3.92
N PRO A 79 14.26 -36.44 -4.19
CA PRO A 79 13.13 -36.43 -3.27
C PRO A 79 13.49 -36.82 -1.85
N ARG A 80 14.47 -37.69 -1.66
CA ARG A 80 14.84 -38.10 -0.32
C ARG A 80 15.70 -37.03 0.36
N ASP A 81 16.51 -36.31 -0.41
CA ASP A 81 17.23 -35.17 0.14
C ASP A 81 16.28 -34.03 0.47
N TRP A 82 15.21 -33.90 -0.31
CA TRP A 82 14.19 -32.91 0.01
C TRP A 82 13.45 -33.26 1.30
N GLN A 83 12.93 -34.49 1.38
CA GLN A 83 12.32 -34.97 2.61
C GLN A 83 13.27 -34.81 3.79
N ARG A 84 14.56 -34.99 3.55
CA ARG A 84 15.54 -34.83 4.62
C ARG A 84 15.71 -33.37 4.98
N LEU A 85 15.53 -32.47 4.02
CA LEU A 85 15.66 -31.04 4.26
C LEU A 85 14.48 -30.49 5.04
N ILE A 86 13.27 -30.78 4.57
CA ILE A 86 12.09 -30.11 5.08
C ILE A 86 11.60 -30.67 6.41
N ASN A 87 11.90 -31.93 6.72
CA ASN A 87 11.42 -32.52 7.96
C ASN A 87 12.29 -32.13 9.14
N ASN A 88 13.59 -31.98 8.94
CA ASN A 88 14.53 -31.78 10.03
C ASN A 88 14.97 -30.34 10.22
N ASN A 89 14.54 -29.41 9.37
CA ASN A 89 15.13 -28.08 9.33
C ASN A 89 14.05 -27.01 9.29
N TRP A 90 14.27 -25.93 10.04
CA TRP A 90 13.40 -24.75 10.01
C TRP A 90 13.70 -23.80 8.86
N GLY A 91 14.93 -23.71 8.40
CA GLY A 91 15.26 -22.71 7.39
C GLY A 91 16.47 -23.14 6.60
N PHE A 92 16.62 -22.54 5.42
CA PHE A 92 17.75 -22.82 4.55
C PHE A 92 17.92 -21.64 3.60
N ARG A 93 19.07 -21.62 2.94
CA ARG A 93 19.38 -20.60 1.94
C ARG A 93 20.70 -20.93 1.27
N PRO A 94 20.85 -20.56 0.00
CA PRO A 94 22.10 -20.85 -0.71
C PRO A 94 23.23 -19.94 -0.27
N LYS A 95 24.44 -20.50 -0.34
CA LYS A 95 25.67 -19.80 0.04
C LYS A 95 26.62 -19.66 -1.13
N ARG A 96 27.11 -20.77 -1.66
CA ARG A 96 28.06 -20.73 -2.76
C ARG A 96 27.63 -21.59 -3.92
N LEU A 97 28.20 -21.33 -5.09
CA LEU A 97 27.89 -22.09 -6.29
C LEU A 97 29.18 -22.41 -7.05
N ASN A 98 29.25 -23.60 -7.61
CA ASN A 98 30.42 -24.02 -8.37
C ASN A 98 29.88 -24.57 -9.68
N PHE A 99 30.34 -24.04 -10.81
CA PHE A 99 29.83 -24.50 -12.09
C PHE A 99 30.99 -24.97 -12.97
N LYS A 100 30.78 -26.09 -13.65
CA LYS A 100 31.77 -26.66 -14.56
C LYS A 100 31.11 -27.16 -15.82
N LEU A 101 31.81 -26.97 -16.94
CA LEU A 101 31.34 -27.38 -18.26
C LEU A 101 32.48 -28.10 -18.96
N PHE A 102 32.29 -29.39 -19.24
CA PHE A 102 33.40 -30.20 -19.71
C PHE A 102 32.91 -31.26 -20.68
N ASN A 103 33.87 -32.02 -21.22
CA ASN A 103 33.63 -33.11 -22.17
C ASN A 103 32.91 -32.62 -23.42
N ILE A 104 33.41 -31.50 -23.95
CA ILE A 104 32.87 -30.93 -25.18
C ILE A 104 33.00 -31.94 -26.31
N GLN A 105 31.87 -32.21 -26.99
CA GLN A 105 31.85 -33.13 -28.12
C GLN A 105 31.08 -32.47 -29.24
N VAL A 106 31.75 -32.16 -30.34
CA VAL A 106 31.14 -31.45 -31.46
C VAL A 106 30.91 -32.45 -32.59
N LYS A 107 29.67 -32.53 -33.06
CA LYS A 107 29.32 -33.51 -34.09
C LYS A 107 28.93 -32.82 -35.39
N THR A 125 34.94 -25.40 -32.24
CA THR A 125 34.92 -24.91 -30.87
C THR A 125 33.51 -24.60 -30.41
N VAL A 126 33.38 -24.32 -29.12
CA VAL A 126 32.10 -23.96 -28.50
C VAL A 126 32.34 -22.77 -27.59
N GLN A 127 31.65 -21.67 -27.87
CA GLN A 127 31.77 -20.44 -27.10
C GLN A 127 30.93 -20.54 -25.84
N VAL A 128 31.43 -20.00 -24.74
CA VAL A 128 30.67 -19.89 -23.51
C VAL A 128 31.17 -18.68 -22.74
N PHE A 129 30.26 -17.96 -22.09
CA PHE A 129 30.66 -16.91 -21.17
C PHE A 129 29.54 -16.72 -20.16
N THR A 130 29.90 -16.15 -19.01
CA THR A 130 28.93 -15.78 -17.98
C THR A 130 28.85 -14.26 -17.90
N ASP A 131 27.68 -13.75 -17.57
CA ASP A 131 27.47 -12.32 -17.51
C ASP A 131 27.54 -11.93 -16.03
N SER A 132 28.70 -11.41 -15.63
CA SER A 132 28.92 -11.09 -14.23
C SER A 132 28.74 -9.62 -13.90
N ASP A 133 28.52 -8.77 -14.91
CA ASP A 133 28.09 -7.41 -14.69
C ASP A 133 26.59 -7.23 -14.90
N TYR A 134 25.87 -8.30 -15.20
CA TYR A 134 24.43 -8.27 -15.42
C TYR A 134 24.05 -7.24 -16.46
N GLN A 135 24.81 -7.22 -17.56
CA GLN A 135 24.62 -6.24 -18.62
C GLN A 135 23.60 -6.68 -19.67
N LEU A 136 23.25 -7.94 -19.71
CA LEU A 136 22.19 -8.47 -20.56
C LEU A 136 20.87 -8.50 -19.80
N PRO A 137 19.75 -8.50 -20.52
CA PRO A 137 18.47 -8.84 -19.87
C PRO A 137 18.56 -10.17 -19.15
N TYR A 138 17.81 -10.29 -18.06
CA TYR A 138 17.88 -11.47 -17.20
C TYR A 138 16.57 -12.23 -17.33
N VAL A 139 16.62 -13.38 -18.01
CA VAL A 139 15.43 -14.18 -18.30
C VAL A 139 15.24 -15.36 -17.37
N LEU A 140 16.13 -15.56 -16.40
CA LEU A 140 16.09 -16.75 -15.57
C LEU A 140 15.15 -16.65 -14.38
N GLY A 141 14.45 -15.53 -14.21
CA GLY A 141 13.55 -15.40 -13.08
C GLY A 141 12.08 -15.49 -13.45
N SER A 142 11.79 -15.86 -14.70
CA SER A 142 10.43 -15.90 -15.19
C SER A 142 9.81 -17.29 -15.13
N ALA A 143 10.51 -18.26 -14.53
CA ALA A 143 10.00 -19.62 -14.35
C ALA A 143 9.71 -20.29 -15.70
N HIS A 144 10.66 -20.19 -16.62
CA HIS A 144 10.57 -20.86 -17.91
C HIS A 144 11.03 -22.30 -17.83
N GLU A 145 10.56 -23.09 -18.78
CA GLU A 145 11.02 -24.46 -18.92
C GLU A 145 12.46 -24.44 -19.46
N GLY A 146 13.07 -25.61 -19.59
CA GLY A 146 14.45 -25.70 -19.99
C GLY A 146 15.43 -25.94 -18.87
N CYS A 147 14.98 -26.38 -17.71
CA CYS A 147 15.87 -26.68 -16.60
C CYS A 147 16.65 -27.98 -16.85
N LEU A 148 17.75 -28.13 -16.13
CA LEU A 148 18.39 -29.42 -16.01
C LEU A 148 17.38 -30.42 -15.46
N PRO A 149 17.24 -31.61 -16.04
CA PRO A 149 16.16 -32.49 -15.65
C PRO A 149 16.26 -32.88 -14.19
N PRO A 150 15.15 -33.25 -13.56
CA PRO A 150 15.23 -33.70 -12.17
C PRO A 150 15.90 -35.05 -12.02
N PHE A 151 15.91 -35.85 -13.06
CA PHE A 151 16.37 -37.23 -12.98
C PHE A 151 17.73 -37.34 -13.65
N PRO A 152 18.76 -37.79 -12.92
CA PRO A 152 20.12 -37.63 -13.39
C PRO A 152 20.41 -38.29 -14.72
N ALA A 153 19.60 -39.24 -15.16
CA ALA A 153 19.87 -39.98 -16.38
C ALA A 153 19.25 -39.36 -17.62
N ASP A 154 18.64 -38.19 -17.51
CA ASP A 154 18.00 -37.58 -18.67
C ASP A 154 18.92 -36.60 -19.36
N VAL A 155 19.17 -36.84 -20.65
CA VAL A 155 19.90 -35.93 -21.51
C VAL A 155 18.92 -34.85 -21.94
N PHE A 156 19.30 -33.59 -21.77
CA PHE A 156 18.38 -32.48 -21.98
C PHE A 156 18.92 -31.54 -23.04
N MET A 157 18.06 -30.66 -23.52
CA MET A 157 18.41 -29.69 -24.53
C MET A 157 18.46 -28.31 -23.92
N ILE A 158 19.51 -27.56 -24.26
CA ILE A 158 19.69 -26.20 -23.77
C ILE A 158 18.63 -25.31 -24.43
N PRO A 159 18.04 -24.34 -23.70
CA PRO A 159 17.03 -23.48 -24.31
C PRO A 159 17.67 -22.33 -25.08
N GLN A 160 16.89 -21.65 -25.94
CA GLN A 160 17.43 -20.56 -26.73
C GLN A 160 17.30 -19.25 -25.97
N TYR A 161 18.29 -18.38 -26.13
CA TYR A 161 18.25 -17.08 -25.48
C TYR A 161 17.63 -16.05 -26.40
N GLY A 162 16.78 -15.22 -25.84
CA GLY A 162 16.18 -14.10 -26.54
C GLY A 162 15.61 -13.18 -25.48
N TYR A 163 15.32 -11.95 -25.89
CA TYR A 163 14.87 -10.98 -24.90
C TYR A 163 13.88 -10.01 -25.52
N LEU A 164 13.08 -9.42 -24.66
CA LEU A 164 12.11 -8.41 -25.02
C LEU A 164 12.58 -7.05 -24.55
N THR A 165 12.28 -6.02 -25.34
CA THR A 165 12.63 -4.66 -24.99
C THR A 165 11.39 -3.80 -25.16
N LEU A 166 11.53 -2.48 -25.09
CA LEU A 166 10.37 -1.61 -25.13
C LEU A 166 9.66 -1.72 -26.47
N ASN A 167 8.37 -1.38 -26.47
CA ASN A 167 7.56 -1.47 -27.66
C ASN A 167 6.39 -0.51 -27.58
N ASP A 168 5.87 -0.15 -28.75
CA ASP A 168 4.56 0.50 -28.88
C ASP A 168 3.78 -0.32 -29.89
N GLY A 169 2.75 -1.02 -29.42
CA GLY A 169 2.18 -2.06 -30.26
C GLY A 169 3.24 -3.10 -30.54
N SER A 170 3.39 -3.44 -31.82
CA SER A 170 4.48 -4.30 -32.27
C SER A 170 5.71 -3.52 -32.72
N GLN A 171 5.61 -2.21 -32.85
CA GLN A 171 6.75 -1.41 -33.26
C GLN A 171 7.68 -1.11 -32.10
N ALA A 172 8.93 -0.85 -32.44
CA ALA A 172 9.93 -0.44 -31.47
C ALA A 172 9.76 1.04 -31.16
N VAL A 173 10.59 1.54 -30.26
CA VAL A 173 10.66 2.96 -29.94
C VAL A 173 12.12 3.37 -29.94
N GLY A 174 12.36 4.68 -29.96
CA GLY A 174 13.73 5.16 -29.96
C GLY A 174 14.52 4.76 -28.75
N ARG A 175 13.85 4.27 -27.71
CA ARG A 175 14.54 3.89 -26.48
C ARG A 175 14.83 2.39 -26.40
N SER A 176 14.41 1.60 -27.39
CA SER A 176 14.62 0.16 -27.35
C SER A 176 16.10 -0.17 -27.50
N SER A 177 16.54 -1.23 -26.83
CA SER A 177 17.93 -1.66 -26.87
C SER A 177 18.09 -2.91 -27.70
N PHE A 178 19.22 -3.00 -28.40
CA PHE A 178 19.64 -4.21 -29.09
C PHE A 178 21.00 -4.63 -28.56
N TYR A 179 21.11 -5.89 -28.16
CA TYR A 179 22.32 -6.42 -27.56
C TYR A 179 22.90 -7.51 -28.46
N CYS A 180 24.11 -7.30 -28.94
CA CYS A 180 24.86 -8.34 -29.62
C CYS A 180 25.74 -9.05 -28.62
N LEU A 181 25.55 -10.35 -28.48
CA LEU A 181 26.31 -11.13 -27.50
C LEU A 181 27.68 -11.51 -28.00
N GLU A 182 27.96 -11.28 -29.29
CA GLU A 182 29.32 -11.33 -29.81
C GLU A 182 30.19 -10.24 -29.21
N TYR A 183 29.58 -9.20 -28.65
CA TYR A 183 30.29 -8.01 -28.20
C TYR A 183 30.66 -8.08 -26.72
N PHE A 184 30.43 -9.20 -26.10
CA PHE A 184 30.91 -9.69 -24.82
C PHE A 184 32.08 -10.65 -25.04
N PRO A 185 33.19 -10.45 -24.34
CA PRO A 185 34.29 -11.42 -24.45
C PRO A 185 33.89 -12.76 -23.88
N SER A 186 34.17 -13.82 -24.65
CA SER A 186 33.79 -15.16 -24.25
C SER A 186 35.00 -16.09 -24.37
N GLN A 187 34.87 -17.27 -23.78
CA GLN A 187 35.90 -18.29 -23.83
C GLN A 187 35.53 -19.39 -24.81
N MET A 188 36.40 -19.63 -25.78
CA MET A 188 36.16 -20.59 -26.85
C MET A 188 36.73 -21.95 -26.44
N LEU A 189 35.98 -23.01 -26.71
CA LEU A 189 36.37 -24.34 -26.29
C LEU A 189 36.37 -25.31 -27.49
N PHE A 197 33.93 -21.77 -13.20
CA PHE A 197 33.90 -20.58 -12.35
C PHE A 197 33.10 -20.84 -11.09
N SER A 198 33.29 -19.99 -10.09
CA SER A 198 32.55 -20.11 -8.84
C SER A 198 31.90 -18.77 -8.52
N TYR A 199 30.66 -18.82 -8.06
CA TYR A 199 29.90 -17.62 -7.73
C TYR A 199 29.38 -17.68 -6.29
N GLU A 200 29.53 -16.59 -5.54
CA GLU A 200 29.08 -16.51 -4.16
C GLU A 200 27.77 -15.73 -3.97
N PHE A 201 26.74 -16.42 -3.50
CA PHE A 201 25.41 -15.85 -3.26
C PHE A 201 25.51 -14.70 -2.28
N GLU A 202 24.83 -13.61 -2.58
CA GLU A 202 24.76 -12.51 -1.64
C GLU A 202 23.82 -12.87 -0.49
N ASN A 203 23.97 -12.15 0.61
CA ASN A 203 23.25 -12.49 1.83
C ASN A 203 21.75 -12.31 1.64
N VAL A 204 20.99 -13.37 1.91
CA VAL A 204 19.54 -13.35 1.81
C VAL A 204 18.98 -13.95 3.08
N PRO A 205 17.71 -13.68 3.40
CA PRO A 205 17.12 -14.25 4.60
C PRO A 205 16.83 -15.72 4.41
N PHE A 206 16.95 -16.49 5.49
CA PHE A 206 16.55 -17.89 5.47
C PHE A 206 15.09 -18.01 5.01
N HIS A 207 14.85 -18.89 4.05
CA HIS A 207 13.48 -19.25 3.76
C HIS A 207 12.92 -20.00 4.96
N SER A 208 11.68 -19.70 5.29
CA SER A 208 11.07 -20.23 6.50
C SER A 208 10.35 -21.53 6.14
N SER A 209 10.89 -22.65 6.56
CA SER A 209 10.20 -23.92 6.42
C SER A 209 9.65 -24.23 7.81
N TYR A 210 8.37 -23.92 7.99
CA TYR A 210 7.64 -24.17 9.22
C TYR A 210 6.25 -23.57 9.10
N ALA A 211 5.34 -24.03 9.92
CA ALA A 211 4.01 -23.46 9.99
C ALA A 211 3.69 -23.14 11.45
N HIS A 212 3.11 -21.98 11.68
CA HIS A 212 2.87 -21.53 13.04
C HIS A 212 1.91 -22.47 13.74
N SER A 213 2.20 -22.75 15.01
CA SER A 213 1.30 -23.47 15.87
C SER A 213 0.33 -22.54 16.59
N GLN A 214 0.38 -21.25 16.29
CA GLN A 214 -0.58 -20.27 16.78
C GLN A 214 -1.09 -19.43 15.63
N SER A 215 -2.19 -18.72 15.87
CA SER A 215 -2.75 -17.80 14.90
C SER A 215 -2.66 -16.39 15.45
N LEU A 216 -2.70 -15.41 14.55
CA LEU A 216 -2.35 -14.04 14.91
C LEU A 216 -3.30 -13.48 15.96
N ASP A 217 -4.55 -13.89 15.94
CA ASP A 217 -5.54 -13.34 16.86
C ASP A 217 -5.67 -14.13 18.17
N ARG A 218 -5.07 -15.31 18.25
CA ARG A 218 -5.12 -16.15 19.44
C ARG A 218 -3.88 -16.07 20.32
N LEU A 219 -2.98 -15.11 20.09
CA LEU A 219 -1.74 -15.02 20.85
C LEU A 219 -1.94 -14.78 22.34
N MET A 220 -3.17 -14.57 22.79
CA MET A 220 -3.49 -14.19 24.16
C MET A 220 -3.34 -15.35 25.14
N ASN A 221 -3.30 -14.99 26.41
CA ASN A 221 -3.49 -15.94 27.50
C ASN A 221 -4.98 -16.20 27.67
N PRO A 222 -5.44 -17.45 27.50
CA PRO A 222 -6.88 -17.73 27.58
C PRO A 222 -7.46 -17.63 28.98
N LEU A 223 -6.66 -17.58 30.03
CA LEU A 223 -7.18 -17.65 31.39
C LEU A 223 -7.42 -16.29 32.05
N ILE A 224 -6.91 -15.20 31.47
CA ILE A 224 -6.84 -13.92 32.15
C ILE A 224 -7.62 -12.88 31.33
N ASP A 225 -8.22 -11.94 32.05
CA ASP A 225 -8.86 -10.78 31.43
C ASP A 225 -7.81 -9.74 31.03
N GLN A 226 -8.18 -8.92 30.04
CA GLN A 226 -7.44 -7.69 29.82
C GLN A 226 -7.88 -6.62 30.81
N TYR A 227 -7.02 -5.62 30.98
CA TYR A 227 -7.37 -4.43 31.74
C TYR A 227 -7.97 -3.36 30.85
N LEU A 228 -8.26 -3.68 29.59
CA LEU A 228 -8.83 -2.74 28.65
C LEU A 228 -10.30 -3.02 28.44
N TYR A 229 -11.07 -1.95 28.22
CA TYR A 229 -12.51 -2.00 28.06
C TYR A 229 -12.90 -1.79 26.60
N TYR A 230 -14.02 -2.42 26.23
CA TYR A 230 -14.62 -2.26 24.92
C TYR A 230 -16.06 -1.81 25.11
N LEU A 231 -16.67 -1.33 24.03
CA LEU A 231 -18.01 -0.77 24.10
C LEU A 231 -19.00 -1.88 23.82
N SER A 232 -19.69 -2.35 24.85
CA SER A 232 -20.60 -3.48 24.75
C SER A 232 -22.00 -3.13 24.30
N LYS A 233 -22.59 -2.05 24.82
CA LYS A 233 -23.98 -1.70 24.55
C LYS A 233 -24.09 -0.24 24.18
N THR A 234 -24.74 0.04 23.06
CA THR A 234 -25.10 1.40 22.69
C THR A 234 -26.56 1.77 22.98
N ILE A 235 -27.38 0.83 23.44
CA ILE A 235 -28.79 1.10 23.76
C ILE A 235 -29.20 0.24 24.94
N ASN A 236 -30.13 0.75 25.75
CA ASN A 236 -30.68 -0.04 26.85
C ASN A 236 -31.61 -1.13 26.34
N GLY A 237 -32.64 -0.75 25.61
CA GLY A 237 -33.68 -1.68 25.21
C GLY A 237 -34.40 -1.18 23.99
N SER A 238 -35.49 -1.88 23.65
CA SER A 238 -36.24 -1.53 22.45
C SER A 238 -37.24 -0.44 22.77
N GLY A 239 -37.08 0.70 22.11
CA GLY A 239 -37.92 1.86 22.30
C GLY A 239 -37.18 3.11 21.89
N GLN A 240 -37.89 4.22 21.88
CA GLN A 240 -37.28 5.49 21.49
C GLN A 240 -36.46 6.06 22.64
N ASN A 241 -35.42 6.81 22.28
CA ASN A 241 -34.61 7.53 23.25
C ASN A 241 -33.98 6.60 24.27
N GLN A 242 -33.53 5.44 23.81
CA GLN A 242 -32.87 4.45 24.65
C GLN A 242 -31.35 4.53 24.62
N GLN A 243 -30.79 5.55 23.98
CA GLN A 243 -29.34 5.62 23.86
C GLN A 243 -28.68 5.54 25.23
N THR A 244 -27.77 4.59 25.37
CA THR A 244 -26.94 4.46 26.55
C THR A 244 -25.56 4.10 26.07
N LEU A 245 -24.58 4.17 26.97
CA LEU A 245 -23.21 3.87 26.60
C LEU A 245 -22.61 2.99 27.70
N LYS A 246 -22.30 1.75 27.37
CA LYS A 246 -21.91 0.74 28.34
C LYS A 246 -20.62 0.05 27.90
N PHE A 247 -19.70 -0.15 28.84
CA PHE A 247 -18.39 -0.71 28.54
C PHE A 247 -18.16 -1.98 29.34
N SER A 248 -17.59 -2.99 28.70
CA SER A 248 -17.27 -4.24 29.36
C SER A 248 -15.77 -4.53 29.26
N VAL A 249 -15.34 -5.62 29.89
CA VAL A 249 -13.95 -6.03 29.89
C VAL A 249 -13.78 -7.14 28.88
N ALA A 250 -12.83 -6.96 27.97
CA ALA A 250 -12.49 -8.04 27.05
C ALA A 250 -11.71 -9.12 27.79
N GLY A 251 -12.02 -10.37 27.48
CA GLY A 251 -11.46 -11.48 28.21
C GLY A 251 -11.62 -12.80 27.49
N PRO A 252 -11.43 -13.89 28.21
CA PRO A 252 -11.48 -15.21 27.58
C PRO A 252 -12.81 -15.52 26.91
N SER A 253 -13.90 -15.04 27.51
CA SER A 253 -15.22 -15.37 26.99
C SER A 253 -15.46 -14.76 25.62
N ASN A 254 -15.18 -13.47 25.46
CA ASN A 254 -15.31 -12.80 24.17
C ASN A 254 -13.91 -12.40 23.74
N MET A 255 -13.35 -13.12 22.78
CA MET A 255 -11.99 -12.87 22.28
C MET A 255 -11.95 -12.01 21.03
N ALA A 256 -13.07 -11.77 20.36
CA ALA A 256 -13.02 -11.05 19.11
C ALA A 256 -12.76 -9.57 19.34
N VAL A 257 -13.09 -9.08 20.52
CA VAL A 257 -13.05 -7.65 20.78
C VAL A 257 -11.77 -7.23 21.50
N GLN A 258 -10.93 -8.18 21.86
CA GLN A 258 -9.75 -7.82 22.64
C GLN A 258 -8.81 -6.95 21.84
N GLY A 259 -7.98 -6.19 22.54
CA GLY A 259 -6.97 -5.39 21.87
C GLY A 259 -5.79 -6.25 21.46
N ARG A 260 -5.17 -5.90 20.34
CA ARG A 260 -4.08 -6.68 19.78
C ARG A 260 -3.00 -5.76 19.23
N ASN A 261 -1.76 -6.19 19.39
CA ASN A 261 -0.62 -5.41 18.95
C ASN A 261 -0.29 -5.59 17.48
N TYR A 262 -0.85 -6.58 16.81
CA TYR A 262 -0.47 -6.89 15.45
C TYR A 262 -1.67 -7.40 14.67
N ILE A 263 -1.67 -7.17 13.36
CA ILE A 263 -2.79 -7.49 12.49
C ILE A 263 -2.24 -8.20 11.27
N PRO A 264 -3.08 -8.91 10.51
CA PRO A 264 -2.56 -9.76 9.43
C PRO A 264 -2.12 -8.98 8.21
N GLY A 265 -1.36 -9.65 7.35
CA GLY A 265 -0.76 -9.04 6.19
C GLY A 265 -1.74 -8.58 5.14
N PRO A 266 -1.22 -8.00 4.06
CA PRO A 266 -2.08 -7.38 3.05
C PRO A 266 -2.76 -8.41 2.15
N SER A 267 -3.87 -7.97 1.55
CA SER A 267 -4.66 -8.82 0.69
C SER A 267 -4.99 -8.07 -0.60
N TYR A 268 -5.07 -8.83 -1.69
CA TYR A 268 -5.62 -8.34 -2.96
C TYR A 268 -6.51 -9.47 -3.46
N ARG A 269 -7.83 -9.28 -3.43
CA ARG A 269 -8.71 -10.45 -3.47
C ARG A 269 -8.69 -11.15 -4.82
N GLN A 270 -8.70 -12.48 -4.78
CA GLN A 270 -8.79 -13.37 -5.93
C GLN A 270 -10.21 -13.92 -6.03
N GLN A 271 -10.65 -14.21 -7.24
CA GLN A 271 -11.91 -14.90 -7.42
C GLN A 271 -11.79 -16.34 -6.95
N ARG A 272 -12.86 -16.87 -6.36
CA ARG A 272 -12.85 -18.21 -5.81
C ARG A 272 -13.44 -19.19 -6.82
N VAL A 273 -12.64 -20.18 -7.21
CA VAL A 273 -13.05 -21.20 -8.15
C VAL A 273 -13.15 -22.52 -7.40
N SER A 274 -14.12 -23.35 -7.76
CA SER A 274 -14.31 -24.65 -7.15
C SER A 274 -13.84 -25.76 -8.07
N THR A 275 -13.26 -26.81 -7.48
CA THR A 275 -12.86 -27.98 -8.24
C THR A 275 -14.02 -28.93 -8.50
N THR A 276 -15.16 -28.72 -7.84
CA THR A 276 -16.39 -29.42 -8.20
C THR A 276 -17.16 -28.51 -9.14
N VAL A 277 -17.24 -28.90 -10.41
CA VAL A 277 -17.56 -27.94 -11.45
C VAL A 277 -19.02 -27.50 -11.39
N THR A 278 -19.89 -28.29 -10.77
CA THR A 278 -21.29 -27.90 -10.68
C THR A 278 -21.52 -26.85 -9.59
N GLN A 279 -20.51 -26.54 -8.80
CA GLN A 279 -20.57 -25.40 -7.89
C GLN A 279 -20.04 -24.12 -8.52
N ASN A 280 -19.44 -24.21 -9.70
CA ASN A 280 -18.93 -23.03 -10.40
C ASN A 280 -20.07 -22.42 -11.19
N ASN A 281 -19.93 -21.15 -11.55
CA ASN A 281 -20.94 -20.45 -12.33
C ASN A 281 -20.92 -20.91 -13.78
N ASN A 282 -22.08 -20.97 -14.41
CA ASN A 282 -22.15 -21.39 -15.80
C ASN A 282 -21.90 -20.25 -16.79
N SER A 283 -20.68 -19.74 -16.79
CA SER A 283 -20.27 -18.66 -17.69
C SER A 283 -18.76 -18.69 -17.83
N GLU A 284 -18.21 -18.02 -18.84
CA GLU A 284 -16.77 -18.02 -19.01
C GLU A 284 -16.18 -16.84 -18.26
N PHE A 285 -15.52 -17.15 -17.15
CA PHE A 285 -14.90 -16.12 -16.32
C PHE A 285 -13.39 -16.24 -16.11
N ALA A 286 -12.70 -17.00 -16.95
CA ALA A 286 -11.25 -17.16 -16.79
C ALA A 286 -10.55 -15.80 -16.78
N TRP A 287 -10.64 -15.08 -17.88
CA TRP A 287 -10.08 -13.72 -18.01
C TRP A 287 -11.02 -12.65 -17.47
N PRO A 288 -12.32 -12.66 -17.76
CA PRO A 288 -13.18 -11.56 -17.27
C PRO A 288 -13.22 -11.40 -15.77
N GLY A 289 -13.26 -12.50 -15.03
CA GLY A 289 -13.42 -12.43 -13.58
C GLY A 289 -12.13 -12.53 -12.81
N ALA A 290 -11.01 -12.21 -13.44
CA ALA A 290 -9.70 -12.38 -12.85
C ALA A 290 -9.15 -11.05 -12.35
N SER A 291 -8.37 -11.12 -11.28
CA SER A 291 -7.69 -9.93 -10.76
C SER A 291 -6.44 -9.65 -11.56
N SER A 292 -6.24 -8.38 -11.92
CA SER A 292 -5.16 -8.00 -12.81
C SER A 292 -4.55 -6.68 -12.35
N TRP A 293 -3.41 -6.35 -12.94
CA TRP A 293 -2.83 -5.02 -12.81
C TRP A 293 -2.51 -4.48 -14.19
N ALA A 294 -2.57 -3.16 -14.32
CA ALA A 294 -2.41 -2.49 -15.60
C ALA A 294 -1.15 -1.65 -15.59
N LEU A 295 -0.38 -1.74 -16.67
CA LEU A 295 0.87 -1.00 -16.78
C LEU A 295 0.96 -0.43 -18.18
N ASN A 296 0.97 0.90 -18.30
CA ASN A 296 1.13 1.58 -19.58
C ASN A 296 0.02 1.20 -20.56
N GLY A 297 -1.13 0.82 -20.02
CA GLY A 297 -2.28 0.50 -20.84
C GLY A 297 -2.45 -0.97 -21.16
N ARG A 298 -1.56 -1.83 -20.68
CA ARG A 298 -1.68 -3.27 -20.85
C ARG A 298 -2.03 -3.92 -19.52
N ASN A 299 -3.08 -4.74 -19.53
CA ASN A 299 -3.56 -5.43 -18.35
C ASN A 299 -2.88 -6.78 -18.24
N SER A 300 -2.13 -6.99 -17.16
CA SER A 300 -1.52 -8.27 -16.87
C SER A 300 -2.25 -8.94 -15.73
N LEU A 301 -2.53 -10.23 -15.89
CA LEU A 301 -3.12 -11.01 -14.83
C LEU A 301 -2.27 -10.93 -13.57
N MET A 302 -2.92 -10.86 -12.41
CA MET A 302 -2.16 -10.79 -11.16
C MET A 302 -1.90 -12.23 -10.74
N ASN A 303 -0.68 -12.67 -10.96
CA ASN A 303 -0.33 -14.07 -10.84
C ASN A 303 1.10 -14.18 -10.37
N PRO A 304 1.37 -15.06 -9.41
CA PRO A 304 0.39 -15.62 -8.48
C PRO A 304 -0.10 -14.58 -7.49
N GLY A 305 0.67 -13.50 -7.30
CA GLY A 305 0.24 -12.38 -6.50
C GLY A 305 0.83 -12.37 -5.11
N PRO A 306 0.28 -11.53 -4.22
CA PRO A 306 0.73 -11.54 -2.83
C PRO A 306 0.48 -12.89 -2.18
N ALA A 307 1.17 -13.14 -1.09
CA ALA A 307 1.00 -14.38 -0.36
C ALA A 307 -0.26 -14.31 0.48
N MET A 308 -1.20 -15.21 0.21
CA MET A 308 -2.44 -15.30 0.97
C MET A 308 -2.86 -16.75 1.07
N ALA A 309 -3.54 -17.09 2.16
CA ALA A 309 -4.05 -18.45 2.33
C ALA A 309 -5.00 -18.78 1.20
N SER A 310 -4.88 -20.00 0.68
CA SER A 310 -5.66 -20.38 -0.49
C SER A 310 -7.14 -20.50 -0.19
N HIS A 311 -7.49 -21.00 1.00
CA HIS A 311 -8.87 -21.31 1.30
C HIS A 311 -9.08 -21.31 2.80
N LYS A 312 -10.33 -21.14 3.21
CA LYS A 312 -10.68 -21.16 4.62
C LYS A 312 -10.53 -22.56 5.19
N GLU A 313 -10.45 -22.63 6.51
CA GLU A 313 -10.37 -23.91 7.19
C GLU A 313 -11.58 -24.77 6.84
N GLY A 314 -11.32 -25.98 6.36
CA GLY A 314 -12.35 -26.93 6.06
C GLY A 314 -12.77 -27.01 4.61
N GLU A 315 -12.52 -25.97 3.84
CA GLU A 315 -12.90 -25.95 2.42
C GLU A 315 -11.63 -26.21 1.63
N ASP A 316 -11.47 -27.42 1.14
CA ASP A 316 -10.29 -27.79 0.37
C ASP A 316 -10.53 -27.77 -1.13
N ARG A 317 -11.77 -27.58 -1.56
CA ARG A 317 -12.08 -27.70 -2.98
C ARG A 317 -11.91 -26.39 -3.72
N PHE A 318 -11.80 -25.28 -3.02
CA PHE A 318 -11.69 -23.98 -3.64
C PHE A 318 -10.24 -23.56 -3.73
N PHE A 319 -9.85 -23.06 -4.91
CA PHE A 319 -8.55 -22.45 -5.06
C PHE A 319 -8.76 -21.05 -5.62
N PRO A 320 -7.87 -20.11 -5.31
CA PRO A 320 -7.95 -18.79 -5.93
C PRO A 320 -7.64 -18.89 -7.40
N LEU A 321 -8.36 -18.09 -8.19
CA LEU A 321 -8.33 -18.23 -9.64
C LEU A 321 -6.92 -18.15 -10.20
N SER A 322 -6.30 -16.96 -10.13
CA SER A 322 -4.94 -16.77 -10.58
C SER A 322 -3.93 -16.79 -9.46
N GLY A 323 -4.33 -17.12 -8.24
CA GLY A 323 -3.46 -16.91 -7.10
C GLY A 323 -2.70 -18.10 -6.59
N SER A 324 -2.52 -19.14 -7.39
CA SER A 324 -1.70 -20.28 -7.01
C SER A 324 -0.67 -20.57 -8.10
N LEU A 325 0.30 -21.40 -7.76
CA LEU A 325 1.16 -22.02 -8.76
C LEU A 325 0.53 -23.33 -9.19
N ILE A 326 0.55 -23.61 -10.49
CA ILE A 326 -0.07 -24.81 -11.03
C ILE A 326 0.97 -25.55 -11.88
N PHE A 327 1.33 -26.75 -11.45
CA PHE A 327 2.30 -27.57 -12.14
C PHE A 327 1.59 -28.66 -12.92
N GLY A 328 2.12 -28.98 -14.10
CA GLY A 328 1.60 -30.08 -14.89
C GLY A 328 2.22 -31.40 -14.51
N LYS A 329 1.41 -32.46 -14.57
CA LYS A 329 1.91 -33.82 -14.38
C LYS A 329 2.70 -34.28 -15.60
N GLN A 330 3.51 -35.32 -15.40
CA GLN A 330 4.34 -35.84 -16.49
C GLN A 330 3.47 -36.21 -17.68
N GLY A 331 3.82 -35.67 -18.85
CA GLY A 331 3.06 -35.93 -20.06
C GLY A 331 1.91 -34.99 -20.33
N THR A 332 1.53 -34.16 -19.35
CA THR A 332 0.40 -33.26 -19.52
C THR A 332 0.58 -32.38 -20.76
N GLY A 333 -0.49 -32.28 -21.54
CA GLY A 333 -0.47 -31.51 -22.77
C GLY A 333 -0.26 -30.03 -22.52
N ARG A 334 -0.10 -29.30 -23.61
CA ARG A 334 0.16 -27.87 -23.53
C ARG A 334 -1.10 -27.02 -23.35
N ASP A 335 -2.22 -27.39 -23.98
CA ASP A 335 -3.37 -26.51 -24.07
C ASP A 335 -4.66 -27.21 -23.66
N ASN A 336 -5.41 -26.58 -22.76
CA ASN A 336 -6.74 -27.00 -22.36
C ASN A 336 -6.75 -28.42 -21.77
N VAL A 337 -5.80 -28.68 -20.88
CA VAL A 337 -5.80 -29.96 -20.17
C VAL A 337 -6.79 -29.91 -19.03
N ASP A 338 -7.29 -31.08 -18.64
CA ASP A 338 -8.30 -31.16 -17.61
C ASP A 338 -7.69 -30.90 -16.24
N ALA A 339 -8.56 -30.88 -15.23
CA ALA A 339 -8.15 -30.49 -13.90
C ALA A 339 -7.26 -31.52 -13.24
N ASP A 340 -7.36 -32.79 -13.62
CA ASP A 340 -6.55 -33.83 -13.00
C ASP A 340 -5.23 -34.05 -13.71
N LYS A 341 -5.02 -33.44 -14.87
CA LYS A 341 -3.71 -33.46 -15.52
C LYS A 341 -2.71 -32.52 -14.85
N VAL A 342 -3.15 -31.71 -13.89
CA VAL A 342 -2.34 -30.65 -13.32
C VAL A 342 -2.31 -30.80 -11.81
N MET A 343 -1.39 -30.07 -11.18
CA MET A 343 -1.18 -30.12 -9.75
C MET A 343 -1.34 -28.71 -9.20
N ILE A 344 -2.39 -28.49 -8.40
CA ILE A 344 -2.67 -27.18 -7.84
C ILE A 344 -2.17 -27.15 -6.41
N THR A 345 -1.21 -26.27 -6.14
CA THR A 345 -0.66 -26.13 -4.80
C THR A 345 -1.59 -25.30 -3.93
N ASN A 346 -1.52 -25.52 -2.62
CA ASN A 346 -2.27 -24.72 -1.68
C ASN A 346 -1.34 -24.14 -0.63
N GLU A 347 -1.59 -22.89 -0.27
CA GLU A 347 -0.80 -22.14 0.69
C GLU A 347 -1.34 -22.22 2.11
N GLU A 348 -2.32 -23.08 2.37
CA GLU A 348 -3.08 -23.02 3.62
C GLU A 348 -2.23 -23.03 4.88
N GLU A 349 -0.95 -23.37 4.79
CA GLU A 349 -0.10 -23.30 5.99
C GLU A 349 -0.04 -21.89 6.56
N ILE A 350 -0.21 -20.86 5.74
CA ILE A 350 -0.01 -19.48 6.16
C ILE A 350 -1.30 -18.79 6.57
N LYS A 351 -2.39 -19.56 6.68
CA LYS A 351 -3.65 -18.95 7.09
C LYS A 351 -3.59 -18.40 8.51
N THR A 352 -2.52 -18.67 9.25
CA THR A 352 -2.35 -18.09 10.57
C THR A 352 -2.14 -16.58 10.51
N THR A 353 -1.13 -16.11 9.79
CA THR A 353 -0.83 -14.67 9.72
C THR A 353 -1.37 -13.96 8.49
N ASN A 354 -1.95 -14.66 7.53
CA ASN A 354 -2.30 -14.03 6.28
C ASN A 354 -3.79 -14.14 6.02
N PRO A 355 -4.40 -13.14 5.38
CA PRO A 355 -5.81 -13.25 5.05
C PRO A 355 -6.04 -14.29 3.96
N VAL A 356 -7.22 -14.89 3.99
CA VAL A 356 -7.60 -15.82 2.94
C VAL A 356 -7.66 -15.09 1.61
N ALA A 357 -7.16 -15.75 0.56
CA ALA A 357 -7.04 -15.09 -0.74
C ALA A 357 -8.38 -14.63 -1.27
N THR A 358 -9.42 -15.42 -1.05
CA THR A 358 -10.73 -15.19 -1.64
C THR A 358 -11.66 -14.40 -0.74
N GLU A 359 -11.16 -13.88 0.38
CA GLU A 359 -11.97 -13.17 1.35
C GLU A 359 -11.59 -11.71 1.42
N SER A 360 -12.54 -10.89 1.85
CA SER A 360 -12.27 -9.49 2.14
C SER A 360 -11.38 -9.37 3.37
N TYR A 361 -10.53 -8.36 3.36
CA TYR A 361 -9.61 -8.18 4.48
C TYR A 361 -10.35 -7.90 5.78
N GLY A 362 -11.48 -7.20 5.69
CA GLY A 362 -12.18 -6.78 6.88
C GLY A 362 -13.30 -5.82 6.51
N GLN A 363 -13.68 -5.02 7.49
CA GLN A 363 -14.66 -3.96 7.32
C GLN A 363 -14.10 -2.64 7.82
N VAL A 364 -14.62 -1.55 7.27
CA VAL A 364 -14.35 -0.21 7.76
C VAL A 364 -15.67 0.52 7.87
N ALA A 365 -15.67 1.65 8.56
CA ALA A 365 -16.87 2.48 8.67
C ALA A 365 -16.90 3.49 7.54
N THR A 366 -18.08 3.62 6.92
CA THR A 366 -18.21 4.57 5.81
C THR A 366 -18.89 5.89 6.16
N ASN A 367 -19.34 6.11 7.39
CA ASN A 367 -20.04 7.35 7.67
C ASN A 367 -19.91 7.73 9.14
N HIS A 368 -20.58 8.81 9.50
CA HIS A 368 -20.79 9.24 10.88
C HIS A 368 -22.20 8.88 11.28
N GLN A 369 -22.34 8.11 12.34
CA GLN A 369 -23.67 7.89 12.89
C GLN A 369 -24.18 9.15 13.56
N SER A 370 -25.49 9.22 13.73
CA SER A 370 -26.13 10.30 14.46
C SER A 370 -27.57 9.86 14.68
N ALA A 371 -28.35 10.72 15.33
CA ALA A 371 -29.74 10.36 15.58
C ALA A 371 -30.46 10.10 14.28
N GLN A 372 -30.04 10.78 13.21
CA GLN A 372 -30.66 10.62 11.90
C GLN A 372 -30.03 9.58 10.96
N ALA A 373 -28.87 9.04 11.30
CA ALA A 373 -28.21 8.09 10.41
C ALA A 373 -27.56 6.91 11.13
N GLN A 374 -27.87 5.70 10.67
CA GLN A 374 -27.34 4.49 11.27
C GLN A 374 -25.89 4.27 10.84
N ALA A 375 -25.20 3.44 11.62
CA ALA A 375 -23.81 3.14 11.31
C ALA A 375 -23.72 2.26 10.07
N GLN A 376 -22.95 2.73 9.08
CA GLN A 376 -22.75 2.00 7.85
C GLN A 376 -21.30 1.58 7.73
N THR A 377 -21.09 0.38 7.21
CA THR A 377 -19.76 -0.16 7.02
C THR A 377 -19.67 -0.75 5.61
N GLY A 378 -18.45 -1.05 5.21
CA GLY A 378 -18.23 -1.66 3.91
C GLY A 378 -17.05 -2.60 3.96
N TRP A 379 -16.97 -3.49 2.97
CA TRP A 379 -15.89 -4.47 2.91
C TRP A 379 -14.64 -3.92 2.25
N VAL A 380 -13.49 -4.21 2.82
CA VAL A 380 -12.23 -3.76 2.25
C VAL A 380 -11.73 -4.88 1.37
N GLN A 381 -11.97 -4.78 0.06
CA GLN A 381 -11.55 -5.83 -0.86
C GLN A 381 -10.04 -6.01 -0.98
N ASN A 382 -9.31 -4.90 -1.09
CA ASN A 382 -7.87 -4.96 -1.18
C ASN A 382 -7.27 -4.01 -0.19
N GLN A 383 -6.29 -4.47 0.57
CA GLN A 383 -5.67 -3.63 1.57
C GLN A 383 -4.17 -3.65 1.45
N GLY A 384 -3.55 -2.47 1.42
CA GLY A 384 -2.11 -2.36 1.35
C GLY A 384 -1.47 -2.42 2.71
N ILE A 385 -0.18 -2.13 2.74
CA ILE A 385 0.57 -2.22 3.98
C ILE A 385 0.10 -1.16 4.97
N LEU A 386 -0.01 -1.57 6.24
CA LEU A 386 -0.24 -0.73 7.40
C LEU A 386 0.83 -1.04 8.43
N PRO A 387 1.19 -0.08 9.27
CA PRO A 387 2.16 -0.37 10.32
C PRO A 387 1.60 -1.37 11.32
N GLY A 388 2.42 -2.33 11.71
CA GLY A 388 1.99 -3.37 12.61
C GLY A 388 1.48 -4.63 11.94
N MET A 389 1.60 -4.74 10.62
CA MET A 389 1.24 -5.97 9.94
C MET A 389 2.36 -7.00 10.05
N VAL A 390 1.98 -8.28 9.98
CA VAL A 390 2.92 -9.39 9.91
C VAL A 390 2.37 -10.38 8.91
N TRP A 391 3.25 -11.05 8.17
CA TRP A 391 2.82 -11.95 7.11
C TRP A 391 3.89 -12.98 6.84
N GLN A 392 3.48 -14.07 6.21
CA GLN A 392 4.36 -15.14 5.73
C GLN A 392 4.49 -15.06 4.22
N ASP A 393 5.69 -15.30 3.72
CA ASP A 393 5.90 -15.31 2.28
C ASP A 393 5.41 -16.63 1.69
N ARG A 394 5.49 -16.73 0.37
CA ARG A 394 4.98 -17.90 -0.33
C ARG A 394 5.99 -19.03 -0.25
N ASP A 395 5.48 -20.25 -0.17
CA ASP A 395 6.28 -21.45 0.00
C ASP A 395 6.99 -21.83 -1.30
N VAL A 396 8.12 -22.51 -1.17
CA VAL A 396 8.89 -22.99 -2.30
C VAL A 396 8.68 -24.48 -2.43
N TYR A 397 8.72 -24.98 -3.65
CA TYR A 397 8.41 -26.37 -3.93
C TYR A 397 9.58 -27.04 -4.62
N LEU A 398 9.58 -28.37 -4.59
CA LEU A 398 10.64 -29.13 -5.24
C LEU A 398 10.69 -28.81 -6.73
N GLN A 399 9.54 -28.52 -7.33
CA GLN A 399 9.47 -28.09 -8.71
C GLN A 399 9.77 -26.61 -8.91
N GLY A 400 9.40 -25.77 -7.95
CA GLY A 400 9.36 -24.35 -8.15
C GLY A 400 10.71 -23.70 -8.34
N PRO A 401 10.72 -22.39 -8.54
CA PRO A 401 11.98 -21.68 -8.77
C PRO A 401 12.76 -21.47 -7.48
N ILE A 402 14.07 -21.25 -7.63
CA ILE A 402 14.93 -20.99 -6.49
C ILE A 402 15.02 -19.51 -6.22
N TRP A 403 15.60 -18.76 -7.15
CA TRP A 403 15.84 -17.34 -6.97
C TRP A 403 15.17 -16.54 -8.08
N ALA A 404 15.05 -15.25 -7.84
CA ALA A 404 14.71 -14.28 -8.86
C ALA A 404 15.65 -13.10 -8.73
N LYS A 405 15.67 -12.26 -9.76
CA LYS A 405 16.46 -11.05 -9.72
C LYS A 405 15.57 -9.87 -9.38
N ILE A 406 15.89 -9.18 -8.30
CA ILE A 406 15.19 -7.94 -7.96
C ILE A 406 15.45 -6.92 -9.05
N PRO A 407 14.43 -6.25 -9.57
CA PRO A 407 14.68 -5.23 -10.59
C PRO A 407 15.56 -4.12 -10.03
N HIS A 408 16.23 -3.41 -10.93
CA HIS A 408 17.06 -2.30 -10.51
C HIS A 408 16.21 -1.04 -10.60
N THR A 409 15.80 -0.52 -9.44
CA THR A 409 14.85 0.58 -9.38
C THR A 409 15.19 1.46 -8.19
N ASP A 410 14.58 2.64 -8.16
CA ASP A 410 14.79 3.56 -7.05
C ASP A 410 14.32 2.95 -5.74
N GLY A 411 13.22 2.22 -5.76
CA GLY A 411 12.71 1.61 -4.55
C GLY A 411 11.95 0.34 -4.81
N ASN A 412 11.86 -0.47 -3.77
CA ASN A 412 11.05 -1.68 -3.77
C ASN A 412 10.62 -1.94 -2.34
N PHE A 413 9.59 -2.77 -2.17
CA PHE A 413 9.18 -3.17 -0.83
C PHE A 413 9.12 -4.68 -0.76
N HIS A 414 9.78 -5.23 0.26
CA HIS A 414 9.85 -6.65 0.56
C HIS A 414 10.18 -7.39 -0.73
N PRO A 415 11.39 -7.26 -1.22
CA PRO A 415 11.73 -7.73 -2.57
C PRO A 415 11.58 -9.23 -2.80
N SER A 416 11.35 -10.00 -1.75
CA SER A 416 11.17 -11.44 -1.91
C SER A 416 10.15 -11.72 -3.02
N PRO A 417 10.52 -12.51 -4.03
CA PRO A 417 9.70 -12.58 -5.24
C PRO A 417 8.36 -13.26 -5.00
N LEU A 418 7.41 -12.97 -5.89
CA LEU A 418 6.05 -13.40 -5.67
C LEU A 418 5.81 -14.86 -5.97
N MET A 419 6.58 -15.46 -6.88
CA MET A 419 6.43 -16.88 -7.15
C MET A 419 7.15 -17.76 -6.14
N GLY A 420 7.85 -17.17 -5.18
CA GLY A 420 8.57 -17.93 -4.19
C GLY A 420 10.06 -17.91 -4.44
N GLY A 421 10.80 -18.25 -3.40
CA GLY A 421 12.24 -18.31 -3.47
C GLY A 421 12.93 -17.10 -2.89
N PHE A 422 14.18 -16.93 -3.29
CA PHE A 422 15.06 -15.92 -2.73
C PHE A 422 15.22 -14.79 -3.73
N GLY A 423 14.91 -13.56 -3.31
CA GLY A 423 15.18 -12.41 -4.15
C GLY A 423 16.61 -11.94 -3.98
N MET A 424 17.23 -11.55 -5.09
CA MET A 424 18.64 -11.18 -5.09
C MET A 424 18.87 -10.04 -6.07
N LYS A 425 19.65 -9.05 -5.66
CA LYS A 425 19.98 -7.96 -6.57
C LYS A 425 21.07 -8.37 -7.55
N HIS A 426 21.87 -9.37 -7.18
CA HIS A 426 22.90 -9.94 -8.04
C HIS A 426 22.75 -11.45 -7.96
N PRO A 427 21.80 -12.03 -8.69
CA PRO A 427 21.58 -13.46 -8.61
C PRO A 427 22.69 -14.21 -9.33
N PRO A 428 22.68 -15.53 -9.32
CA PRO A 428 23.61 -16.29 -10.14
C PRO A 428 23.53 -15.86 -11.59
N PRO A 429 24.67 -15.59 -12.22
CA PRO A 429 24.66 -15.00 -13.56
C PRO A 429 24.18 -15.97 -14.63
N GLN A 430 23.85 -15.40 -15.78
CA GLN A 430 23.47 -16.18 -16.95
C GLN A 430 24.71 -16.73 -17.65
N ILE A 431 24.63 -17.98 -18.07
CA ILE A 431 25.74 -18.66 -18.73
C ILE A 431 25.33 -18.91 -20.17
N LEU A 432 25.94 -18.17 -21.10
CA LEU A 432 25.55 -18.17 -22.50
C LEU A 432 26.51 -19.04 -23.30
N ILE A 433 25.95 -19.84 -24.21
CA ILE A 433 26.73 -20.81 -24.96
C ILE A 433 26.18 -20.92 -26.38
N LYS A 434 27.08 -21.04 -27.35
CA LYS A 434 26.69 -21.31 -28.73
C LYS A 434 27.80 -22.09 -29.42
N ASN A 435 27.44 -22.67 -30.55
CA ASN A 435 28.42 -23.30 -31.43
C ASN A 435 29.01 -22.26 -32.37
N THR A 436 30.32 -22.29 -32.54
CA THR A 436 30.94 -21.33 -33.45
C THR A 436 30.59 -21.68 -34.89
N PRO A 437 30.09 -20.74 -35.68
CA PRO A 437 29.72 -21.05 -37.07
C PRO A 437 30.95 -21.36 -37.92
N VAL A 438 30.88 -22.47 -38.65
CA VAL A 438 31.95 -22.87 -39.57
C VAL A 438 31.35 -22.90 -40.98
N PRO A 439 31.80 -22.05 -41.90
CA PRO A 439 31.31 -22.09 -43.27
C PRO A 439 31.78 -23.32 -44.05
N LEU A 451 28.30 -14.72 -45.75
CA LEU A 451 28.22 -16.15 -45.99
C LEU A 451 27.05 -16.78 -45.25
N ASN A 452 26.08 -17.30 -46.00
CA ASN A 452 24.94 -17.99 -45.42
C ASN A 452 25.07 -19.50 -45.41
N SER A 453 26.19 -20.03 -45.91
CA SER A 453 26.40 -21.47 -46.05
C SER A 453 27.26 -21.96 -44.89
N PHE A 454 26.71 -22.85 -44.07
CA PHE A 454 27.40 -23.36 -42.89
C PHE A 454 27.20 -24.86 -42.80
N ILE A 455 28.08 -25.50 -42.04
CA ILE A 455 28.01 -26.94 -41.81
C ILE A 455 26.98 -27.21 -40.73
N THR A 456 26.07 -28.15 -41.00
CA THR A 456 25.13 -28.57 -39.96
C THR A 456 25.91 -29.19 -38.82
N GLN A 457 25.74 -28.64 -37.63
CA GLN A 457 26.68 -28.95 -36.56
C GLN A 457 25.99 -28.76 -35.21
N TYR A 458 26.34 -29.59 -34.25
CA TYR A 458 25.82 -29.47 -32.90
C TYR A 458 26.85 -30.03 -31.93
N SER A 459 26.66 -29.71 -30.66
CA SER A 459 27.60 -30.12 -29.64
C SER A 459 26.87 -30.71 -28.44
N THR A 460 27.64 -31.39 -27.60
CA THR A 460 27.11 -32.08 -26.43
C THR A 460 28.21 -32.24 -25.41
N GLY A 461 27.83 -32.55 -24.19
CA GLY A 461 28.81 -32.64 -23.12
C GLY A 461 28.16 -32.80 -21.77
N GLN A 462 28.89 -32.39 -20.74
CA GLN A 462 28.47 -32.61 -19.37
C GLN A 462 28.42 -31.27 -18.64
N VAL A 463 27.55 -31.17 -17.64
CA VAL A 463 27.40 -29.98 -16.82
C VAL A 463 27.25 -30.40 -15.38
N SER A 464 28.11 -29.86 -14.52
CA SER A 464 28.04 -30.13 -13.08
C SER A 464 27.92 -28.81 -12.33
N VAL A 465 26.79 -28.63 -11.66
CA VAL A 465 26.56 -27.50 -10.78
C VAL A 465 26.59 -28.00 -9.34
N GLU A 466 27.21 -27.22 -8.46
CA GLU A 466 27.39 -27.60 -7.07
C GLU A 466 27.08 -26.40 -6.20
N ILE A 467 26.06 -26.52 -5.36
CA ILE A 467 25.60 -25.43 -4.50
C ILE A 467 25.71 -25.84 -3.05
N GLU A 468 26.40 -25.03 -2.26
CA GLU A 468 26.44 -25.18 -0.81
C GLU A 468 25.21 -24.52 -0.22
N TRP A 469 24.52 -25.24 0.65
CA TRP A 469 23.29 -24.77 1.27
C TRP A 469 23.50 -24.67 2.77
N GLU A 470 23.00 -23.60 3.37
CA GLU A 470 23.07 -23.40 4.81
C GLU A 470 21.73 -23.75 5.43
N LEU A 471 21.75 -24.30 6.64
CA LEU A 471 20.56 -24.84 7.27
C LEU A 471 20.30 -24.14 8.60
N GLN A 472 19.05 -24.17 9.03
CA GLN A 472 18.65 -23.61 10.32
C GLN A 472 17.88 -24.69 11.08
N LYS A 473 18.47 -25.17 12.17
CA LYS A 473 17.95 -26.34 12.84
C LYS A 473 16.69 -26.04 13.64
N GLU A 474 15.96 -27.11 13.93
CA GLU A 474 14.70 -27.06 14.65
C GLU A 474 14.94 -27.24 16.14
N ASN A 475 14.70 -26.17 16.90
CA ASN A 475 14.98 -26.06 18.33
C ASN A 475 13.76 -26.34 19.20
N SER A 476 12.63 -26.74 18.62
CA SER A 476 11.34 -26.68 19.30
C SER A 476 11.29 -27.54 20.55
N LYS A 477 10.61 -27.02 21.58
CA LYS A 477 10.27 -27.73 22.79
C LYS A 477 8.89 -28.36 22.75
N ARG A 478 8.24 -28.37 21.59
CA ARG A 478 6.95 -29.03 21.45
C ARG A 478 6.99 -30.45 22.01
N TRP A 479 5.97 -30.81 22.78
CA TRP A 479 5.93 -32.13 23.39
C TRP A 479 5.46 -33.20 22.41
N ASN A 480 4.34 -32.97 21.73
CA ASN A 480 3.76 -34.01 20.91
C ASN A 480 4.43 -34.04 19.53
N PRO A 481 4.39 -35.19 18.86
CA PRO A 481 5.18 -35.34 17.63
C PRO A 481 4.68 -34.46 16.49
N GLU A 482 5.63 -34.04 15.67
CA GLU A 482 5.46 -33.18 14.50
C GLU A 482 4.70 -33.90 13.39
N ILE A 483 4.20 -33.11 12.45
CA ILE A 483 3.82 -33.63 11.15
C ILE A 483 5.05 -33.73 10.27
N GLN A 484 5.22 -34.85 9.59
CA GLN A 484 6.36 -35.10 8.73
C GLN A 484 5.84 -35.40 7.34
N TYR A 485 6.72 -35.32 6.35
CA TYR A 485 6.35 -35.75 5.00
C TYR A 485 6.81 -37.17 4.78
N THR A 486 5.83 -38.07 4.64
CA THR A 486 6.12 -39.49 4.52
C THR A 486 5.48 -40.04 3.27
N SER A 487 6.04 -41.14 2.78
CA SER A 487 5.43 -41.91 1.70
C SER A 487 4.33 -42.81 2.25
N ASN A 488 3.40 -43.17 1.38
CA ASN A 488 2.32 -44.07 1.75
C ASN A 488 2.75 -45.51 1.54
N TYR A 489 2.43 -46.37 2.52
CA TYR A 489 2.92 -47.74 2.47
C TYR A 489 2.06 -48.62 1.58
N TYR A 490 0.82 -48.22 1.30
CA TYR A 490 -0.09 -49.08 0.57
C TYR A 490 0.44 -49.39 -0.82
N LYS A 491 0.10 -50.58 -1.32
CA LYS A 491 0.70 -51.10 -2.54
C LYS A 491 0.22 -50.36 -3.78
N SER A 492 1.16 -50.11 -4.69
CA SER A 492 0.85 -49.38 -5.92
C SER A 492 1.57 -50.05 -7.07
N ASN A 493 1.01 -49.89 -8.27
CA ASN A 493 1.63 -50.43 -9.47
C ASN A 493 3.02 -49.84 -9.69
N ASN A 494 3.22 -48.58 -9.32
CA ASN A 494 4.49 -47.90 -9.54
C ASN A 494 5.03 -47.36 -8.22
N VAL A 495 6.30 -47.00 -8.24
CA VAL A 495 6.93 -46.32 -7.11
C VAL A 495 6.95 -44.83 -7.40
N GLU A 496 6.54 -44.04 -6.42
CA GLU A 496 6.47 -42.59 -6.61
C GLU A 496 7.87 -41.99 -6.67
N PHE A 497 8.03 -41.00 -7.54
CA PHE A 497 9.32 -40.36 -7.79
C PHE A 497 10.35 -41.36 -8.30
N ALA A 498 9.89 -42.33 -9.09
CA ALA A 498 10.75 -43.32 -9.70
C ALA A 498 10.30 -43.52 -11.14
N VAL A 499 10.96 -44.45 -11.83
CA VAL A 499 10.63 -44.73 -13.21
C VAL A 499 9.44 -45.68 -13.30
N ASN A 500 8.74 -45.61 -14.42
CA ASN A 500 7.72 -46.59 -14.77
C ASN A 500 8.34 -47.67 -15.66
N THR A 501 7.49 -48.48 -16.29
CA THR A 501 7.99 -49.54 -17.15
C THR A 501 8.60 -49.03 -18.45
N GLU A 502 8.38 -47.77 -18.82
CA GLU A 502 9.03 -47.19 -19.99
C GLU A 502 10.30 -46.42 -19.64
N GLY A 503 10.66 -46.34 -18.37
CA GLY A 503 11.81 -45.55 -17.98
C GLY A 503 11.59 -44.05 -18.03
N VAL A 504 10.36 -43.60 -17.83
CA VAL A 504 10.01 -42.19 -17.81
C VAL A 504 9.79 -41.75 -16.37
N TYR A 505 10.69 -40.94 -15.85
CA TYR A 505 10.62 -40.45 -14.48
C TYR A 505 9.40 -39.54 -14.32
N SER A 506 8.80 -39.56 -13.13
CA SER A 506 7.61 -38.76 -12.87
C SER A 506 7.58 -38.32 -11.42
N GLU A 507 7.06 -37.11 -11.20
CA GLU A 507 6.87 -36.55 -9.87
C GLU A 507 5.37 -36.47 -9.57
N PRO A 508 4.84 -37.31 -8.69
CA PRO A 508 3.38 -37.41 -8.57
C PRO A 508 2.70 -36.18 -8.02
N ARG A 509 3.30 -35.48 -7.07
CA ARG A 509 2.65 -34.35 -6.44
C ARG A 509 3.69 -33.31 -6.07
N PRO A 510 3.30 -32.05 -5.96
CA PRO A 510 4.23 -31.03 -5.47
C PRO A 510 4.46 -31.18 -3.98
N ILE A 511 5.70 -31.02 -3.55
CA ILE A 511 6.07 -31.16 -2.15
C ILE A 511 6.43 -29.78 -1.62
N GLY A 512 5.62 -29.29 -0.69
CA GLY A 512 5.91 -28.04 -0.02
C GLY A 512 7.01 -28.17 1.00
N THR A 513 7.41 -27.03 1.54
CA THR A 513 8.52 -26.99 2.48
C THR A 513 8.09 -26.90 3.94
N ARG A 514 6.79 -26.78 4.23
CA ARG A 514 6.32 -26.38 5.56
C ARG A 514 5.61 -27.52 6.26
N TYR A 515 6.28 -28.10 7.25
CA TYR A 515 5.76 -29.18 8.08
C TYR A 515 5.97 -28.88 9.56
N LEU A 516 7.23 -28.68 9.95
CA LEU A 516 7.55 -28.38 11.34
C LEU A 516 6.87 -27.09 11.77
N THR A 517 6.71 -26.94 13.08
CA THR A 517 5.97 -25.80 13.61
C THR A 517 6.86 -24.89 14.45
N ARG A 518 6.46 -23.62 14.49
CA ARG A 518 7.01 -22.66 15.44
C ARG A 518 5.86 -21.92 16.10
N ASN A 519 6.20 -21.19 17.16
CA ASN A 519 5.25 -20.29 17.77
C ASN A 519 5.16 -19.00 16.95
N LEU A 520 4.03 -18.34 17.06
CA LEU A 520 3.84 -17.07 16.38
C LEU A 520 4.46 -15.95 17.19
N TRP B 12 14.74 -5.37 50.24
CA TRP B 12 13.75 -4.43 49.73
C TRP B 12 14.42 -3.22 49.11
N HIS B 13 14.25 -3.02 47.80
CA HIS B 13 14.74 -1.84 47.11
C HIS B 13 13.58 -1.23 46.34
N CYS B 14 13.20 0.00 46.71
CA CYS B 14 12.31 0.81 45.90
C CYS B 14 12.83 2.24 45.92
N ASP B 15 13.23 2.75 44.76
CA ASP B 15 13.61 4.14 44.55
C ASP B 15 14.06 4.28 43.11
N SER B 16 14.10 5.52 42.64
CA SER B 16 14.50 5.84 41.29
C SER B 16 15.72 6.74 41.28
N GLN B 17 16.77 6.28 40.61
CA GLN B 17 18.02 7.02 40.49
C GLN B 17 17.98 7.83 39.21
N TRP B 18 17.96 9.16 39.34
CA TRP B 18 17.96 10.06 38.21
C TRP B 18 19.39 10.57 38.04
N LEU B 19 20.07 10.10 36.99
CA LEU B 19 21.45 10.48 36.75
C LEU B 19 21.58 10.92 35.30
N GLY B 20 21.76 12.21 35.08
CA GLY B 20 22.09 12.69 33.74
C GLY B 20 21.08 12.25 32.71
N ASP B 21 21.59 11.51 31.72
CA ASP B 21 20.86 11.06 30.56
C ASP B 21 20.14 9.72 30.77
N ARG B 22 20.15 9.19 31.99
CA ARG B 22 19.51 7.90 32.25
C ARG B 22 18.76 7.92 33.58
N VAL B 23 17.85 6.95 33.72
CA VAL B 23 17.08 6.72 34.94
C VAL B 23 17.28 5.26 35.33
N ILE B 24 17.17 4.98 36.61
CA ILE B 24 17.15 3.62 37.12
C ILE B 24 16.00 3.50 38.10
N THR B 25 15.01 2.70 37.76
CA THR B 25 13.82 2.52 38.58
C THR B 25 13.84 1.14 39.22
N THR B 26 13.44 1.07 40.49
CA THR B 26 13.42 -0.19 41.21
C THR B 26 12.08 -0.32 41.92
N SER B 27 11.53 -1.52 41.91
CA SER B 27 10.22 -1.80 42.45
C SER B 27 10.29 -3.12 43.20
N THR B 28 9.81 -3.13 44.43
CA THR B 28 9.71 -4.37 45.19
C THR B 28 8.28 -4.54 45.63
N ARG B 29 7.78 -5.77 45.53
CA ARG B 29 6.40 -6.10 45.90
C ARG B 29 6.40 -7.44 46.63
N THR B 30 5.34 -7.68 47.39
CA THR B 30 5.09 -8.96 48.02
C THR B 30 3.97 -9.66 47.28
N TRP B 31 4.09 -10.97 47.12
CA TRP B 31 3.17 -11.76 46.31
C TRP B 31 2.72 -13.03 47.03
N ALA B 32 1.71 -13.66 46.46
CA ALA B 32 1.15 -14.91 46.95
C ALA B 32 0.86 -15.82 45.77
N LEU B 33 1.34 -17.05 45.83
CA LEU B 33 1.23 -17.98 44.71
C LEU B 33 0.39 -19.18 45.10
N PRO B 34 -0.79 -19.36 44.52
CA PRO B 34 -1.66 -20.48 44.87
C PRO B 34 -1.31 -21.74 44.08
N THR B 35 -2.18 -22.72 44.20
CA THR B 35 -2.04 -23.99 43.48
C THR B 35 -3.14 -24.09 42.43
N TYR B 36 -2.76 -23.98 41.17
CA TYR B 36 -3.72 -23.94 40.07
C TYR B 36 -3.93 -25.32 39.49
N ASN B 37 -5.19 -25.64 39.18
CA ASN B 37 -5.59 -26.88 38.52
C ASN B 37 -5.27 -28.13 39.31
N ASN B 38 -5.09 -28.01 40.63
CA ASN B 38 -4.66 -29.13 41.46
C ASN B 38 -3.43 -29.82 40.86
N HIS B 39 -2.47 -29.00 40.43
CA HIS B 39 -1.21 -29.46 39.85
C HIS B 39 -1.39 -30.19 38.53
N LEU B 40 -2.46 -29.90 37.78
CA LEU B 40 -2.74 -30.60 36.54
C LEU B 40 -2.65 -29.67 35.35
N TYR B 41 -2.29 -30.24 34.20
CA TYR B 41 -2.51 -29.60 32.92
C TYR B 41 -3.87 -30.01 32.41
N LYS B 42 -4.62 -29.05 31.88
CA LYS B 42 -5.96 -29.37 31.41
C LYS B 42 -6.20 -28.71 30.05
N GLN B 43 -6.65 -29.51 29.09
CA GLN B 43 -7.16 -28.98 27.83
C GLN B 43 -8.38 -28.12 28.08
N ILE B 44 -8.42 -26.96 27.41
CA ILE B 44 -9.55 -26.06 27.49
C ILE B 44 -9.89 -25.58 26.08
N SER B 45 -11.18 -25.42 25.83
CA SER B 45 -11.69 -24.92 24.56
C SER B 45 -13.00 -24.22 24.84
N ASN B 46 -13.62 -23.68 23.78
CA ASN B 46 -14.89 -22.99 23.99
C ASN B 46 -15.98 -23.95 24.40
N SER B 47 -15.85 -25.22 24.00
CA SER B 47 -16.76 -26.25 24.49
C SER B 47 -16.66 -26.39 26.00
N THR B 48 -15.44 -26.40 26.53
CA THR B 48 -15.27 -26.36 27.98
C THR B 48 -15.73 -25.03 28.56
N SER B 49 -15.62 -23.95 27.79
CA SER B 49 -16.04 -22.63 28.24
C SER B 49 -17.56 -22.44 28.10
N GLY B 50 -18.13 -22.88 26.99
CA GLY B 50 -19.55 -22.73 26.72
C GLY B 50 -19.91 -21.71 25.66
N GLY B 51 -18.94 -21.03 25.07
CA GLY B 51 -19.25 -20.09 23.99
C GLY B 51 -19.61 -20.81 22.71
N SER B 52 -20.67 -20.36 22.05
CA SER B 52 -21.11 -21.00 20.82
C SER B 52 -20.57 -20.32 19.57
N SER B 53 -19.94 -19.16 19.70
CA SER B 53 -19.61 -18.34 18.54
C SER B 53 -18.33 -18.83 17.87
N ASN B 54 -18.26 -18.64 16.55
CA ASN B 54 -17.04 -18.95 15.82
C ASN B 54 -15.96 -17.91 16.02
N ASP B 55 -16.33 -16.63 16.07
CA ASP B 55 -15.35 -15.59 16.28
C ASP B 55 -14.67 -15.74 17.62
N ASN B 56 -15.36 -16.34 18.58
CA ASN B 56 -14.87 -16.55 19.92
C ASN B 56 -14.29 -17.94 20.14
N ALA B 57 -14.24 -18.79 19.13
CA ALA B 57 -13.80 -20.15 19.29
C ALA B 57 -12.32 -20.22 19.63
N TYR B 58 -11.94 -21.17 20.47
CA TYR B 58 -10.53 -21.33 20.79
C TYR B 58 -10.27 -22.74 21.31
N PHE B 59 -9.00 -23.11 21.29
CA PHE B 59 -8.51 -24.38 21.80
C PHE B 59 -7.15 -24.13 22.43
N GLY B 60 -6.94 -24.65 23.64
CA GLY B 60 -5.67 -24.43 24.29
C GLY B 60 -5.55 -25.22 25.57
N TYR B 61 -4.60 -24.83 26.41
CA TYR B 61 -4.24 -25.57 27.61
C TYR B 61 -4.04 -24.61 28.77
N SER B 62 -4.49 -25.02 29.95
CA SER B 62 -4.22 -24.32 31.19
C SER B 62 -3.19 -25.10 32.00
N THR B 63 -2.33 -24.38 32.70
CA THR B 63 -1.18 -24.97 33.36
C THR B 63 -1.19 -24.64 34.84
N PRO B 64 -0.55 -25.49 35.67
CA PRO B 64 -0.40 -25.15 37.10
C PRO B 64 0.54 -23.99 37.36
N TRP B 65 1.35 -23.60 36.38
CA TRP B 65 2.35 -22.57 36.56
C TRP B 65 1.72 -21.19 36.65
N GLY B 66 2.39 -20.29 37.37
CA GLY B 66 2.12 -18.88 37.29
C GLY B 66 3.22 -18.16 36.51
N TYR B 67 3.10 -16.83 36.47
CA TYR B 67 4.15 -16.03 35.85
C TYR B 67 4.09 -14.61 36.39
N PHE B 68 5.22 -13.90 36.26
CA PHE B 68 5.31 -12.50 36.68
C PHE B 68 5.14 -11.57 35.49
N ASP B 69 4.23 -10.62 35.62
CA ASP B 69 4.00 -9.62 34.59
C ASP B 69 4.26 -8.25 35.19
N PHE B 70 5.40 -7.64 34.83
CA PHE B 70 5.68 -6.23 35.13
C PHE B 70 5.51 -5.31 33.92
N ASN B 71 4.89 -5.80 32.85
CA ASN B 71 4.87 -5.15 31.54
C ASN B 71 4.16 -3.79 31.50
N ARG B 72 3.58 -3.29 32.59
CA ARG B 72 2.94 -1.98 32.58
C ARG B 72 3.82 -0.93 33.25
N PHE B 73 3.70 0.32 32.80
CA PHE B 73 4.56 1.38 33.33
C PHE B 73 4.34 1.65 34.80
N HIS B 74 3.09 1.71 35.27
CA HIS B 74 2.90 2.11 36.65
C HIS B 74 3.56 1.16 37.64
N CYS B 75 4.00 0.00 37.18
CA CYS B 75 4.80 -0.88 38.03
C CYS B 75 6.13 -0.23 38.39
N HIS B 76 6.79 0.38 37.41
CA HIS B 76 8.14 0.90 37.57
C HIS B 76 8.21 2.39 37.90
N PHE B 77 7.11 3.12 37.80
CA PHE B 77 7.13 4.57 37.92
C PHE B 77 6.09 5.05 38.91
N SER B 78 6.53 5.88 39.84
CA SER B 78 5.59 6.62 40.67
C SER B 78 4.98 7.75 39.85
N PRO B 79 3.85 8.30 40.29
CA PRO B 79 3.29 9.44 39.57
C PRO B 79 4.19 10.66 39.50
N ARG B 80 5.12 10.82 40.43
CA ARG B 80 6.06 11.93 40.33
C ARG B 80 7.20 11.62 39.37
N ASP B 81 7.73 10.39 39.43
CA ASP B 81 8.76 9.99 38.47
C ASP B 81 8.23 10.06 37.04
N TRP B 82 6.95 9.81 36.85
CA TRP B 82 6.38 9.94 35.52
C TRP B 82 6.26 11.41 35.14
N GLN B 83 5.78 12.24 36.06
CA GLN B 83 5.73 13.68 35.82
C GLN B 83 7.11 14.23 35.54
N ARG B 84 8.12 13.73 36.25
CA ARG B 84 9.47 14.23 36.06
C ARG B 84 10.04 13.78 34.72
N LEU B 85 9.64 12.60 34.26
CA LEU B 85 10.09 12.09 32.97
C LEU B 85 9.44 12.85 31.82
N ILE B 86 8.11 12.92 31.80
CA ILE B 86 7.40 13.38 30.61
C ILE B 86 7.51 14.89 30.40
N ASN B 87 7.73 15.67 31.45
CA ASN B 87 7.85 17.11 31.28
C ASN B 87 9.23 17.52 30.78
N ASN B 88 10.28 16.82 31.18
CA ASN B 88 11.64 17.23 30.89
C ASN B 88 12.31 16.50 29.73
N ASN B 89 11.65 15.54 29.09
CA ASN B 89 12.36 14.67 28.15
C ASN B 89 11.64 14.54 26.82
N TRP B 90 12.44 14.43 25.75
CA TRP B 90 11.95 14.17 24.40
C TRP B 90 11.89 12.70 24.03
N GLY B 91 12.40 11.82 24.86
CA GLY B 91 12.35 10.41 24.52
C GLY B 91 13.00 9.58 25.60
N PHE B 92 12.64 8.30 25.60
CA PHE B 92 13.17 7.34 26.55
C PHE B 92 13.03 5.96 25.95
N ARG B 93 13.73 5.01 26.54
CA ARG B 93 13.69 3.62 26.12
C ARG B 93 14.48 2.77 27.10
N PRO B 94 14.08 1.54 27.33
CA PRO B 94 14.77 0.69 28.30
C PRO B 94 16.13 0.24 27.82
N LYS B 95 17.01 0.00 28.78
CA LYS B 95 18.33 -0.54 28.50
C LYS B 95 18.52 -1.92 29.13
N ARG B 96 18.50 -2.00 30.45
CA ARG B 96 18.73 -3.27 31.12
C ARG B 96 17.65 -3.60 32.13
N LEU B 97 17.65 -4.84 32.57
CA LEU B 97 16.67 -5.32 33.52
C LEU B 97 17.36 -6.24 34.52
N ASN B 98 16.90 -6.21 35.76
CA ASN B 98 17.48 -7.06 36.80
C ASN B 98 16.35 -7.58 37.66
N PHE B 99 15.96 -8.82 37.42
CA PHE B 99 14.85 -9.42 38.15
C PHE B 99 15.40 -10.23 39.31
N LYS B 100 14.87 -9.99 40.50
CA LYS B 100 15.26 -10.73 41.68
C LYS B 100 14.04 -11.30 42.37
N LEU B 101 14.21 -12.44 43.01
CA LEU B 101 13.15 -13.13 43.71
C LEU B 101 13.73 -13.69 44.99
N PHE B 102 13.13 -13.38 46.13
CA PHE B 102 13.75 -13.69 47.42
C PHE B 102 12.70 -13.75 48.52
N ASN B 103 13.18 -14.08 49.72
CA ASN B 103 12.33 -14.25 50.92
C ASN B 103 11.21 -15.25 50.68
N ILE B 104 11.59 -16.42 50.17
CA ILE B 104 10.60 -17.47 49.92
C ILE B 104 9.99 -17.94 51.23
N GLN B 105 8.67 -18.08 51.24
CA GLN B 105 7.93 -18.52 52.41
C GLN B 105 6.87 -19.48 51.92
N VAL B 106 6.81 -20.67 52.49
CA VAL B 106 5.91 -21.72 52.01
C VAL B 106 4.99 -22.11 53.16
N LYS B 107 3.77 -22.54 52.84
CA LYS B 107 2.80 -22.91 53.85
C LYS B 107 2.26 -24.31 53.62
N THR B 125 9.62 -26.85 48.18
CA THR B 125 10.36 -26.01 47.25
C THR B 125 9.44 -25.24 46.31
N VAL B 126 10.05 -24.39 45.50
CA VAL B 126 9.35 -23.61 44.49
C VAL B 126 10.20 -23.64 43.22
N GLN B 127 9.57 -23.97 42.11
CA GLN B 127 10.24 -24.02 40.82
C GLN B 127 10.10 -22.68 40.12
N VAL B 128 11.19 -22.18 39.55
CA VAL B 128 11.16 -20.98 38.74
C VAL B 128 12.13 -21.15 37.58
N PHE B 129 11.69 -20.77 36.38
CA PHE B 129 12.60 -20.72 35.25
C PHE B 129 12.14 -19.59 34.34
N THR B 130 13.11 -18.94 33.71
CA THR B 130 12.84 -17.93 32.72
C THR B 130 12.99 -18.55 31.33
N ASP B 131 12.16 -18.15 30.40
CA ASP B 131 12.23 -18.73 29.07
C ASP B 131 13.01 -17.75 28.22
N SER B 132 14.30 -18.04 28.05
CA SER B 132 15.22 -17.14 27.38
C SER B 132 15.44 -17.48 25.92
N ASP B 133 14.99 -18.65 25.48
CA ASP B 133 15.06 -19.03 24.08
C ASP B 133 13.75 -18.79 23.36
N TYR B 134 12.72 -18.33 24.07
CA TYR B 134 11.44 -17.98 23.48
C TYR B 134 10.78 -19.19 22.82
N GLN B 135 10.87 -20.33 23.51
CA GLN B 135 10.34 -21.58 23.01
C GLN B 135 8.91 -21.88 23.49
N LEU B 136 8.41 -21.15 24.47
CA LEU B 136 7.01 -21.20 24.87
C LEU B 136 6.21 -20.13 24.15
N PRO B 137 4.88 -20.29 24.07
CA PRO B 137 4.04 -19.17 23.67
C PRO B 137 4.22 -17.99 24.61
N TYR B 138 4.19 -16.79 24.06
CA TYR B 138 4.47 -15.56 24.79
C TYR B 138 3.16 -14.82 25.03
N VAL B 139 2.68 -14.83 26.27
CA VAL B 139 1.40 -14.24 26.62
C VAL B 139 1.54 -12.85 27.23
N LEU B 140 2.75 -12.34 27.41
CA LEU B 140 2.94 -11.04 28.07
C LEU B 140 2.63 -9.86 27.16
N GLY B 141 2.34 -10.08 25.89
CA GLY B 141 2.09 -8.95 25.01
C GLY B 141 0.64 -8.66 24.76
N SER B 142 -0.25 -9.35 25.48
CA SER B 142 -1.68 -9.28 25.24
C SER B 142 -2.41 -8.33 26.19
N ALA B 143 -1.67 -7.63 27.05
CA ALA B 143 -2.23 -6.60 27.93
C ALA B 143 -3.22 -7.19 28.93
N HIS B 144 -2.83 -8.30 29.56
CA HIS B 144 -3.63 -8.93 30.60
C HIS B 144 -3.41 -8.27 31.95
N GLU B 145 -4.39 -8.44 32.83
CA GLU B 145 -4.25 -8.05 34.22
C GLU B 145 -3.28 -8.99 34.92
N GLY B 146 -3.03 -8.72 36.20
CA GLY B 146 -2.08 -9.50 36.96
C GLY B 146 -0.72 -8.87 37.13
N CYS B 147 -0.58 -7.59 36.83
CA CYS B 147 0.69 -6.91 36.99
C CYS B 147 1.00 -6.66 38.47
N LEU B 148 2.27 -6.41 38.75
CA LEU B 148 2.66 -5.84 40.03
C LEU B 148 1.85 -4.58 40.29
N PRO B 149 1.34 -4.39 41.49
CA PRO B 149 0.45 -3.27 41.75
C PRO B 149 1.19 -1.95 41.66
N PRO B 150 0.51 -0.86 41.32
CA PRO B 150 1.19 0.43 41.25
C PRO B 150 1.65 0.95 42.60
N PHE B 151 0.91 0.66 43.68
CA PHE B 151 1.23 1.22 44.97
C PHE B 151 2.03 0.20 45.77
N PRO B 152 3.22 0.57 46.27
CA PRO B 152 4.16 -0.44 46.80
C PRO B 152 3.64 -1.23 47.97
N ALA B 153 2.58 -0.80 48.64
CA ALA B 153 2.11 -1.49 49.82
C ALA B 153 1.15 -2.63 49.52
N ASP B 154 0.75 -2.80 48.27
CA ASP B 154 -0.20 -3.85 47.92
C ASP B 154 0.48 -5.20 47.82
N VAL B 155 -0.28 -6.25 48.03
CA VAL B 155 0.16 -7.63 47.87
C VAL B 155 -0.64 -8.23 46.72
N PHE B 156 0.05 -8.78 45.73
CA PHE B 156 -0.64 -9.19 44.51
C PHE B 156 -0.56 -10.70 44.33
N MET B 157 -1.50 -11.21 43.56
CA MET B 157 -1.62 -12.64 43.29
C MET B 157 -1.08 -12.94 41.89
N ILE B 158 -0.21 -13.94 41.81
CA ILE B 158 0.45 -14.25 40.53
C ILE B 158 -0.57 -14.90 39.60
N PRO B 159 -0.72 -14.41 38.38
CA PRO B 159 -1.70 -14.98 37.45
C PRO B 159 -1.26 -16.32 36.87
N GLN B 160 -2.25 -17.09 36.44
CA GLN B 160 -2.00 -18.44 35.95
C GLN B 160 -1.56 -18.41 34.50
N TYR B 161 -0.58 -19.25 34.17
CA TYR B 161 -0.09 -19.30 32.80
C TYR B 161 -0.94 -20.26 31.96
N GLY B 162 -1.39 -19.76 30.82
CA GLY B 162 -2.11 -20.58 29.88
C GLY B 162 -1.81 -20.09 28.48
N TYR B 163 -2.14 -20.91 27.49
CA TYR B 163 -1.84 -20.57 26.12
C TYR B 163 -2.85 -21.22 25.19
N LEU B 164 -2.88 -20.73 23.96
CA LEU B 164 -3.77 -21.22 22.93
C LEU B 164 -2.95 -21.75 21.76
N THR B 165 -3.61 -22.56 20.93
CA THR B 165 -2.95 -23.11 19.75
C THR B 165 -3.96 -23.24 18.63
N LEU B 166 -3.61 -23.95 17.56
CA LEU B 166 -4.47 -23.99 16.38
C LEU B 166 -5.73 -24.81 16.67
N ASN B 167 -6.81 -24.46 15.99
CA ASN B 167 -8.09 -25.11 16.22
C ASN B 167 -8.95 -25.10 14.95
N ASP B 168 -9.74 -26.16 14.82
CA ASP B 168 -10.88 -26.19 13.90
C ASP B 168 -12.13 -26.26 14.77
N GLY B 169 -12.87 -25.16 14.84
CA GLY B 169 -13.91 -25.07 15.85
C GLY B 169 -13.29 -25.15 17.23
N SER B 170 -13.89 -25.94 18.11
CA SER B 170 -13.28 -26.25 19.40
C SER B 170 -12.31 -27.41 19.31
N GLN B 171 -12.33 -28.18 18.23
CA GLN B 171 -11.41 -29.27 18.03
C GLN B 171 -10.04 -28.75 17.67
N ALA B 172 -9.03 -29.59 17.87
CA ALA B 172 -7.66 -29.26 17.52
C ALA B 172 -7.39 -29.68 16.08
N VAL B 173 -6.13 -29.58 15.68
CA VAL B 173 -5.67 -30.06 14.39
C VAL B 173 -4.34 -30.76 14.60
N GLY B 174 -3.90 -31.50 13.58
CA GLY B 174 -2.63 -32.20 13.68
C GLY B 174 -1.44 -31.28 13.84
N ARG B 175 -1.62 -29.99 13.58
CA ARG B 175 -0.54 -29.03 13.70
C ARG B 175 -0.49 -28.36 15.06
N SER B 176 -1.49 -28.59 15.92
CA SER B 176 -1.51 -27.99 17.25
C SER B 176 -0.34 -28.50 18.08
N SER B 177 0.11 -27.67 19.02
CA SER B 177 1.23 -28.01 19.88
C SER B 177 0.78 -28.17 21.31
N PHE B 178 1.47 -29.05 22.03
CA PHE B 178 1.30 -29.21 23.46
C PHE B 178 2.65 -28.96 24.12
N TYR B 179 2.65 -28.17 25.18
CA TYR B 179 3.88 -27.78 25.86
C TYR B 179 3.78 -28.18 27.31
N CYS B 180 4.65 -29.08 27.73
CA CYS B 180 4.80 -29.41 29.14
C CYS B 180 5.90 -28.52 29.70
N LEU B 181 5.55 -27.59 30.58
CA LEU B 181 6.53 -26.69 31.15
C LEU B 181 7.40 -27.38 32.18
N GLU B 182 7.08 -28.61 32.56
CA GLU B 182 7.96 -29.43 33.37
C GLU B 182 9.20 -29.88 32.61
N TYR B 183 9.16 -29.83 31.29
CA TYR B 183 10.21 -30.36 30.45
C TYR B 183 11.31 -29.34 30.17
N PHE B 184 11.20 -28.19 30.74
CA PHE B 184 12.15 -27.08 30.86
C PHE B 184 12.89 -27.18 32.18
N PRO B 185 14.22 -27.12 32.15
CA PRO B 185 14.97 -27.11 33.41
C PRO B 185 14.66 -25.86 34.22
N SER B 186 14.29 -26.08 35.48
CA SER B 186 13.90 -24.99 36.37
C SER B 186 14.70 -25.07 37.65
N GLN B 187 14.78 -23.95 38.34
CA GLN B 187 15.56 -23.86 39.56
C GLN B 187 14.66 -24.01 40.77
N MET B 188 14.93 -25.02 41.59
CA MET B 188 14.12 -25.34 42.75
C MET B 188 14.62 -24.54 43.94
N LEU B 189 13.70 -23.88 44.63
CA LEU B 189 14.02 -23.00 45.74
C LEU B 189 13.40 -23.51 47.02
N PHE B 197 18.00 -12.97 37.70
CA PHE B 197 18.76 -12.93 36.47
C PHE B 197 18.88 -11.49 35.99
N SER B 198 19.49 -11.30 34.82
CA SER B 198 19.64 -9.98 34.23
C SER B 198 19.50 -10.08 32.72
N TYR B 199 18.91 -9.04 32.14
CA TYR B 199 18.51 -9.05 30.74
C TYR B 199 18.94 -7.75 30.08
N GLU B 200 19.37 -7.84 28.83
CA GLU B 200 19.81 -6.71 28.04
C GLU B 200 18.79 -6.43 26.95
N PHE B 201 18.06 -5.33 27.07
CA PHE B 201 17.09 -4.97 26.04
C PHE B 201 17.76 -4.83 24.69
N GLU B 202 17.13 -5.37 23.66
CA GLU B 202 17.65 -5.15 22.33
C GLU B 202 17.30 -3.75 21.86
N ASN B 203 18.09 -3.26 20.91
CA ASN B 203 18.03 -1.85 20.56
C ASN B 203 16.68 -1.52 19.94
N VAL B 204 16.02 -0.51 20.49
CA VAL B 204 14.74 -0.02 19.99
C VAL B 204 14.85 1.49 19.82
N PRO B 205 14.00 2.10 19.00
CA PRO B 205 14.02 3.55 18.89
C PRO B 205 13.43 4.20 20.13
N PHE B 206 13.88 5.42 20.40
CA PHE B 206 13.30 6.20 21.47
C PHE B 206 11.80 6.36 21.25
N HIS B 207 11.01 6.20 22.29
CA HIS B 207 9.60 6.47 22.17
C HIS B 207 9.58 7.98 22.13
N SER B 208 8.85 8.58 21.21
CA SER B 208 8.83 10.03 21.10
C SER B 208 7.78 10.67 21.98
N SER B 209 8.19 11.06 23.18
CA SER B 209 7.28 11.68 24.12
C SER B 209 7.21 13.18 23.92
N TYR B 210 6.66 13.61 22.80
CA TYR B 210 6.53 15.02 22.49
C TYR B 210 5.43 15.21 21.48
N ALA B 211 4.96 16.44 21.35
CA ALA B 211 3.93 16.77 20.39
C ALA B 211 4.49 17.84 19.48
N HIS B 212 4.34 17.67 18.17
CA HIS B 212 4.86 18.64 17.22
C HIS B 212 4.16 19.98 17.32
N SER B 213 4.93 21.06 17.21
CA SER B 213 4.40 22.41 17.23
C SER B 213 4.09 22.94 15.85
N GLN B 214 4.31 22.12 14.81
CA GLN B 214 3.87 22.40 13.46
C GLN B 214 3.02 21.25 12.99
N SER B 215 2.28 21.48 11.90
CA SER B 215 1.48 20.45 11.28
C SER B 215 2.01 20.15 9.88
N LEU B 216 1.70 18.95 9.39
CA LEU B 216 2.34 18.44 8.20
C LEU B 216 2.08 19.33 6.99
N ASP B 217 0.91 19.92 6.90
CA ASP B 217 0.54 20.73 5.75
C ASP B 217 1.04 22.17 5.84
N ARG B 218 1.44 22.63 7.02
CA ARG B 218 1.84 24.02 7.26
C ARG B 218 3.35 24.25 7.31
N LEU B 219 4.17 23.29 6.89
CA LEU B 219 5.62 23.41 7.00
C LEU B 219 6.22 24.59 6.21
N MET B 220 5.44 25.26 5.36
CA MET B 220 5.90 26.26 4.41
C MET B 220 6.32 27.58 5.08
N ASN B 221 7.04 28.39 4.32
CA ASN B 221 7.26 29.79 4.66
C ASN B 221 6.01 30.60 4.32
N PRO B 222 5.33 31.21 5.29
CA PRO B 222 4.07 31.90 5.00
C PRO B 222 4.22 33.16 4.16
N LEU B 223 5.43 33.67 3.98
CA LEU B 223 5.62 34.97 3.36
C LEU B 223 5.97 34.93 1.88
N ILE B 224 6.17 33.77 1.28
CA ILE B 224 6.79 33.68 -0.04
C ILE B 224 5.95 32.80 -0.95
N ASP B 225 5.94 33.12 -2.25
CA ASP B 225 5.31 32.30 -3.25
C ASP B 225 6.20 31.12 -3.64
N GLN B 226 5.55 30.03 -4.05
CA GLN B 226 6.28 28.96 -4.72
C GLN B 226 6.45 29.27 -6.20
N TYR B 227 7.47 28.66 -6.79
CA TYR B 227 7.68 28.75 -8.23
C TYR B 227 6.83 27.75 -9.01
N LEU B 228 6.14 26.86 -8.32
CA LEU B 228 5.25 25.92 -8.99
C LEU B 228 3.90 26.56 -9.26
N TYR B 229 3.24 26.06 -10.30
CA TYR B 229 1.94 26.51 -10.72
C TYR B 229 0.90 25.42 -10.52
N TYR B 230 -0.35 25.84 -10.37
CA TYR B 230 -1.46 24.91 -10.26
C TYR B 230 -2.57 25.38 -11.19
N LEU B 231 -3.52 24.50 -11.45
CA LEU B 231 -4.63 24.78 -12.37
C LEU B 231 -5.79 25.49 -11.67
N SER B 232 -5.75 26.80 -11.63
CA SER B 232 -6.80 27.59 -10.99
C SER B 232 -8.20 27.53 -11.59
N LYS B 233 -8.31 27.56 -12.91
CA LYS B 233 -9.63 27.52 -13.53
C LYS B 233 -9.73 26.62 -14.75
N THR B 234 -10.91 26.01 -14.94
CA THR B 234 -11.13 25.15 -16.09
C THR B 234 -12.15 25.67 -17.09
N ILE B 235 -12.84 26.75 -16.76
CA ILE B 235 -13.83 27.35 -17.67
C ILE B 235 -13.82 28.87 -17.52
N ASN B 236 -14.00 29.58 -18.62
CA ASN B 236 -14.01 31.04 -18.53
C ASN B 236 -15.23 31.55 -17.78
N GLY B 237 -16.42 31.15 -18.19
CA GLY B 237 -17.62 31.66 -17.55
C GLY B 237 -18.80 30.77 -17.86
N SER B 238 -19.97 31.24 -17.46
CA SER B 238 -21.20 30.48 -17.67
C SER B 238 -21.56 30.51 -19.16
N GLY B 239 -21.93 29.36 -19.69
CA GLY B 239 -22.29 29.28 -21.09
C GLY B 239 -21.97 27.92 -21.66
N GLN B 240 -21.82 27.89 -22.98
CA GLN B 240 -21.43 26.71 -23.71
C GLN B 240 -20.01 26.87 -24.23
N ASN B 241 -19.28 25.77 -24.31
CA ASN B 241 -17.98 25.74 -24.98
C ASN B 241 -17.00 26.73 -24.35
N GLN B 242 -17.00 26.78 -23.02
CA GLN B 242 -16.22 27.75 -22.28
C GLN B 242 -14.88 27.21 -21.79
N GLN B 243 -14.52 25.99 -22.17
CA GLN B 243 -13.33 25.35 -21.62
C GLN B 243 -12.09 26.19 -21.80
N THR B 244 -11.23 26.18 -20.78
CA THR B 244 -9.92 26.81 -20.84
C THR B 244 -9.05 26.19 -19.75
N LEU B 245 -7.75 26.42 -19.85
CA LEU B 245 -6.80 26.06 -18.80
C LEU B 245 -6.11 27.34 -18.32
N LYS B 246 -6.36 27.72 -17.08
CA LYS B 246 -5.75 28.89 -16.46
C LYS B 246 -4.93 28.41 -15.28
N PHE B 247 -3.67 28.84 -15.22
CA PHE B 247 -2.79 28.43 -14.16
C PHE B 247 -2.44 29.61 -13.25
N SER B 248 -2.21 29.32 -11.98
CA SER B 248 -1.88 30.34 -11.01
C SER B 248 -0.73 29.88 -10.11
N VAL B 249 -0.18 30.82 -9.37
CA VAL B 249 0.95 30.52 -8.50
C VAL B 249 0.44 30.14 -7.12
N ALA B 250 0.97 29.04 -6.60
CA ALA B 250 0.65 28.63 -5.24
C ALA B 250 1.42 29.52 -4.25
N GLY B 251 0.70 30.15 -3.33
CA GLY B 251 1.29 31.14 -2.47
C GLY B 251 0.57 31.29 -1.16
N PRO B 252 0.96 32.28 -0.36
CA PRO B 252 0.39 32.44 0.97
C PRO B 252 -1.12 32.58 0.99
N SER B 253 -1.71 33.15 -0.06
CA SER B 253 -3.16 33.36 -0.05
C SER B 253 -3.92 32.05 -0.07
N ASN B 254 -3.52 31.10 -0.90
CA ASN B 254 -4.16 29.78 -0.96
C ASN B 254 -3.09 28.75 -0.64
N MET B 255 -3.17 28.16 0.56
CA MET B 255 -2.19 27.18 0.99
C MET B 255 -2.63 25.74 0.76
N ALA B 256 -3.88 25.51 0.40
CA ALA B 256 -4.34 24.13 0.25
C ALA B 256 -3.77 23.48 -1.00
N VAL B 257 -3.43 24.28 -2.02
CA VAL B 257 -3.04 23.75 -3.31
C VAL B 257 -1.53 23.67 -3.49
N GLN B 258 -0.74 24.05 -2.49
CA GLN B 258 0.70 24.08 -2.71
C GLN B 258 1.27 22.68 -2.81
N GLY B 259 2.42 22.57 -3.46
CA GLY B 259 3.11 21.30 -3.53
C GLY B 259 3.78 20.98 -2.21
N ARG B 260 3.70 19.70 -1.82
CA ARG B 260 4.28 19.24 -0.58
C ARG B 260 5.08 17.98 -0.81
N ASN B 261 6.16 17.85 -0.07
CA ASN B 261 7.05 16.70 -0.18
C ASN B 261 6.58 15.49 0.61
N TYR B 262 5.69 15.66 1.58
CA TYR B 262 5.31 14.55 2.45
C TYR B 262 3.82 14.58 2.73
N ILE B 263 3.25 13.42 2.98
CA ILE B 263 1.81 13.24 3.11
C ILE B 263 1.56 12.49 4.41
N PRO B 264 0.34 12.58 4.96
CA PRO B 264 0.09 11.97 6.27
C PRO B 264 0.00 10.45 6.19
N GLY B 265 0.14 9.83 7.35
CA GLY B 265 0.20 8.39 7.45
C GLY B 265 -1.07 7.69 7.04
N PRO B 266 -1.06 6.37 7.12
CA PRO B 266 -2.20 5.57 6.68
C PRO B 266 -3.39 5.68 7.62
N SER B 267 -4.55 5.30 7.10
CA SER B 267 -5.80 5.38 7.85
C SER B 267 -6.61 4.11 7.63
N TYR B 268 -7.33 3.71 8.68
CA TYR B 268 -8.33 2.65 8.58
C TYR B 268 -9.52 3.14 9.40
N ARG B 269 -10.64 3.47 8.77
CA ARG B 269 -11.61 4.31 9.47
C ARG B 269 -12.31 3.55 10.58
N GLN B 270 -12.63 4.26 11.66
CA GLN B 270 -13.38 3.80 12.81
C GLN B 270 -14.73 4.49 12.84
N GLN B 271 -15.70 3.88 13.50
CA GLN B 271 -16.98 4.54 13.69
C GLN B 271 -16.87 5.56 14.83
N ARG B 272 -17.65 6.63 14.73
CA ARG B 272 -17.54 7.74 15.66
C ARG B 272 -18.67 7.71 16.67
N VAL B 273 -18.33 7.56 17.94
CA VAL B 273 -19.29 7.53 19.03
C VAL B 273 -19.15 8.81 19.84
N SER B 274 -20.28 9.36 20.26
CA SER B 274 -20.33 10.57 21.06
C SER B 274 -20.59 10.24 22.52
N THR B 275 -19.92 10.97 23.41
CA THR B 275 -20.19 10.80 24.83
C THR B 275 -21.46 11.50 25.28
N THR B 276 -22.06 12.32 24.42
CA THR B 276 -23.40 12.83 24.63
C THR B 276 -24.35 11.85 23.95
N VAL B 277 -25.10 11.09 24.75
CA VAL B 277 -25.73 9.89 24.21
C VAL B 277 -26.88 10.23 23.27
N THR B 278 -27.49 11.40 23.41
CA THR B 278 -28.57 11.78 22.50
C THR B 278 -28.05 12.03 21.10
N GLN B 279 -26.75 12.22 20.93
CA GLN B 279 -26.18 12.48 19.62
C GLN B 279 -25.88 11.19 18.87
N ASN B 280 -25.84 10.07 19.56
CA ASN B 280 -25.68 8.76 18.95
C ASN B 280 -27.02 8.25 18.44
N ASN B 281 -26.94 7.31 17.50
CA ASN B 281 -28.12 6.71 16.88
C ASN B 281 -28.81 5.76 17.84
N ASN B 282 -30.13 5.68 17.75
CA ASN B 282 -30.90 4.82 18.63
C ASN B 282 -30.98 3.37 18.15
N SER B 283 -29.85 2.69 18.11
CA SER B 283 -29.79 1.31 17.69
C SER B 283 -28.50 0.68 18.18
N GLU B 284 -28.44 -0.64 18.21
CA GLU B 284 -27.21 -1.30 18.63
C GLU B 284 -26.31 -1.27 17.41
N PHE B 285 -25.10 -0.77 17.59
CA PHE B 285 -24.15 -0.69 16.49
C PHE B 285 -22.74 -0.89 16.99
N ALA B 286 -22.58 -1.33 18.23
CA ALA B 286 -21.26 -1.55 18.78
C ALA B 286 -20.47 -2.62 18.05
N TRP B 287 -21.11 -3.73 17.73
CA TRP B 287 -20.42 -4.80 17.00
C TRP B 287 -20.70 -4.76 15.50
N PRO B 288 -21.95 -4.47 15.13
CA PRO B 288 -22.36 -4.39 13.74
C PRO B 288 -21.65 -3.28 12.96
N GLY B 289 -21.49 -2.12 13.58
CA GLY B 289 -20.85 -0.99 12.93
C GLY B 289 -19.36 -0.86 13.13
N ALA B 290 -18.77 -1.75 13.91
CA ALA B 290 -17.34 -1.71 14.19
C ALA B 290 -16.42 -2.09 13.03
N SER B 291 -15.22 -1.54 13.05
CA SER B 291 -14.21 -1.87 12.05
C SER B 291 -13.59 -3.16 12.53
N SER B 292 -13.33 -4.08 11.62
CA SER B 292 -12.78 -5.37 12.00
C SER B 292 -11.91 -5.90 10.88
N TRP B 293 -11.06 -6.86 11.21
CA TRP B 293 -10.32 -7.64 10.23
C TRP B 293 -10.65 -9.10 10.42
N ALA B 294 -10.50 -9.87 9.34
CA ALA B 294 -10.89 -11.28 9.31
C ALA B 294 -9.69 -12.15 9.05
N LEU B 295 -9.60 -13.25 9.79
CA LEU B 295 -8.50 -14.19 9.64
C LEU B 295 -9.06 -15.60 9.69
N ASN B 296 -8.92 -16.36 8.60
CA ASN B 296 -9.39 -17.74 8.53
C ASN B 296 -10.88 -17.84 8.83
N GLY B 297 -11.62 -16.81 8.45
CA GLY B 297 -13.06 -16.81 8.64
C GLY B 297 -13.53 -16.32 9.99
N ARG B 298 -12.62 -15.94 10.88
CA ARG B 298 -12.97 -15.39 12.18
C ARG B 298 -12.74 -13.89 12.18
N ASN B 299 -13.74 -13.14 12.60
CA ASN B 299 -13.69 -11.69 12.59
C ASN B 299 -13.24 -11.17 13.95
N SER B 300 -12.08 -10.55 13.98
CA SER B 300 -11.60 -9.85 15.17
C SER B 300 -11.83 -8.36 15.00
N LEU B 301 -12.33 -7.73 16.05
CA LEU B 301 -12.46 -6.28 16.06
C LEU B 301 -11.09 -5.65 15.82
N MET B 302 -11.07 -4.50 15.15
CA MET B 302 -9.81 -3.79 14.92
C MET B 302 -9.62 -2.88 16.12
N ASN B 303 -8.74 -3.29 17.02
CA ASN B 303 -8.59 -2.60 18.28
C ASN B 303 -7.13 -2.67 18.72
N PRO B 304 -6.55 -1.56 19.15
CA PRO B 304 -7.03 -0.21 18.86
C PRO B 304 -6.83 0.17 17.40
N GLY B 305 -5.92 -0.51 16.70
CA GLY B 305 -5.74 -0.32 15.29
C GLY B 305 -4.58 0.59 14.93
N PRO B 306 -4.59 1.11 13.71
CA PRO B 306 -3.53 2.07 13.31
C PRO B 306 -3.53 3.28 14.21
N ALA B 307 -2.40 3.98 14.24
CA ALA B 307 -2.29 5.19 15.03
C ALA B 307 -2.95 6.33 14.28
N MET B 308 -4.01 6.90 14.85
CA MET B 308 -4.74 7.99 14.24
C MET B 308 -5.27 8.91 15.33
N ALA B 309 -5.39 10.18 15.00
CA ALA B 309 -5.92 11.15 15.93
C ALA B 309 -7.36 10.79 16.29
N SER B 310 -7.68 10.91 17.58
CA SER B 310 -8.98 10.44 18.06
C SER B 310 -10.11 11.27 17.50
N HIS B 311 -9.91 12.58 17.35
CA HIS B 311 -11.00 13.48 17.02
C HIS B 311 -10.44 14.76 16.42
N LYS B 312 -11.30 15.49 15.74
CA LYS B 312 -10.90 16.75 15.14
C LYS B 312 -10.73 17.83 16.22
N GLU B 313 -10.02 18.89 15.87
CA GLU B 313 -9.81 19.99 16.79
C GLU B 313 -11.14 20.62 17.17
N GLY B 314 -11.38 20.74 18.48
CA GLY B 314 -12.59 21.33 18.99
C GLY B 314 -13.67 20.35 19.38
N GLU B 315 -13.62 19.11 18.88
CA GLU B 315 -14.60 18.10 19.23
C GLU B 315 -13.87 17.03 20.04
N ASP B 316 -13.99 17.07 21.36
CA ASP B 316 -13.49 15.98 22.20
C ASP B 316 -14.61 15.09 22.71
N ARG B 317 -15.87 15.42 22.43
CA ARG B 317 -16.96 14.58 22.88
C ARG B 317 -17.11 13.32 22.06
N PHE B 318 -16.41 13.24 20.93
CA PHE B 318 -16.43 12.08 20.07
C PHE B 318 -15.17 11.27 20.29
N PHE B 319 -15.30 9.95 20.19
CA PHE B 319 -14.18 9.03 20.29
C PHE B 319 -14.45 7.88 19.34
N PRO B 320 -13.40 7.31 18.74
CA PRO B 320 -13.53 6.19 17.79
C PRO B 320 -14.06 4.95 18.51
N LEU B 321 -14.83 4.12 17.84
CA LEU B 321 -15.41 2.96 18.52
C LEU B 321 -14.39 1.99 19.10
N SER B 322 -13.35 1.65 18.35
CA SER B 322 -12.31 0.76 18.88
C SER B 322 -10.94 1.41 18.80
N GLY B 323 -10.91 2.67 18.38
CA GLY B 323 -9.70 3.44 18.22
C GLY B 323 -8.84 3.79 19.43
N SER B 324 -9.48 4.09 20.56
CA SER B 324 -8.74 4.53 21.74
C SER B 324 -8.70 3.57 22.92
N LEU B 325 -7.53 3.41 23.51
CA LEU B 325 -7.36 2.57 24.68
C LEU B 325 -8.26 3.09 25.80
N ILE B 326 -9.19 2.25 26.25
CA ILE B 326 -10.11 2.61 27.31
C ILE B 326 -9.68 1.87 28.57
N PHE B 327 -9.24 2.61 29.56
CA PHE B 327 -8.92 2.04 30.87
C PHE B 327 -10.18 2.06 31.73
N GLY B 328 -9.99 1.79 33.01
CA GLY B 328 -11.10 1.75 33.93
C GLY B 328 -10.66 2.26 35.28
N LYS B 329 -11.55 2.99 35.94
CA LYS B 329 -11.27 3.56 37.24
C LYS B 329 -11.25 2.48 38.33
N GLN B 330 -10.61 2.77 39.44
CA GLN B 330 -10.49 1.79 40.52
C GLN B 330 -11.85 1.34 41.03
N GLY B 331 -11.96 0.05 41.35
CA GLY B 331 -13.20 -0.52 41.85
C GLY B 331 -14.38 -0.33 40.93
N THR B 332 -14.16 -0.55 39.64
CA THR B 332 -15.21 -0.36 38.64
C THR B 332 -16.17 -1.53 38.38
N GLY B 333 -15.64 -2.72 38.13
CA GLY B 333 -16.52 -3.82 37.79
C GLY B 333 -16.31 -4.29 36.37
N ARG B 334 -16.64 -5.55 36.12
CA ARG B 334 -16.19 -6.20 34.88
C ARG B 334 -17.07 -5.84 33.69
N ASP B 335 -18.40 -5.90 33.85
CA ASP B 335 -19.30 -5.91 32.70
C ASP B 335 -20.29 -4.76 32.75
N ASN B 336 -20.45 -4.11 31.59
CA ASN B 336 -21.52 -3.14 31.35
C ASN B 336 -21.48 -1.97 32.33
N VAL B 337 -20.30 -1.40 32.51
CA VAL B 337 -20.16 -0.21 33.34
C VAL B 337 -20.49 1.03 32.52
N ASP B 338 -20.89 2.09 33.22
CA ASP B 338 -21.22 3.35 32.55
C ASP B 338 -19.97 4.05 32.05
N ALA B 339 -20.16 5.20 31.44
CA ALA B 339 -19.04 5.95 30.87
C ALA B 339 -18.25 6.72 31.92
N ASP B 340 -18.88 7.11 33.02
CA ASP B 340 -18.15 7.75 34.10
C ASP B 340 -17.32 6.77 34.91
N LYS B 341 -17.43 5.48 34.63
CA LYS B 341 -16.62 4.46 35.28
C LYS B 341 -15.37 4.09 34.50
N VAL B 342 -15.11 4.72 33.35
CA VAL B 342 -13.97 4.38 32.52
C VAL B 342 -13.15 5.64 32.24
N MET B 343 -11.94 5.43 31.77
CA MET B 343 -11.05 6.51 31.34
C MET B 343 -10.70 6.28 29.89
N ILE B 344 -11.20 7.13 29.00
CA ILE B 344 -11.01 6.98 27.56
C ILE B 344 -9.86 7.87 27.15
N THR B 345 -8.79 7.27 26.65
CA THR B 345 -7.64 8.05 26.24
C THR B 345 -7.82 8.60 24.84
N ASN B 346 -7.27 9.79 24.60
CA ASN B 346 -7.33 10.42 23.30
C ASN B 346 -5.93 10.65 22.76
N GLU B 347 -5.78 10.40 21.46
CA GLU B 347 -4.51 10.54 20.75
C GLU B 347 -4.34 11.89 20.08
N GLU B 348 -5.18 12.87 20.40
CA GLU B 348 -5.25 14.11 19.62
C GLU B 348 -3.89 14.77 19.39
N GLU B 349 -2.88 14.50 20.22
CA GLU B 349 -1.60 15.16 20.05
C GLU B 349 -0.97 14.86 18.70
N ILE B 350 -1.36 13.75 18.06
CA ILE B 350 -0.75 13.32 16.80
C ILE B 350 -1.57 13.80 15.61
N LYS B 351 -2.58 14.63 15.85
CA LYS B 351 -3.39 15.13 14.73
C LYS B 351 -2.58 15.97 13.75
N THR B 352 -1.33 16.30 14.07
CA THR B 352 -0.49 17.06 13.15
C THR B 352 0.00 16.19 12.00
N THR B 353 0.54 15.01 12.29
CA THR B 353 0.98 14.09 11.26
C THR B 353 0.01 12.95 10.95
N ASN B 354 -1.07 12.79 11.68
CA ASN B 354 -1.87 11.60 11.44
C ASN B 354 -3.31 11.94 11.15
N PRO B 355 -3.97 11.19 10.27
CA PRO B 355 -5.35 11.50 9.93
C PRO B 355 -6.28 11.17 11.08
N VAL B 356 -7.44 11.84 11.10
CA VAL B 356 -8.41 11.61 12.15
C VAL B 356 -9.01 10.23 11.99
N ALA B 357 -9.16 9.52 13.12
CA ALA B 357 -9.59 8.13 13.06
C ALA B 357 -11.02 7.99 12.55
N THR B 358 -11.86 9.01 12.77
CA THR B 358 -13.27 8.95 12.42
C THR B 358 -13.56 9.61 11.07
N GLU B 359 -12.53 10.04 10.36
CA GLU B 359 -12.66 10.72 9.08
C GLU B 359 -12.01 9.92 7.97
N SER B 360 -12.43 10.19 6.73
CA SER B 360 -11.83 9.55 5.57
C SER B 360 -10.43 10.09 5.34
N TYR B 361 -9.60 9.31 4.63
CA TYR B 361 -8.25 9.77 4.37
C TYR B 361 -8.24 10.91 3.38
N GLY B 362 -9.08 10.84 2.35
CA GLY B 362 -9.11 11.88 1.35
C GLY B 362 -10.00 11.49 0.21
N GLN B 363 -9.75 12.06 -0.97
CA GLN B 363 -10.54 11.76 -2.15
C GLN B 363 -9.68 11.42 -3.34
N VAL B 364 -10.11 10.43 -4.12
CA VAL B 364 -9.37 10.05 -5.32
C VAL B 364 -10.31 10.22 -6.50
N ALA B 365 -9.79 10.66 -7.63
CA ALA B 365 -10.60 10.84 -8.82
C ALA B 365 -11.02 9.48 -9.35
N THR B 366 -12.32 9.29 -9.55
CA THR B 366 -12.84 7.97 -9.88
C THR B 366 -13.15 7.75 -11.35
N ASN B 367 -12.90 8.71 -12.22
CA ASN B 367 -13.19 8.48 -13.64
C ASN B 367 -12.28 9.33 -14.50
N HIS B 368 -12.53 9.27 -15.80
CA HIS B 368 -11.98 10.19 -16.78
C HIS B 368 -13.05 11.19 -17.14
N GLN B 369 -12.78 12.46 -16.90
CA GLN B 369 -13.69 13.49 -17.37
C GLN B 369 -13.65 13.53 -18.89
N SER B 370 -14.67 14.14 -19.47
CA SER B 370 -14.71 14.39 -20.90
C SER B 370 -15.86 15.35 -21.15
N ALA B 371 -16.07 15.68 -22.42
CA ALA B 371 -17.24 16.49 -22.77
C ALA B 371 -18.52 15.78 -22.36
N GLN B 372 -18.46 14.46 -22.20
CA GLN B 372 -19.63 13.69 -21.84
C GLN B 372 -19.90 13.71 -20.33
N ALA B 373 -18.85 13.54 -19.52
CA ALA B 373 -19.01 13.21 -18.12
C ALA B 373 -18.27 14.19 -17.23
N GLN B 374 -18.89 14.54 -16.11
CA GLN B 374 -18.25 15.41 -15.14
C GLN B 374 -17.17 14.67 -14.37
N ALA B 375 -16.18 15.41 -13.89
CA ALA B 375 -15.15 14.81 -13.06
C ALA B 375 -15.76 14.35 -11.74
N GLN B 376 -15.34 13.19 -11.27
CA GLN B 376 -15.85 12.65 -10.02
C GLN B 376 -14.74 12.23 -9.08
N THR B 377 -15.01 12.33 -7.78
CA THR B 377 -14.06 11.93 -6.77
C THR B 377 -14.78 11.11 -5.73
N GLY B 378 -14.08 10.18 -5.08
CA GLY B 378 -14.71 9.34 -4.08
C GLY B 378 -13.96 9.32 -2.77
N TRP B 379 -14.68 9.25 -1.67
CA TRP B 379 -14.05 9.22 -0.35
C TRP B 379 -13.22 7.96 -0.23
N VAL B 380 -12.05 8.08 0.38
CA VAL B 380 -11.20 6.92 0.57
C VAL B 380 -11.28 6.63 2.06
N GLN B 381 -11.81 5.48 2.44
CA GLN B 381 -11.96 5.14 3.84
C GLN B 381 -10.65 4.65 4.42
N ASN B 382 -10.03 3.70 3.74
CA ASN B 382 -8.76 3.17 4.19
C ASN B 382 -7.70 3.38 3.13
N GLN B 383 -6.51 3.78 3.57
CA GLN B 383 -5.38 4.00 2.68
C GLN B 383 -4.15 3.39 3.32
N GLY B 384 -3.49 2.51 2.59
CA GLY B 384 -2.25 1.92 3.05
C GLY B 384 -1.07 2.82 2.82
N ILE B 385 0.13 2.25 3.00
CA ILE B 385 1.34 3.03 2.90
C ILE B 385 1.60 3.44 1.46
N LEU B 386 1.97 4.69 1.28
CA LEU B 386 2.47 5.25 0.04
C LEU B 386 3.86 5.79 0.30
N PRO B 387 4.69 5.94 -0.73
CA PRO B 387 6.01 6.55 -0.52
C PRO B 387 5.86 8.01 -0.14
N GLY B 388 6.55 8.41 0.91
CA GLY B 388 6.47 9.77 1.40
C GLY B 388 5.51 9.99 2.54
N MET B 389 4.92 8.95 3.09
CA MET B 389 4.06 9.09 4.25
C MET B 389 4.89 9.23 5.52
N VAL B 390 4.40 10.05 6.45
CA VAL B 390 4.99 10.18 7.76
C VAL B 390 3.89 10.10 8.79
N TRP B 391 4.19 9.50 9.94
CA TRP B 391 3.18 9.32 10.97
C TRP B 391 3.86 9.25 12.33
N GLN B 392 3.06 9.45 13.36
CA GLN B 392 3.46 9.26 14.75
C GLN B 392 2.84 7.98 15.29
N ASP B 393 3.56 7.33 16.19
CA ASP B 393 3.05 6.12 16.78
C ASP B 393 2.12 6.46 17.94
N ARG B 394 1.52 5.43 18.53
CA ARG B 394 0.58 5.66 19.61
C ARG B 394 1.32 5.93 20.90
N ASP B 395 0.74 6.81 21.71
CA ASP B 395 1.36 7.26 22.94
C ASP B 395 1.35 6.14 23.98
N VAL B 396 2.21 6.27 24.97
CA VAL B 396 2.23 5.36 26.10
C VAL B 396 1.74 6.10 27.33
N TYR B 397 1.09 5.37 28.21
CA TYR B 397 0.44 5.93 29.38
C TYR B 397 1.03 5.29 30.63
N LEU B 398 0.88 5.98 31.77
CA LEU B 398 1.33 5.40 33.03
C LEU B 398 0.73 4.01 33.25
N GLN B 399 -0.54 3.83 32.88
CA GLN B 399 -1.22 2.57 33.07
C GLN B 399 -0.93 1.55 31.98
N GLY B 400 -0.51 1.99 30.79
CA GLY B 400 -0.47 1.14 29.64
C GLY B 400 0.75 0.24 29.55
N PRO B 401 0.81 -0.58 28.51
CA PRO B 401 1.88 -1.58 28.42
C PRO B 401 3.21 -0.97 28.02
N ILE B 402 4.28 -1.69 28.33
CA ILE B 402 5.63 -1.23 28.00
C ILE B 402 6.09 -1.78 26.67
N TRP B 403 6.19 -3.10 26.55
CA TRP B 403 6.74 -3.71 25.35
C TRP B 403 5.78 -4.75 24.80
N ALA B 404 6.05 -5.16 23.56
CA ALA B 404 5.37 -6.28 22.93
C ALA B 404 6.41 -7.16 22.26
N LYS B 405 5.98 -8.37 21.88
CA LYS B 405 6.85 -9.28 21.16
C LYS B 405 6.47 -9.29 19.69
N ILE B 406 7.41 -8.90 18.84
CA ILE B 406 7.18 -8.97 17.40
C ILE B 406 7.03 -10.44 17.00
N PRO B 407 5.95 -10.82 16.31
CA PRO B 407 5.82 -12.22 15.89
C PRO B 407 6.97 -12.63 15.00
N HIS B 408 7.26 -13.92 15.00
CA HIS B 408 8.38 -14.43 14.21
C HIS B 408 7.82 -14.85 12.86
N THR B 409 8.12 -14.06 11.84
CA THR B 409 7.48 -14.19 10.53
C THR B 409 8.44 -13.72 9.45
N ASP B 410 8.11 -14.07 8.21
CA ASP B 410 8.95 -13.69 7.08
C ASP B 410 8.84 -12.21 6.77
N GLY B 411 7.82 -11.52 7.27
CA GLY B 411 7.71 -10.10 7.03
C GLY B 411 6.96 -9.36 8.11
N ASN B 412 7.28 -8.08 8.21
CA ASN B 412 6.51 -7.11 8.98
C ASN B 412 6.83 -5.72 8.48
N PHE B 413 5.95 -4.77 8.76
CA PHE B 413 6.23 -3.37 8.48
C PHE B 413 6.00 -2.55 9.73
N HIS B 414 7.01 -1.79 10.10
CA HIS B 414 7.01 -0.92 11.27
C HIS B 414 6.52 -1.71 12.46
N PRO B 415 7.34 -2.62 12.97
CA PRO B 415 6.89 -3.59 13.99
C PRO B 415 6.39 -2.99 15.29
N SER B 416 6.54 -1.69 15.52
CA SER B 416 6.06 -1.06 16.73
C SER B 416 4.61 -1.46 17.00
N PRO B 417 4.28 -1.89 18.23
CA PRO B 417 2.97 -2.50 18.49
C PRO B 417 1.86 -1.48 18.50
N LEU B 418 0.64 -1.95 18.29
CA LEU B 418 -0.48 -1.06 18.06
C LEU B 418 -1.14 -0.59 19.34
N MET B 419 -0.91 -1.25 20.48
CA MET B 419 -1.38 -0.72 21.75
C MET B 419 -0.39 0.24 22.38
N GLY B 420 0.74 0.49 21.73
CA GLY B 420 1.76 1.35 22.26
C GLY B 420 2.90 0.58 22.89
N GLY B 421 4.02 1.27 23.05
CA GLY B 421 5.21 0.68 23.61
C GLY B 421 6.25 0.30 22.58
N PHE B 422 7.14 -0.59 23.00
CA PHE B 422 8.33 -0.95 22.24
C PHE B 422 8.20 -2.35 21.70
N GLY B 423 8.32 -2.50 20.38
CA GLY B 423 8.33 -3.82 19.80
C GLY B 423 9.71 -4.45 19.86
N MET B 424 9.75 -5.74 20.15
CA MET B 424 11.01 -6.43 20.35
C MET B 424 10.91 -7.87 19.84
N LYS B 425 11.93 -8.31 19.12
CA LYS B 425 11.98 -9.70 18.68
C LYS B 425 12.34 -10.62 19.83
N HIS B 426 13.24 -10.18 20.68
CA HIS B 426 13.63 -10.97 21.82
C HIS B 426 13.48 -9.98 22.92
N PRO B 427 12.30 -9.94 23.56
CA PRO B 427 11.85 -9.11 24.68
C PRO B 427 12.15 -9.76 26.02
N PRO B 428 11.91 -9.06 27.14
CA PRO B 428 12.08 -9.58 28.49
C PRO B 428 11.45 -10.96 28.57
N PRO B 429 12.23 -11.97 28.98
CA PRO B 429 11.73 -13.35 28.95
C PRO B 429 10.63 -13.57 29.98
N GLN B 430 9.78 -14.54 29.67
CA GLN B 430 8.74 -14.94 30.60
C GLN B 430 9.33 -15.71 31.77
N ILE B 431 8.85 -15.40 32.96
CA ILE B 431 9.36 -15.97 34.20
C ILE B 431 8.24 -16.81 34.77
N LEU B 432 8.39 -18.13 34.72
CA LEU B 432 7.34 -19.05 35.09
C LEU B 432 7.63 -19.64 36.47
N ILE B 433 6.62 -19.74 37.31
CA ILE B 433 6.80 -20.17 38.69
C ILE B 433 5.62 -21.05 39.08
N LYS B 434 5.91 -22.12 39.82
CA LYS B 434 4.85 -22.95 40.38
C LYS B 434 5.31 -23.51 41.72
N ASN B 435 4.36 -24.00 42.50
CA ASN B 435 4.67 -24.72 43.72
C ASN B 435 4.86 -26.20 43.42
N THR B 436 5.94 -26.77 43.93
CA THR B 436 6.18 -28.20 43.75
C THR B 436 5.17 -28.97 44.61
N PRO B 437 4.51 -30.00 44.06
CA PRO B 437 3.48 -30.69 44.84
C PRO B 437 4.08 -31.58 45.92
N VAL B 438 3.39 -31.65 47.06
CA VAL B 438 3.75 -32.57 48.14
C VAL B 438 2.58 -33.51 48.36
N PRO B 439 2.68 -34.80 48.01
CA PRO B 439 1.57 -35.73 48.23
C PRO B 439 1.35 -36.11 49.69
N LEU B 451 -1.12 -40.54 41.62
CA LEU B 451 -1.22 -39.87 42.92
C LEU B 451 -1.87 -38.51 42.79
N ASN B 452 -3.18 -38.45 43.03
CA ASN B 452 -3.92 -37.19 43.00
C ASN B 452 -4.15 -36.59 44.38
N SER B 453 -3.64 -37.22 45.44
CA SER B 453 -3.76 -36.69 46.80
C SER B 453 -2.54 -35.83 47.11
N PHE B 454 -2.77 -34.56 47.40
CA PHE B 454 -1.70 -33.62 47.70
C PHE B 454 -2.09 -32.80 48.92
N ILE B 455 -1.11 -32.08 49.46
CA ILE B 455 -1.34 -31.21 50.59
C ILE B 455 -1.68 -29.81 50.07
N THR B 456 -2.77 -29.24 50.59
CA THR B 456 -3.10 -27.87 50.23
C THR B 456 -2.01 -26.94 50.72
N GLN B 457 -1.43 -26.17 49.81
CA GLN B 457 -0.21 -25.45 50.12
C GLN B 457 -0.09 -24.25 49.20
N TYR B 458 0.50 -23.17 49.71
CA TYR B 458 0.78 -22.01 48.87
C TYR B 458 2.11 -21.41 49.33
N SER B 459 2.64 -20.52 48.51
CA SER B 459 3.89 -19.86 48.84
C SER B 459 3.73 -18.36 48.65
N THR B 460 4.71 -17.63 49.19
CA THR B 460 4.70 -16.17 49.16
C THR B 460 6.14 -15.69 49.32
N GLY B 461 6.35 -14.41 49.04
CA GLY B 461 7.70 -13.88 49.05
C GLY B 461 7.74 -12.49 48.50
N GLN B 462 8.91 -12.10 48.00
CA GLN B 462 9.19 -10.76 47.53
C GLN B 462 9.69 -10.81 46.11
N VAL B 463 9.39 -9.78 45.32
CA VAL B 463 9.89 -9.64 43.95
C VAL B 463 10.43 -8.23 43.78
N SER B 464 11.60 -8.13 43.16
CA SER B 464 12.15 -6.84 42.79
C SER B 464 12.59 -6.88 41.34
N VAL B 465 12.22 -5.85 40.58
CA VAL B 465 12.63 -5.67 39.20
C VAL B 465 13.18 -4.26 39.04
N GLU B 466 14.32 -4.15 38.35
CA GLU B 466 15.05 -2.90 38.22
C GLU B 466 15.39 -2.70 36.76
N ILE B 467 15.02 -1.56 36.20
CA ILE B 467 15.23 -1.26 34.79
C ILE B 467 16.04 0.02 34.67
N GLU B 468 16.95 0.05 33.71
CA GLU B 468 17.70 1.24 33.35
C GLU B 468 17.13 1.83 32.07
N TRP B 469 16.80 3.11 32.11
CA TRP B 469 16.12 3.80 31.03
C TRP B 469 17.01 4.89 30.46
N GLU B 470 17.30 4.82 29.18
CA GLU B 470 18.05 5.87 28.50
C GLU B 470 17.09 6.98 28.12
N LEU B 471 17.56 8.23 28.19
CA LEU B 471 16.71 9.39 28.00
C LEU B 471 17.22 10.25 26.85
N GLN B 472 16.34 11.09 26.32
CA GLN B 472 16.69 12.05 25.29
C GLN B 472 16.23 13.43 25.75
N LYS B 473 17.17 14.33 25.96
CA LYS B 473 16.88 15.62 26.55
C LYS B 473 16.30 16.60 25.54
N GLU B 474 15.56 17.57 26.08
CA GLU B 474 14.91 18.61 25.30
C GLU B 474 15.90 19.74 25.02
N ASN B 475 16.20 19.93 23.73
CA ASN B 475 17.14 20.93 23.25
C ASN B 475 16.46 22.21 22.76
N SER B 476 15.14 22.34 22.93
CA SER B 476 14.35 23.32 22.19
C SER B 476 14.75 24.76 22.51
N LYS B 477 14.71 25.59 21.47
CA LYS B 477 14.94 27.02 21.53
C LYS B 477 13.65 27.83 21.65
N ARG B 478 12.50 27.16 21.85
CA ARG B 478 11.23 27.85 21.98
C ARG B 478 11.30 28.95 23.03
N TRP B 479 10.78 30.13 22.68
CA TRP B 479 10.86 31.28 23.57
C TRP B 479 9.80 31.22 24.67
N ASN B 480 8.55 30.97 24.31
CA ASN B 480 7.46 30.97 25.26
C ASN B 480 7.38 29.63 25.99
N PRO B 481 6.84 29.61 27.21
CA PRO B 481 6.90 28.39 28.01
C PRO B 481 6.08 27.23 27.46
N GLU B 482 6.54 26.04 27.77
CA GLU B 482 5.95 24.77 27.36
C GLU B 482 4.67 24.49 28.11
N ILE B 483 3.89 23.56 27.57
CA ILE B 483 2.82 22.92 28.34
C ILE B 483 3.43 21.83 29.21
N GLN B 484 3.01 21.75 30.46
CA GLN B 484 3.56 20.81 31.41
C GLN B 484 2.43 19.99 32.01
N TYR B 485 2.77 18.85 32.58
CA TYR B 485 1.78 18.10 33.35
C TYR B 485 1.83 18.52 34.80
N THR B 486 0.74 19.12 35.27
CA THR B 486 0.72 19.69 36.60
C THR B 486 -0.56 19.27 37.31
N SER B 487 -0.45 19.14 38.63
CA SER B 487 -1.62 18.97 39.47
C SER B 487 -2.37 20.28 39.57
N ASN B 488 -3.64 20.19 39.95
CA ASN B 488 -4.45 21.37 40.15
C ASN B 488 -4.46 21.74 41.62
N TYR B 489 -4.36 23.03 41.91
CA TYR B 489 -4.29 23.47 43.30
C TYR B 489 -5.62 23.31 44.02
N TYR B 490 -6.73 23.47 43.30
CA TYR B 490 -8.03 23.62 43.95
C TYR B 490 -8.30 22.47 44.92
N LYS B 491 -8.87 22.82 46.06
CA LYS B 491 -9.00 21.87 47.16
C LYS B 491 -9.96 20.74 46.80
N SER B 492 -9.77 19.60 47.46
CA SER B 492 -10.55 18.41 47.21
C SER B 492 -10.51 17.54 48.45
N ASN B 493 -11.44 16.60 48.53
CA ASN B 493 -11.51 15.72 49.70
C ASN B 493 -10.27 14.85 49.79
N ASN B 494 -9.69 14.49 48.66
CA ASN B 494 -8.59 13.55 48.60
C ASN B 494 -7.53 14.04 47.64
N VAL B 495 -6.27 13.76 47.99
CA VAL B 495 -5.17 14.03 47.06
C VAL B 495 -5.21 13.01 45.93
N GLU B 496 -4.87 13.45 44.73
CA GLU B 496 -4.84 12.54 43.59
C GLU B 496 -3.68 11.57 43.69
N PHE B 497 -3.89 10.37 43.15
CA PHE B 497 -2.86 9.32 43.17
C PHE B 497 -2.45 9.02 44.61
N ALA B 498 -3.44 8.78 45.47
CA ALA B 498 -3.19 8.55 46.88
C ALA B 498 -4.34 7.75 47.47
N VAL B 499 -4.11 7.20 48.65
CA VAL B 499 -5.12 6.38 49.31
C VAL B 499 -6.22 7.26 49.87
N ASN B 500 -7.39 6.67 50.10
CA ASN B 500 -8.51 7.34 50.74
C ASN B 500 -8.66 6.85 52.18
N THR B 501 -9.73 7.28 52.86
CA THR B 501 -9.89 6.96 54.28
C THR B 501 -10.05 5.47 54.52
N GLU B 502 -10.31 4.70 53.47
CA GLU B 502 -10.36 3.25 53.62
C GLU B 502 -9.06 2.57 53.23
N GLY B 503 -8.06 3.34 52.79
CA GLY B 503 -6.81 2.76 52.35
C GLY B 503 -6.82 2.16 50.96
N VAL B 504 -7.55 2.73 50.02
CA VAL B 504 -7.60 2.23 48.65
C VAL B 504 -6.90 3.21 47.73
N TYR B 505 -5.76 2.81 47.18
CA TYR B 505 -5.04 3.61 46.21
C TYR B 505 -5.78 3.62 44.89
N SER B 506 -5.75 4.74 44.19
CA SER B 506 -6.39 4.87 42.90
C SER B 506 -5.68 5.91 42.05
N GLU B 507 -5.71 5.71 40.74
CA GLU B 507 -5.13 6.66 39.80
C GLU B 507 -6.32 7.25 39.06
N PRO B 508 -6.60 8.54 39.31
CA PRO B 508 -7.75 9.28 38.77
C PRO B 508 -7.88 9.45 37.26
N ARG B 509 -6.79 9.72 36.55
CA ARG B 509 -6.90 9.89 35.12
C ARG B 509 -5.71 9.29 34.37
N PRO B 510 -5.92 8.91 33.10
CA PRO B 510 -4.83 8.36 32.31
C PRO B 510 -3.85 9.49 32.00
N ILE B 511 -2.56 9.23 32.09
CA ILE B 511 -1.59 10.27 31.82
C ILE B 511 -0.73 9.93 30.62
N GLY B 512 -0.80 10.75 29.57
CA GLY B 512 0.00 10.54 28.38
C GLY B 512 1.42 11.00 28.58
N THR B 513 2.27 10.69 27.59
CA THR B 513 3.67 11.02 27.66
C THR B 513 4.02 12.28 26.88
N ARG B 514 3.06 12.90 26.20
CA ARG B 514 3.36 13.91 25.18
C ARG B 514 2.92 15.29 25.65
N TYR B 515 3.91 16.12 26.00
CA TYR B 515 3.71 17.47 26.50
C TYR B 515 4.63 18.45 25.78
N LEU B 516 5.94 18.23 25.87
CA LEU B 516 6.91 19.07 25.20
C LEU B 516 6.68 19.04 23.69
N THR B 517 7.21 20.03 23.01
CA THR B 517 6.99 20.18 21.58
C THR B 517 8.29 20.07 20.80
N ARG B 518 8.14 19.71 19.53
CA ARG B 518 9.22 19.76 18.57
C ARG B 518 8.71 20.37 17.28
N ASN B 519 9.64 20.74 16.41
CA ASN B 519 9.28 21.12 15.06
C ASN B 519 9.07 19.88 14.22
N LEU B 520 8.25 20.01 13.19
CA LEU B 520 7.98 18.88 12.31
C LEU B 520 9.03 18.82 11.20
N TRP C 12 35.73 35.96 -6.18
CA TRP C 12 34.78 35.53 -7.20
C TRP C 12 35.20 34.21 -7.81
N HIS C 13 34.46 33.13 -7.54
CA HIS C 13 34.70 31.85 -8.19
C HIS C 13 33.39 31.33 -8.77
N CYS C 14 33.36 31.12 -10.08
CA CYS C 14 32.32 30.37 -10.75
C CYS C 14 32.97 29.51 -11.81
N ASP C 15 32.75 28.19 -11.73
CA ASP C 15 33.23 27.23 -12.72
C ASP C 15 32.79 25.85 -12.24
N SER C 16 33.09 24.85 -13.06
CA SER C 16 32.83 23.46 -12.74
C SER C 16 34.04 22.62 -13.12
N GLN C 17 34.48 21.78 -12.19
CA GLN C 17 35.62 20.90 -12.40
C GLN C 17 35.11 19.47 -12.50
N TRP C 18 35.34 18.86 -13.65
CA TRP C 18 34.92 17.49 -13.91
C TRP C 18 36.11 16.58 -13.73
N LEU C 19 36.11 15.80 -12.66
CA LEU C 19 37.23 14.93 -12.33
C LEU C 19 36.69 13.53 -12.08
N GLY C 20 36.98 12.61 -12.99
CA GLY C 20 36.62 11.22 -12.75
C GLY C 20 35.15 11.06 -12.45
N ASP C 21 34.87 10.51 -11.26
CA ASP C 21 33.53 10.27 -10.78
C ASP C 21 32.96 11.44 -9.96
N ARG C 22 33.67 12.56 -9.88
CA ARG C 22 33.20 13.68 -9.09
C ARG C 22 33.06 14.93 -9.94
N VAL C 23 32.19 15.83 -9.50
CA VAL C 23 31.99 17.14 -10.09
C VAL C 23 31.98 18.17 -8.97
N ILE C 24 32.59 19.31 -9.21
CA ILE C 24 32.64 20.40 -8.24
C ILE C 24 32.13 21.65 -8.91
N THR C 25 30.98 22.14 -8.46
CA THR C 25 30.30 23.28 -9.07
C THR C 25 30.30 24.46 -8.13
N THR C 26 31.00 25.53 -8.53
CA THR C 26 31.12 26.73 -7.72
C THR C 26 30.27 27.82 -8.35
N SER C 27 29.57 28.60 -7.52
CA SER C 27 28.70 29.66 -7.98
C SER C 27 28.83 30.87 -7.07
N THR C 28 29.01 32.04 -7.67
CA THR C 28 29.16 33.28 -6.90
C THR C 28 28.14 34.29 -7.40
N ARG C 29 27.35 34.84 -6.47
CA ARG C 29 26.26 35.74 -6.80
C ARG C 29 26.32 36.97 -5.92
N THR C 30 25.79 38.08 -6.42
CA THR C 30 25.64 39.31 -5.67
C THR C 30 24.22 39.43 -5.16
N TRP C 31 24.06 39.86 -3.92
CA TRP C 31 22.78 39.94 -3.26
C TRP C 31 22.54 41.34 -2.69
N ALA C 32 21.29 41.58 -2.30
CA ALA C 32 20.89 42.81 -1.64
C ALA C 32 19.93 42.45 -0.52
N LEU C 33 20.19 42.99 0.67
CA LEU C 33 19.39 42.67 1.84
C LEU C 33 18.69 43.92 2.35
N PRO C 34 17.37 44.02 2.23
CA PRO C 34 16.64 45.16 2.78
C PRO C 34 16.37 44.98 4.26
N THR C 35 15.59 45.90 4.81
CA THR C 35 15.19 45.85 6.20
C THR C 35 13.72 45.47 6.28
N TYR C 36 13.45 44.27 6.79
CA TYR C 36 12.10 43.73 6.80
C TYR C 36 11.41 43.99 8.13
N ASN C 37 10.10 44.24 8.07
CA ASN C 37 9.25 44.37 9.23
C ASN C 37 9.65 45.50 10.16
N ASN C 38 10.43 46.46 9.67
CA ASN C 38 10.99 47.52 10.52
C ASN C 38 11.62 46.94 11.78
N HIS C 39 12.39 45.87 11.59
CA HIS C 39 13.12 45.19 12.66
C HIS C 39 12.22 44.54 13.70
N LEU C 40 10.98 44.20 13.35
CA LEU C 40 10.04 43.67 14.32
C LEU C 40 9.66 42.24 13.97
N TYR C 41 9.28 41.49 15.01
CA TYR C 41 8.64 40.20 14.83
C TYR C 41 7.13 40.39 14.88
N LYS C 42 6.48 40.26 13.73
CA LYS C 42 5.07 40.61 13.65
C LYS C 42 4.24 39.35 13.49
N GLN C 43 3.25 39.17 14.35
CA GLN C 43 2.30 38.08 14.19
C GLN C 43 1.58 38.19 12.86
N ILE C 44 1.38 37.04 12.20
CA ILE C 44 0.61 36.98 10.96
C ILE C 44 -0.34 35.80 11.04
N SER C 45 -1.53 36.00 10.50
CA SER C 45 -2.50 34.92 10.34
C SER C 45 -3.39 35.28 9.16
N ASN C 46 -4.34 34.39 8.85
CA ASN C 46 -5.26 34.69 7.77
C ASN C 46 -6.10 35.92 8.07
N SER C 47 -6.31 36.21 9.36
CA SER C 47 -7.04 37.40 9.75
C SER C 47 -6.31 38.67 9.33
N THR C 48 -5.00 38.74 9.59
CA THR C 48 -4.23 39.89 9.13
C THR C 48 -4.24 40.00 7.61
N SER C 49 -4.35 38.87 6.91
CA SER C 49 -4.56 38.89 5.48
C SER C 49 -6.03 39.10 5.12
N GLY C 50 -6.95 38.53 5.90
CA GLY C 50 -8.37 38.58 5.61
C GLY C 50 -8.92 37.31 4.99
N GLY C 51 -8.17 36.21 5.00
CA GLY C 51 -8.65 34.99 4.36
C GLY C 51 -9.79 34.35 5.12
N SER C 52 -10.91 34.11 4.42
CA SER C 52 -12.08 33.53 5.05
C SER C 52 -12.03 32.01 5.14
N SER C 53 -11.51 31.34 4.11
CA SER C 53 -11.72 29.90 3.97
C SER C 53 -11.00 29.11 5.05
N ASN C 54 -11.55 27.93 5.36
CA ASN C 54 -11.00 27.10 6.44
C ASN C 54 -9.77 26.33 6.02
N ASP C 55 -9.73 25.81 4.80
CA ASP C 55 -8.56 25.07 4.35
C ASP C 55 -7.30 25.93 4.33
N ASN C 56 -7.47 27.23 4.13
CA ASN C 56 -6.36 28.16 4.00
C ASN C 56 -5.98 28.85 5.29
N ALA C 57 -6.59 28.46 6.41
CA ALA C 57 -6.31 29.11 7.69
C ALA C 57 -4.89 28.82 8.15
N TYR C 58 -4.24 29.81 8.73
CA TYR C 58 -2.88 29.62 9.22
C TYR C 58 -2.58 30.63 10.33
N PHE C 59 -1.56 30.32 11.11
CA PHE C 59 -1.06 31.18 12.17
C PHE C 59 0.44 31.02 12.23
N GLY C 60 1.15 32.13 12.33
CA GLY C 60 2.60 32.08 12.36
C GLY C 60 3.18 33.42 12.72
N TYR C 61 4.47 33.58 12.45
CA TYR C 61 5.16 34.83 12.69
C TYR C 61 6.06 35.19 11.52
N SER C 62 6.20 36.48 11.25
CA SER C 62 7.11 36.99 10.25
C SER C 62 8.27 37.71 10.93
N THR C 63 9.47 37.41 10.48
CA THR C 63 10.68 37.85 11.14
C THR C 63 11.45 38.83 10.26
N PRO C 64 12.26 39.71 10.87
CA PRO C 64 13.10 40.60 10.07
C PRO C 64 14.21 39.89 9.29
N TRP C 65 14.49 38.63 9.59
CA TRP C 65 15.63 37.94 9.02
C TRP C 65 15.36 37.51 7.58
N GLY C 66 16.44 37.43 6.80
CA GLY C 66 16.42 36.82 5.50
C GLY C 66 17.11 35.46 5.52
N TYR C 67 17.17 34.83 4.36
CA TYR C 67 17.89 33.57 4.26
C TYR C 67 18.36 33.34 2.84
N PHE C 68 19.40 32.54 2.70
CA PHE C 68 19.96 32.18 1.40
C PHE C 68 19.41 30.84 0.95
N ASP C 69 18.77 30.83 -0.21
CA ASP C 69 18.21 29.62 -0.79
C ASP C 69 18.97 29.32 -2.07
N PHE C 70 19.85 28.32 -2.02
CA PHE C 70 20.50 27.75 -3.19
C PHE C 70 19.92 26.40 -3.60
N ASN C 71 18.76 26.03 -3.05
CA ASN C 71 18.16 24.70 -3.13
C ASN C 71 17.75 24.24 -4.54
N ARG C 72 17.85 25.04 -5.60
CA ARG C 72 17.45 24.59 -6.93
C ARG C 72 18.68 24.25 -7.78
N PHE C 73 18.51 23.30 -8.71
CA PHE C 73 19.64 22.82 -9.51
C PHE C 73 20.24 23.90 -10.40
N HIS C 74 19.43 24.73 -11.05
CA HIS C 74 20.03 25.71 -11.96
C HIS C 74 20.88 26.75 -11.25
N CYS C 75 20.85 26.78 -9.92
CA CYS C 75 21.83 27.57 -9.19
C CYS C 75 23.24 27.05 -9.45
N HIS C 76 23.44 25.74 -9.32
CA HIS C 76 24.75 25.12 -9.34
C HIS C 76 25.20 24.59 -10.69
N PHE C 77 24.30 24.49 -11.67
CA PHE C 77 24.61 23.88 -12.96
C PHE C 77 24.26 24.82 -14.08
N SER C 78 25.19 24.97 -15.01
CA SER C 78 24.89 25.63 -16.26
C SER C 78 24.19 24.64 -17.18
N PRO C 79 23.48 25.12 -18.19
CA PRO C 79 22.86 24.21 -19.15
C PRO C 79 23.87 23.28 -19.83
N ARG C 80 25.10 23.74 -20.06
CA ARG C 80 26.09 22.87 -20.69
C ARG C 80 26.67 21.90 -19.68
N ASP C 81 26.73 22.29 -18.40
CA ASP C 81 27.11 21.34 -17.35
C ASP C 81 26.00 20.33 -17.10
N TRP C 82 24.74 20.75 -17.21
CA TRP C 82 23.64 19.84 -16.94
C TRP C 82 23.50 18.82 -18.06
N GLN C 83 23.65 19.25 -19.30
CA GLN C 83 23.69 18.32 -20.42
C GLN C 83 24.85 17.35 -20.27
N ARG C 84 26.02 17.87 -19.88
CA ARG C 84 27.19 17.00 -19.75
C ARG C 84 26.99 15.98 -18.64
N LEU C 85 26.19 16.32 -17.64
CA LEU C 85 25.86 15.38 -16.57
C LEU C 85 24.91 14.29 -17.05
N ILE C 86 23.76 14.69 -17.60
CA ILE C 86 22.66 13.74 -17.80
C ILE C 86 22.86 12.84 -19.00
N ASN C 87 23.71 13.23 -19.95
CA ASN C 87 23.97 12.35 -21.09
C ASN C 87 25.00 11.29 -20.77
N ASN C 88 25.97 11.59 -19.92
CA ASN C 88 27.11 10.70 -19.69
C ASN C 88 27.00 9.85 -18.44
N ASN C 89 26.00 10.04 -17.60
CA ASN C 89 26.02 9.46 -16.26
C ASN C 89 24.69 8.82 -15.90
N TRP C 90 24.75 7.72 -15.16
CA TRP C 90 23.58 7.04 -14.63
C TRP C 90 23.05 7.64 -13.34
N GLY C 91 23.92 8.09 -12.44
CA GLY C 91 23.45 8.56 -11.16
C GLY C 91 24.38 9.61 -10.61
N PHE C 92 23.83 10.42 -9.70
CA PHE C 92 24.58 11.49 -9.07
C PHE C 92 23.94 11.80 -7.73
N ARG C 93 24.69 12.52 -6.91
CA ARG C 93 24.25 12.89 -5.57
C ARG C 93 25.29 13.80 -4.93
N PRO C 94 24.89 14.68 -4.03
CA PRO C 94 25.86 15.59 -3.40
C PRO C 94 26.67 14.91 -2.32
N LYS C 95 27.89 15.45 -2.13
CA LYS C 95 28.81 14.95 -1.11
C LYS C 95 29.10 16.02 -0.06
N ARG C 96 29.69 17.13 -0.46
CA ARG C 96 30.12 18.18 0.44
C ARG C 96 29.51 19.50 0.04
N LEU C 97 29.56 20.47 0.94
CA LEU C 97 29.03 21.81 0.70
C LEU C 97 30.01 22.80 1.32
N ASN C 98 30.32 23.86 0.58
CA ASN C 98 31.22 24.88 1.08
C ASN C 98 30.64 26.24 0.75
N PHE C 99 30.36 27.03 1.80
CA PHE C 99 29.62 28.27 1.68
C PHE C 99 30.50 29.41 2.15
N LYS C 100 30.41 30.56 1.48
CA LYS C 100 31.16 31.74 1.86
C LYS C 100 30.30 32.97 1.67
N LEU C 101 30.55 33.99 2.49
CA LEU C 101 29.87 35.28 2.42
C LEU C 101 30.93 36.35 2.59
N PHE C 102 31.12 37.21 1.58
CA PHE C 102 32.23 38.14 1.58
C PHE C 102 31.84 39.42 0.85
N ASN C 103 32.79 40.36 0.82
CA ASN C 103 32.62 41.68 0.21
C ASN C 103 31.37 42.38 0.72
N ILE C 104 31.24 42.42 2.05
CA ILE C 104 30.10 43.07 2.69
C ILE C 104 30.13 44.57 2.42
N GLN C 105 28.98 45.11 2.03
CA GLN C 105 28.82 46.55 1.81
C GLN C 105 27.53 46.97 2.46
N VAL C 106 27.62 47.80 3.50
CA VAL C 106 26.46 48.24 4.27
C VAL C 106 26.20 49.71 3.94
N LYS C 107 24.98 50.02 3.54
CA LYS C 107 24.62 51.38 3.18
C LYS C 107 23.70 52.00 4.24
N THR C 125 27.44 46.78 10.66
CA THR C 125 27.44 45.34 10.89
C THR C 125 26.24 44.62 10.30
N VAL C 126 26.43 43.34 10.01
CA VAL C 126 25.40 42.46 9.47
C VAL C 126 25.52 41.12 10.17
N GLN C 127 24.41 40.64 10.72
CA GLN C 127 24.38 39.41 11.49
C GLN C 127 24.09 38.23 10.57
N VAL C 128 24.79 37.13 10.79
CA VAL C 128 24.57 35.91 10.03
C VAL C 128 24.86 34.71 10.93
N PHE C 129 24.01 33.69 10.82
CA PHE C 129 24.27 32.43 11.52
C PHE C 129 23.62 31.29 10.76
N THR C 130 24.25 30.14 10.82
CA THR C 130 23.67 28.91 10.30
C THR C 130 22.97 28.19 11.44
N ASP C 131 21.87 27.51 11.12
CA ASP C 131 21.19 26.72 12.12
C ASP C 131 21.61 25.28 11.88
N SER C 132 22.60 24.83 12.65
CA SER C 132 23.18 23.52 12.45
C SER C 132 22.57 22.45 13.35
N ASP C 133 21.78 22.85 14.34
CA ASP C 133 21.04 21.91 15.18
C ASP C 133 19.60 21.74 14.73
N TYR C 134 19.16 22.47 13.71
CA TYR C 134 17.80 22.39 13.21
C TYR C 134 16.79 22.73 14.29
N GLN C 135 17.09 23.78 15.05
CA GLN C 135 16.26 24.20 16.17
C GLN C 135 15.14 25.15 15.76
N LEU C 136 15.23 25.77 14.60
CA LEU C 136 14.21 26.57 13.95
C LEU C 136 13.37 25.71 13.02
N PRO C 137 12.18 26.18 12.63
CA PRO C 137 11.46 25.55 11.53
C PRO C 137 12.26 25.63 10.23
N TYR C 138 12.03 24.67 9.35
CA TYR C 138 12.82 24.52 8.13
C TYR C 138 11.91 24.80 6.94
N VAL C 139 12.10 25.96 6.31
CA VAL C 139 11.24 26.43 5.24
C VAL C 139 11.80 26.17 3.86
N LEU C 140 12.97 25.56 3.74
CA LEU C 140 13.61 25.41 2.45
C LEU C 140 13.06 24.28 1.60
N GLY C 141 12.37 23.30 2.19
CA GLY C 141 11.89 22.19 1.42
C GLY C 141 10.53 22.42 0.79
N SER C 142 10.07 23.66 0.79
CA SER C 142 8.73 23.98 0.32
C SER C 142 8.69 24.52 -1.10
N ALA C 143 9.83 24.58 -1.79
CA ALA C 143 9.91 25.01 -3.18
C ALA C 143 9.51 26.48 -3.35
N HIS C 144 10.03 27.35 -2.48
CA HIS C 144 9.77 28.77 -2.56
C HIS C 144 10.70 29.47 -3.56
N GLU C 145 10.23 30.61 -4.03
CA GLU C 145 11.04 31.46 -4.90
C GLU C 145 12.14 32.11 -4.06
N GLY C 146 13.02 32.86 -4.71
CA GLY C 146 14.11 33.52 -4.03
C GLY C 146 15.45 32.83 -4.12
N CYS C 147 15.62 31.88 -5.03
CA CYS C 147 16.88 31.19 -5.17
C CYS C 147 17.96 32.11 -5.75
N LEU C 148 19.20 31.71 -5.57
CA LEU C 148 20.29 32.30 -6.32
C LEU C 148 19.98 32.19 -7.81
N PRO C 149 20.04 33.29 -8.57
CA PRO C 149 19.53 33.26 -9.93
C PRO C 149 20.27 32.23 -10.77
N PRO C 150 19.65 31.75 -11.85
CA PRO C 150 20.34 30.77 -12.69
C PRO C 150 21.47 31.36 -13.49
N PHE C 151 21.42 32.66 -13.81
CA PHE C 151 22.43 33.28 -14.64
C PHE C 151 23.33 34.14 -13.77
N PRO C 152 24.65 33.94 -13.81
CA PRO C 152 25.52 34.55 -12.79
C PRO C 152 25.54 36.06 -12.78
N ALA C 153 25.17 36.73 -13.86
CA ALA C 153 25.26 38.18 -13.90
C ALA C 153 24.08 38.86 -13.23
N ASP C 154 23.12 38.11 -12.72
CA ASP C 154 21.96 38.68 -12.06
C ASP C 154 22.28 39.05 -10.62
N VAL C 155 21.53 40.02 -10.10
CA VAL C 155 21.57 40.41 -8.70
C VAL C 155 20.22 40.04 -8.09
N PHE C 156 20.24 39.41 -6.92
CA PHE C 156 19.00 38.95 -6.33
C PHE C 156 18.79 39.54 -4.95
N MET C 157 17.53 39.81 -4.64
CA MET C 157 17.10 40.22 -3.32
C MET C 157 16.97 38.99 -2.44
N ILE C 158 17.19 39.15 -1.13
CA ILE C 158 17.16 38.01 -0.22
C ILE C 158 15.77 37.89 0.39
N PRO C 159 15.15 36.71 0.36
CA PRO C 159 13.78 36.58 0.83
C PRO C 159 13.68 36.68 2.34
N GLN C 160 12.47 36.97 2.80
CA GLN C 160 12.21 37.17 4.22
C GLN C 160 11.91 35.84 4.89
N TYR C 161 12.39 35.69 6.13
CA TYR C 161 12.14 34.46 6.85
C TYR C 161 10.85 34.56 7.66
N GLY C 162 10.09 33.47 7.67
CA GLY C 162 8.87 33.38 8.44
C GLY C 162 8.54 31.92 8.65
N TYR C 163 7.66 31.66 9.60
CA TYR C 163 7.33 30.28 9.91
C TYR C 163 5.92 30.19 10.45
N LEU C 164 5.29 29.06 10.21
CA LEU C 164 3.94 28.77 10.67
C LEU C 164 3.98 27.79 11.83
N THR C 165 3.04 27.95 12.75
CA THR C 165 2.90 27.02 13.86
C THR C 165 1.44 26.60 13.98
N LEU C 166 1.10 25.86 15.02
CA LEU C 166 -0.24 25.31 15.14
C LEU C 166 -1.28 26.42 15.25
N ASN C 167 -2.49 26.10 14.82
CA ASN C 167 -3.59 27.06 14.83
C ASN C 167 -4.91 26.33 15.06
N ASP C 168 -5.91 27.09 15.50
CA ASP C 168 -7.31 26.71 15.35
C ASP C 168 -8.01 27.89 14.70
N GLY C 169 -8.41 27.74 13.45
CA GLY C 169 -8.76 28.91 12.68
C GLY C 169 -7.57 29.85 12.67
N SER C 170 -7.83 31.15 12.85
CA SER C 170 -6.76 32.12 12.93
C SER C 170 -6.17 32.25 14.33
N GLN C 171 -6.77 31.61 15.32
CA GLN C 171 -6.24 31.64 16.67
C GLN C 171 -5.12 30.62 16.84
N ALA C 172 -4.27 30.89 17.83
CA ALA C 172 -3.22 29.98 18.23
C ALA C 172 -3.75 29.00 19.25
N VAL C 173 -2.88 28.08 19.67
CA VAL C 173 -3.17 27.19 20.78
C VAL C 173 -1.97 27.22 21.71
N GLY C 174 -2.16 26.70 22.91
CA GLY C 174 -1.08 26.66 23.88
C GLY C 174 0.15 25.93 23.39
N ARG C 175 -0.01 25.00 22.47
CA ARG C 175 1.10 24.22 21.96
C ARG C 175 1.88 24.95 20.86
N SER C 176 1.39 26.08 20.37
CA SER C 176 2.12 26.85 19.37
C SER C 176 3.41 27.41 19.95
N SER C 177 4.39 27.62 19.08
CA SER C 177 5.73 28.06 19.49
C SER C 177 6.05 29.44 18.95
N PHE C 178 6.91 30.14 19.66
CA PHE C 178 7.47 31.41 19.21
C PHE C 178 8.99 31.31 19.27
N TYR C 179 9.65 31.67 18.17
CA TYR C 179 11.10 31.58 18.05
C TYR C 179 11.68 32.94 17.77
N CYS C 180 12.43 33.47 18.73
CA CYS C 180 13.20 34.69 18.52
C CYS C 180 14.56 34.30 17.94
N LEU C 181 14.91 34.88 16.80
CA LEU C 181 16.15 34.51 16.15
C LEU C 181 17.34 35.31 16.70
N GLU C 182 17.07 36.36 17.46
CA GLU C 182 18.10 37.06 18.22
C GLU C 182 18.62 36.20 19.37
N TYR C 183 17.90 35.14 19.72
CA TYR C 183 18.22 34.28 20.85
C TYR C 183 19.13 33.13 20.46
N PHE C 184 19.59 33.12 19.27
CA PHE C 184 20.61 32.34 18.59
C PHE C 184 21.89 33.17 18.44
N PRO C 185 23.04 32.66 18.88
CA PRO C 185 24.28 33.42 18.70
C PRO C 185 24.69 33.45 17.23
N SER C 186 25.06 34.64 16.77
CA SER C 186 25.38 34.86 15.37
C SER C 186 26.64 35.72 15.27
N GLN C 187 27.30 35.62 14.13
CA GLN C 187 28.50 36.40 13.85
C GLN C 187 28.13 37.73 13.22
N MET C 188 28.70 38.82 13.74
CA MET C 188 28.45 40.16 13.27
C MET C 188 29.56 40.56 12.32
N LEU C 189 29.22 41.22 11.21
CA LEU C 189 30.19 41.56 10.19
C LEU C 189 30.20 43.05 9.88
N PHE C 197 31.05 28.67 6.08
CA PHE C 197 31.10 27.37 6.73
C PHE C 197 31.21 26.26 5.70
N SER C 198 31.54 25.05 6.16
CA SER C 198 31.53 23.87 5.31
C SER C 198 30.53 22.89 5.86
N TYR C 199 29.98 22.05 4.97
CA TYR C 199 28.93 21.12 5.32
C TYR C 199 29.18 19.78 4.64
N GLU C 200 28.76 18.70 5.31
CA GLU C 200 28.96 17.35 4.83
C GLU C 200 27.61 16.66 4.66
N PHE C 201 27.23 16.37 3.41
CA PHE C 201 25.95 15.74 3.15
C PHE C 201 25.90 14.34 3.75
N GLU C 202 24.75 13.99 4.28
CA GLU C 202 24.59 12.64 4.81
C GLU C 202 24.33 11.66 3.67
N ASN C 203 24.67 10.41 3.91
CA ASN C 203 24.65 9.40 2.86
C ASN C 203 23.24 9.21 2.34
N VAL C 204 23.06 9.40 1.04
CA VAL C 204 21.76 9.24 0.39
C VAL C 204 21.97 8.44 -0.88
N PRO C 205 20.92 7.82 -1.41
CA PRO C 205 21.07 7.05 -2.65
C PRO C 205 21.24 7.96 -3.85
N PHE C 206 21.94 7.44 -4.86
CA PHE C 206 22.06 8.14 -6.12
C PHE C 206 20.69 8.42 -6.71
N HIS C 207 20.49 9.65 -7.20
CA HIS C 207 19.38 9.86 -8.09
C HIS C 207 19.62 9.10 -9.38
N SER C 208 18.61 8.37 -9.82
CA SER C 208 18.77 7.46 -10.95
C SER C 208 18.42 8.21 -12.22
N SER C 209 19.43 8.52 -13.01
CA SER C 209 19.21 9.18 -14.29
C SER C 209 19.34 8.09 -15.35
N TYR C 210 18.20 7.61 -15.80
CA TYR C 210 18.09 6.58 -16.81
C TYR C 210 16.64 6.20 -16.98
N ALA C 211 16.31 5.56 -18.09
CA ALA C 211 14.98 5.08 -18.35
C ALA C 211 15.06 3.65 -18.85
N HIS C 212 14.41 2.75 -18.14
CA HIS C 212 14.51 1.33 -18.42
C HIS C 212 14.26 1.03 -19.88
N SER C 213 15.07 0.15 -20.45
CA SER C 213 14.87 -0.35 -21.80
C SER C 213 14.02 -1.61 -21.83
N GLN C 214 13.50 -2.04 -20.68
CA GLN C 214 12.53 -3.10 -20.57
C GLN C 214 11.34 -2.61 -19.77
N SER C 215 10.25 -3.35 -19.83
CA SER C 215 9.06 -3.05 -19.03
C SER C 215 8.86 -4.14 -18.00
N LEU C 216 8.17 -3.78 -16.93
CA LEU C 216 8.01 -4.71 -15.80
C LEU C 216 7.30 -5.99 -16.21
N ASP C 217 6.35 -5.91 -17.13
CA ASP C 217 5.55 -7.05 -17.51
C ASP C 217 6.14 -7.85 -18.67
N ARG C 218 7.14 -7.33 -19.36
CA ARG C 218 7.80 -8.01 -20.47
C ARG C 218 9.16 -8.62 -20.12
N LEU C 219 9.53 -8.70 -18.84
CA LEU C 219 10.84 -9.23 -18.46
C LEU C 219 11.12 -10.66 -18.93
N MET C 220 10.11 -11.36 -19.43
CA MET C 220 10.16 -12.77 -19.79
C MET C 220 11.07 -13.07 -20.99
N ASN C 221 11.39 -14.35 -21.13
CA ASN C 221 12.03 -14.85 -22.35
C ASN C 221 10.96 -15.07 -23.42
N PRO C 222 11.01 -14.37 -24.56
CA PRO C 222 9.95 -14.51 -25.56
C PRO C 222 9.95 -15.84 -26.30
N LEU C 223 10.99 -16.65 -26.21
CA LEU C 223 11.09 -17.85 -27.01
C LEU C 223 10.62 -19.12 -26.29
N ILE C 224 10.41 -19.07 -24.98
CA ILE C 224 10.26 -20.28 -24.19
C ILE C 224 8.93 -20.24 -23.44
N ASP C 225 8.30 -21.38 -23.31
CA ASP C 225 7.12 -21.52 -22.47
C ASP C 225 7.51 -21.62 -21.00
N GLN C 226 6.64 -21.10 -20.14
CA GLN C 226 6.76 -21.39 -18.72
C GLN C 226 6.24 -22.78 -18.42
N TYR C 227 6.65 -23.30 -17.27
CA TYR C 227 6.13 -24.56 -16.79
C TYR C 227 4.90 -24.40 -15.91
N LEU C 228 4.36 -23.20 -15.82
CA LEU C 228 3.18 -22.96 -15.01
C LEU C 228 1.94 -22.92 -15.88
N TYR C 229 0.84 -23.41 -15.32
CA TYR C 229 -0.43 -23.47 -16.01
C TYR C 229 -1.38 -22.40 -15.47
N TYR C 230 -2.25 -21.90 -16.34
CA TYR C 230 -3.31 -20.98 -15.94
C TYR C 230 -4.63 -21.60 -16.37
N LEU C 231 -5.72 -21.05 -15.86
CA LEU C 231 -7.05 -21.59 -16.13
C LEU C 231 -7.58 -20.89 -17.37
N SER C 232 -7.63 -21.60 -18.49
CA SER C 232 -8.04 -21.02 -19.75
C SER C 232 -9.55 -21.03 -19.97
N LYS C 233 -10.24 -22.12 -19.66
CA LYS C 233 -11.65 -22.29 -20.00
C LYS C 233 -12.44 -22.73 -18.79
N THR C 234 -13.49 -21.97 -18.45
CA THR C 234 -14.43 -22.37 -17.42
C THR C 234 -15.72 -22.98 -17.94
N ILE C 235 -15.96 -23.02 -19.24
CA ILE C 235 -17.14 -23.66 -19.82
C ILE C 235 -16.80 -24.26 -21.17
N ASN C 236 -17.59 -25.24 -21.59
CA ASN C 236 -17.39 -25.86 -22.90
C ASN C 236 -17.92 -24.98 -24.02
N GLY C 237 -19.13 -24.46 -23.85
CA GLY C 237 -19.77 -23.66 -24.88
C GLY C 237 -21.11 -23.19 -24.40
N SER C 238 -21.80 -22.45 -25.28
CA SER C 238 -23.11 -21.92 -24.94
C SER C 238 -24.07 -23.06 -24.65
N GLY C 239 -24.78 -22.95 -23.53
CA GLY C 239 -25.73 -23.98 -23.14
C GLY C 239 -25.86 -24.01 -21.62
N GLN C 240 -26.66 -24.96 -21.15
CA GLN C 240 -26.91 -25.12 -19.73
C GLN C 240 -26.00 -26.20 -19.16
N ASN C 241 -25.45 -25.93 -17.97
CA ASN C 241 -24.68 -26.90 -17.20
C ASN C 241 -23.43 -27.35 -17.96
N GLN C 242 -22.73 -26.38 -18.55
CA GLN C 242 -21.54 -26.65 -19.34
C GLN C 242 -20.25 -26.49 -18.55
N GLN C 243 -20.33 -26.29 -17.24
CA GLN C 243 -19.15 -25.95 -16.46
C GLN C 243 -18.04 -26.98 -16.64
N THR C 244 -16.81 -26.50 -16.78
CA THR C 244 -15.64 -27.34 -16.91
C THR C 244 -14.42 -26.52 -16.50
N LEU C 245 -13.31 -27.21 -16.26
CA LEU C 245 -12.05 -26.55 -15.94
C LEU C 245 -10.97 -27.04 -16.89
N LYS C 246 -10.38 -26.12 -17.65
CA LYS C 246 -9.33 -26.43 -18.60
C LYS C 246 -8.14 -25.54 -18.32
N PHE C 247 -6.97 -26.14 -18.22
CA PHE C 247 -5.74 -25.44 -17.88
C PHE C 247 -4.80 -25.44 -19.07
N SER C 248 -3.96 -24.41 -19.15
CA SER C 248 -3.13 -24.18 -20.33
C SER C 248 -1.77 -23.66 -19.92
N VAL C 249 -0.77 -23.94 -20.75
CA VAL C 249 0.57 -23.43 -20.52
C VAL C 249 0.64 -21.96 -20.90
N ALA C 250 1.24 -21.16 -20.02
CA ALA C 250 1.51 -19.77 -20.33
C ALA C 250 2.84 -19.67 -21.06
N GLY C 251 2.85 -18.91 -22.15
CA GLY C 251 4.00 -18.81 -23.01
C GLY C 251 3.91 -17.60 -23.90
N PRO C 252 4.78 -17.52 -24.92
CA PRO C 252 4.82 -16.32 -25.77
C PRO C 252 3.49 -16.00 -26.41
N SER C 253 2.69 -17.01 -26.74
CA SER C 253 1.42 -16.78 -27.41
C SER C 253 0.49 -15.90 -26.59
N ASN C 254 0.33 -16.20 -25.30
CA ASN C 254 -0.42 -15.34 -24.38
C ASN C 254 0.53 -14.94 -23.26
N MET C 255 0.98 -13.69 -23.27
CA MET C 255 1.96 -13.22 -22.29
C MET C 255 1.31 -12.52 -21.10
N ALA C 256 0.02 -12.20 -21.16
CA ALA C 256 -0.59 -11.45 -20.08
C ALA C 256 -0.91 -12.33 -18.88
N VAL C 257 -0.99 -13.64 -19.08
CA VAL C 257 -1.38 -14.56 -18.02
C VAL C 257 -0.20 -15.22 -17.33
N GLN C 258 1.03 -14.96 -17.76
CA GLN C 258 2.17 -15.63 -17.15
C GLN C 258 2.35 -15.18 -15.72
N GLY C 259 2.92 -16.08 -14.91
CA GLY C 259 3.27 -15.72 -13.56
C GLY C 259 4.49 -14.80 -13.54
N ARG C 260 4.47 -13.85 -12.63
CA ARG C 260 5.52 -12.83 -12.53
C ARG C 260 5.94 -12.66 -11.08
N ASN C 261 7.21 -12.31 -10.91
CA ASN C 261 7.79 -12.16 -9.58
C ASN C 261 7.58 -10.79 -8.97
N TYR C 262 7.22 -9.78 -9.74
CA TYR C 262 7.09 -8.42 -9.20
C TYR C 262 5.93 -7.71 -9.85
N ILE C 263 5.52 -6.60 -9.23
CA ILE C 263 4.31 -5.87 -9.61
C ILE C 263 4.63 -4.39 -9.55
N PRO C 264 3.87 -3.55 -10.25
CA PRO C 264 4.21 -2.13 -10.32
C PRO C 264 3.88 -1.37 -9.04
N GLY C 265 4.46 -0.17 -8.94
CA GLY C 265 4.36 0.64 -7.76
C GLY C 265 2.95 1.07 -7.40
N PRO C 266 2.80 1.68 -6.22
CA PRO C 266 1.47 2.06 -5.74
C PRO C 266 0.88 3.22 -6.52
N SER C 267 -0.44 3.35 -6.43
CA SER C 267 -1.17 4.33 -7.19
C SER C 267 -2.16 5.06 -6.30
N TYR C 268 -2.34 6.34 -6.57
CA TYR C 268 -3.42 7.14 -5.99
C TYR C 268 -3.97 7.97 -7.14
N ARG C 269 -5.19 7.71 -7.58
CA ARG C 269 -5.56 8.17 -8.92
C ARG C 269 -5.70 9.68 -8.96
N GLN C 270 -5.34 10.26 -10.11
CA GLN C 270 -5.47 11.67 -10.41
C GLN C 270 -6.52 11.82 -11.51
N GLN C 271 -7.14 12.99 -11.57
CA GLN C 271 -8.02 13.30 -12.68
C GLN C 271 -7.19 13.60 -13.91
N ARG C 272 -7.80 13.45 -15.08
CA ARG C 272 -7.09 13.63 -16.34
C ARG C 272 -7.54 14.91 -17.01
N VAL C 273 -6.63 15.85 -17.18
CA VAL C 273 -6.88 17.11 -17.85
C VAL C 273 -6.23 17.03 -19.22
N SER C 274 -6.81 17.71 -20.20
CA SER C 274 -6.30 17.68 -21.57
C SER C 274 -5.83 19.07 -22.00
N THR C 275 -4.62 19.12 -22.57
CA THR C 275 -4.11 20.38 -23.11
C THR C 275 -4.97 20.90 -24.25
N THR C 276 -5.56 20.01 -25.06
CA THR C 276 -6.57 20.41 -26.02
C THR C 276 -7.87 20.57 -25.25
N VAL C 277 -8.41 21.78 -25.24
CA VAL C 277 -9.44 22.12 -24.26
C VAL C 277 -10.82 21.67 -24.71
N THR C 278 -10.93 21.07 -25.89
CA THR C 278 -12.26 20.71 -26.38
C THR C 278 -12.63 19.29 -25.97
N GLN C 279 -11.69 18.54 -25.41
CA GLN C 279 -12.08 17.30 -24.72
C GLN C 279 -12.56 17.58 -23.31
N ASN C 280 -12.06 18.63 -22.68
CA ASN C 280 -12.36 18.90 -21.28
C ASN C 280 -13.83 19.22 -21.09
N ASN C 281 -14.33 18.96 -19.88
CA ASN C 281 -15.73 19.21 -19.60
C ASN C 281 -15.98 20.71 -19.40
N ASN C 282 -17.15 21.17 -19.80
CA ASN C 282 -17.57 22.53 -19.69
C ASN C 282 -18.10 22.78 -18.29
N SER C 283 -17.27 22.47 -17.30
CA SER C 283 -17.61 22.66 -15.89
C SER C 283 -16.34 22.97 -15.12
N GLU C 284 -16.47 23.54 -13.93
CA GLU C 284 -15.28 23.85 -13.16
C GLU C 284 -14.96 22.67 -12.26
N PHE C 285 -13.90 21.95 -12.60
CA PHE C 285 -13.47 20.81 -11.83
C PHE C 285 -12.07 20.96 -11.28
N ALA C 286 -11.52 22.16 -11.30
CA ALA C 286 -10.16 22.33 -10.82
C ALA C 286 -9.99 22.01 -9.33
N TRP C 287 -10.90 22.47 -8.49
CA TRP C 287 -10.79 22.16 -7.06
C TRP C 287 -11.72 21.03 -6.65
N PRO C 288 -12.93 21.01 -7.22
CA PRO C 288 -13.95 19.99 -6.97
C PRO C 288 -13.55 18.59 -7.41
N GLY C 289 -12.87 18.48 -8.55
CA GLY C 289 -12.48 17.19 -9.07
C GLY C 289 -11.10 16.69 -8.74
N ALA C 290 -10.36 17.42 -7.92
CA ALA C 290 -9.00 17.02 -7.57
C ALA C 290 -8.84 16.09 -6.37
N SER C 291 -7.86 15.20 -6.48
CA SER C 291 -7.50 14.27 -5.41
C SER C 291 -6.86 15.04 -4.27
N SER C 292 -7.37 14.86 -3.06
CA SER C 292 -6.89 15.59 -1.90
C SER C 292 -6.74 14.65 -0.74
N TRP C 293 -6.03 15.12 0.29
CA TRP C 293 -5.96 14.45 1.57
C TRP C 293 -6.33 15.42 2.67
N ALA C 294 -7.00 14.92 3.69
CA ALA C 294 -7.54 15.73 4.77
C ALA C 294 -6.78 15.45 6.06
N LEU C 295 -6.38 16.51 6.75
CA LEU C 295 -5.64 16.39 7.99
C LEU C 295 -6.22 17.38 8.98
N ASN C 296 -6.76 16.86 10.09
CA ASN C 296 -7.38 17.71 11.11
C ASN C 296 -8.50 18.56 10.51
N GLY C 297 -9.32 17.94 9.67
CA GLY C 297 -10.48 18.59 9.12
C GLY C 297 -10.22 19.47 7.92
N ARG C 298 -8.97 19.84 7.67
CA ARG C 298 -8.60 20.65 6.51
C ARG C 298 -8.14 19.75 5.38
N ASN C 299 -8.75 19.93 4.22
CA ASN C 299 -8.33 19.23 3.02
C ASN C 299 -7.11 19.91 2.44
N SER C 300 -6.28 19.14 1.76
CA SER C 300 -5.13 19.65 1.03
C SER C 300 -5.00 18.90 -0.28
N LEU C 301 -4.84 19.64 -1.36
CA LEU C 301 -4.65 19.04 -2.67
C LEU C 301 -3.47 18.08 -2.64
N MET C 302 -3.60 16.96 -3.35
CA MET C 302 -2.50 16.00 -3.41
C MET C 302 -1.61 16.43 -4.56
N ASN C 303 -0.50 17.06 -4.22
CA ASN C 303 0.37 17.66 -5.21
C ASN C 303 1.82 17.51 -4.77
N PRO C 304 2.71 17.07 -5.67
CA PRO C 304 2.39 16.35 -6.91
C PRO C 304 1.86 14.95 -6.64
N GLY C 305 2.19 14.40 -5.47
CA GLY C 305 1.68 13.12 -5.05
C GLY C 305 2.61 11.97 -5.36
N PRO C 306 2.11 10.74 -5.25
CA PRO C 306 2.94 9.57 -5.57
C PRO C 306 3.43 9.62 -7.01
N ALA C 307 4.66 9.13 -7.20
CA ALA C 307 5.26 9.18 -8.53
C ALA C 307 4.61 8.13 -9.41
N MET C 308 4.03 8.59 -10.51
CA MET C 308 3.35 7.73 -11.46
C MET C 308 3.54 8.30 -12.85
N ALA C 309 3.46 7.43 -13.85
CA ALA C 309 3.56 7.89 -15.23
C ALA C 309 2.45 8.89 -15.52
N SER C 310 2.75 9.86 -16.37
CA SER C 310 1.83 10.97 -16.57
C SER C 310 0.69 10.58 -17.49
N HIS C 311 0.97 9.75 -18.49
CA HIS C 311 0.01 9.46 -19.54
C HIS C 311 0.40 8.16 -20.20
N LYS C 312 -0.57 7.52 -20.85
CA LYS C 312 -0.30 6.27 -21.53
C LYS C 312 0.51 6.52 -22.79
N GLU C 313 1.14 5.44 -23.27
CA GLU C 313 1.95 5.55 -24.47
C GLU C 313 1.09 5.95 -25.65
N GLY C 314 1.51 7.01 -26.33
CA GLY C 314 0.78 7.56 -27.46
C GLY C 314 -0.06 8.77 -27.14
N GLU C 315 -0.41 9.00 -25.88
CA GLU C 315 -1.22 10.15 -25.48
C GLU C 315 -0.29 11.12 -24.77
N ASP C 316 0.11 12.19 -25.45
CA ASP C 316 0.88 13.25 -24.81
C ASP C 316 0.04 14.45 -24.45
N ARG C 317 -1.24 14.46 -24.82
CA ARG C 317 -2.06 15.64 -24.65
C ARG C 317 -2.73 15.67 -23.27
N PHE C 318 -2.61 14.60 -22.51
CA PHE C 318 -3.22 14.51 -21.19
C PHE C 318 -2.15 14.67 -20.13
N PHE C 319 -2.55 15.20 -18.98
CA PHE C 319 -1.69 15.34 -17.82
C PHE C 319 -2.57 15.24 -16.59
N PRO C 320 -2.02 14.73 -15.48
CA PRO C 320 -2.79 14.59 -14.24
C PRO C 320 -3.16 15.97 -13.71
N LEU C 321 -4.30 16.10 -13.06
CA LEU C 321 -4.72 17.42 -12.61
C LEU C 321 -3.74 18.05 -11.63
N SER C 322 -3.27 17.30 -10.64
CA SER C 322 -2.30 17.83 -9.68
C SER C 322 -1.07 16.95 -9.57
N GLY C 323 -0.88 16.05 -10.54
CA GLY C 323 0.23 15.12 -10.50
C GLY C 323 1.53 15.47 -11.19
N SER C 324 1.62 16.66 -11.77
CA SER C 324 2.84 17.05 -12.47
C SER C 324 3.37 18.38 -11.96
N LEU C 325 4.68 18.56 -12.04
CA LEU C 325 5.28 19.82 -11.63
C LEU C 325 5.10 20.76 -12.80
N ILE C 326 4.62 21.96 -12.53
CA ILE C 326 4.39 22.95 -13.58
C ILE C 326 5.25 24.16 -13.28
N PHE C 327 6.16 24.46 -14.20
CA PHE C 327 7.04 25.62 -14.09
C PHE C 327 6.54 26.70 -15.02
N GLY C 328 6.78 27.95 -14.65
CA GLY C 328 6.46 29.05 -15.53
C GLY C 328 7.61 29.42 -16.45
N LYS C 329 7.26 29.90 -17.63
CA LYS C 329 8.26 30.45 -18.53
C LYS C 329 8.70 31.83 -18.04
N GLN C 330 9.86 32.27 -18.53
CA GLN C 330 10.42 33.54 -18.08
C GLN C 330 9.46 34.69 -18.35
N GLY C 331 9.16 35.45 -17.30
CA GLY C 331 8.27 36.58 -17.42
C GLY C 331 6.81 36.26 -17.30
N THR C 332 6.45 35.10 -16.77
CA THR C 332 5.06 34.70 -16.67
C THR C 332 4.41 35.31 -15.42
N GLY C 333 3.24 35.89 -15.60
CA GLY C 333 2.54 36.55 -14.52
C GLY C 333 2.12 35.58 -13.44
N ARG C 334 1.61 36.15 -12.35
CA ARG C 334 1.28 35.36 -11.17
C ARG C 334 -0.09 34.70 -11.24
N ASP C 335 -1.06 35.30 -11.91
CA ASP C 335 -2.46 34.89 -11.76
C ASP C 335 -3.09 34.59 -13.11
N ASN C 336 -3.67 33.39 -13.22
CA ASN C 336 -4.50 33.00 -14.36
C ASN C 336 -3.78 33.15 -15.70
N VAL C 337 -2.60 32.56 -15.81
CA VAL C 337 -1.89 32.52 -17.08
C VAL C 337 -2.41 31.36 -17.93
N ASP C 338 -2.28 31.50 -19.24
CA ASP C 338 -2.72 30.45 -20.15
C ASP C 338 -1.77 29.27 -20.12
N ALA C 339 -2.11 28.24 -20.90
CA ALA C 339 -1.37 26.99 -20.88
C ALA C 339 -0.05 27.07 -21.62
N ASP C 340 0.14 28.08 -22.47
CA ASP C 340 1.41 28.24 -23.17
C ASP C 340 2.42 29.04 -22.39
N LYS C 341 2.02 29.68 -21.31
CA LYS C 341 2.93 30.41 -20.44
C LYS C 341 3.62 29.53 -19.40
N VAL C 342 3.18 28.28 -19.25
CA VAL C 342 3.73 27.39 -18.24
C VAL C 342 4.37 26.18 -18.91
N MET C 343 5.31 25.57 -18.20
CA MET C 343 6.03 24.39 -18.69
C MET C 343 5.63 23.20 -17.84
N ILE C 344 4.86 22.28 -18.41
CA ILE C 344 4.37 21.11 -17.69
C ILE C 344 5.31 19.95 -17.93
N THR C 345 5.93 19.45 -16.88
CA THR C 345 6.79 18.30 -16.97
C THR C 345 5.96 17.01 -16.97
N ASN C 346 6.54 15.96 -17.55
CA ASN C 346 5.87 14.67 -17.63
C ASN C 346 6.84 13.55 -17.28
N GLU C 347 6.30 12.52 -16.64
CA GLU C 347 7.06 11.40 -16.11
C GLU C 347 7.12 10.21 -17.04
N GLU C 348 6.72 10.36 -18.30
CA GLU C 348 6.52 9.22 -19.19
C GLU C 348 7.71 8.26 -19.25
N GLU C 349 8.89 8.66 -18.78
CA GLU C 349 10.00 7.71 -18.74
C GLU C 349 9.73 6.53 -17.81
N ILE C 350 8.96 6.74 -16.74
CA ILE C 350 8.82 5.74 -15.69
C ILE C 350 7.61 4.83 -15.92
N LYS C 351 6.97 4.97 -17.08
CA LYS C 351 5.82 4.13 -17.38
C LYS C 351 6.18 2.65 -17.48
N THR C 352 7.46 2.30 -17.43
CA THR C 352 7.85 0.90 -17.42
C THR C 352 7.51 0.23 -16.10
N THR C 353 7.95 0.79 -14.97
CA THR C 353 7.70 0.21 -13.66
C THR C 353 6.54 0.83 -12.89
N ASN C 354 5.91 1.89 -13.39
CA ASN C 354 4.92 2.58 -12.58
C ASN C 354 3.56 2.63 -13.26
N PRO C 355 2.48 2.59 -12.49
CA PRO C 355 1.16 2.74 -13.11
C PRO C 355 0.96 4.15 -13.62
N VAL C 356 -0.04 4.31 -14.49
CA VAL C 356 -0.36 5.63 -15.01
C VAL C 356 -1.20 6.37 -14.00
N ALA C 357 -0.91 7.67 -13.83
CA ALA C 357 -1.57 8.44 -12.77
C ALA C 357 -3.06 8.55 -13.00
N THR C 358 -3.50 8.58 -14.26
CA THR C 358 -4.89 8.80 -14.61
C THR C 358 -5.68 7.52 -14.82
N GLU C 359 -5.08 6.36 -14.53
CA GLU C 359 -5.71 5.06 -14.71
C GLU C 359 -5.84 4.33 -13.38
N SER C 360 -6.76 3.36 -13.35
CA SER C 360 -6.87 2.47 -12.21
C SER C 360 -5.66 1.53 -12.13
N TYR C 361 -5.33 1.12 -10.91
CA TYR C 361 -4.22 0.20 -10.73
C TYR C 361 -4.53 -1.16 -11.35
N GLY C 362 -5.75 -1.64 -11.16
CA GLY C 362 -6.12 -2.94 -11.69
C GLY C 362 -7.49 -3.33 -11.20
N GLN C 363 -7.79 -4.62 -11.30
CA GLN C 363 -9.05 -5.18 -10.83
C GLN C 363 -8.82 -6.11 -9.66
N VAL C 364 -9.83 -6.20 -8.80
CA VAL C 364 -9.92 -7.21 -7.76
C VAL C 364 -11.29 -7.85 -7.85
N ALA C 365 -11.41 -9.06 -7.31
CA ALA C 365 -12.71 -9.71 -7.26
C ALA C 365 -13.48 -9.24 -6.04
N THR C 366 -14.75 -8.89 -6.25
CA THR C 366 -15.58 -8.41 -5.15
C THR C 366 -16.57 -9.43 -4.58
N ASN C 367 -16.62 -10.67 -5.10
CA ASN C 367 -17.60 -11.61 -4.57
C ASN C 367 -17.13 -13.04 -4.81
N HIS C 368 -17.79 -13.97 -4.13
CA HIS C 368 -17.65 -15.40 -4.39
C HIS C 368 -18.64 -15.81 -5.46
N GLN C 369 -18.13 -16.34 -6.56
CA GLN C 369 -19.00 -16.81 -7.62
C GLN C 369 -19.72 -18.07 -7.18
N SER C 370 -20.79 -18.39 -7.89
CA SER C 370 -21.47 -19.68 -7.76
C SER C 370 -22.43 -19.76 -8.93
N ALA C 371 -23.17 -20.87 -9.01
CA ALA C 371 -24.18 -20.98 -10.05
C ALA C 371 -25.17 -19.83 -9.97
N GLN C 372 -25.44 -19.33 -8.77
CA GLN C 372 -26.36 -18.21 -8.60
C GLN C 372 -25.68 -16.86 -8.85
N ALA C 373 -24.41 -16.74 -8.50
CA ALA C 373 -23.71 -15.45 -8.49
C ALA C 373 -22.62 -15.42 -9.54
N GLN C 374 -22.68 -14.43 -10.42
CA GLN C 374 -21.67 -14.26 -11.45
C GLN C 374 -20.43 -13.60 -10.88
N ALA C 375 -19.32 -13.67 -11.60
CA ALA C 375 -18.09 -13.05 -11.14
C ALA C 375 -18.25 -11.54 -11.13
N GLN C 376 -17.74 -10.89 -10.09
CA GLN C 376 -17.81 -9.45 -9.97
C GLN C 376 -16.43 -8.90 -9.68
N THR C 377 -16.06 -7.80 -10.35
CA THR C 377 -14.75 -7.19 -10.14
C THR C 377 -14.89 -5.69 -9.96
N GLY C 378 -13.95 -5.10 -9.24
CA GLY C 378 -13.95 -3.67 -9.01
C GLY C 378 -12.61 -3.12 -9.44
N TRP C 379 -12.56 -1.85 -9.82
CA TRP C 379 -11.30 -1.28 -10.27
C TRP C 379 -10.64 -0.52 -9.13
N VAL C 380 -9.38 -0.84 -8.87
CA VAL C 380 -8.69 -0.25 -7.73
C VAL C 380 -8.27 1.17 -8.08
N GLN C 381 -8.83 2.13 -7.37
CA GLN C 381 -8.50 3.54 -7.59
C GLN C 381 -7.24 3.95 -6.86
N ASN C 382 -7.09 3.53 -5.61
CA ASN C 382 -5.88 3.74 -4.83
C ASN C 382 -5.37 2.39 -4.35
N GLN C 383 -4.07 2.19 -4.46
CA GLN C 383 -3.44 0.95 -4.02
C GLN C 383 -2.23 1.30 -3.19
N GLY C 384 -2.19 0.80 -1.96
CA GLY C 384 -1.04 0.99 -1.11
C GLY C 384 0.07 0.05 -1.45
N ILE C 385 1.15 0.16 -0.67
CA ILE C 385 2.29 -0.74 -0.86
C ILE C 385 1.87 -2.17 -0.60
N LEU C 386 2.33 -3.07 -1.46
CA LEU C 386 2.23 -4.50 -1.28
C LEU C 386 3.62 -5.09 -1.41
N PRO C 387 3.88 -6.23 -0.78
CA PRO C 387 5.20 -6.86 -0.94
C PRO C 387 5.43 -7.26 -2.38
N GLY C 388 6.65 -7.03 -2.86
CA GLY C 388 6.99 -7.36 -4.21
C GLY C 388 6.74 -6.28 -5.24
N MET C 389 6.38 -5.08 -4.81
CA MET C 389 6.26 -3.95 -5.73
C MET C 389 7.63 -3.36 -6.03
N VAL C 390 7.74 -2.73 -7.19
CA VAL C 390 8.90 -1.93 -7.55
C VAL C 390 8.40 -0.64 -8.18
N TRP C 391 9.19 0.42 -8.07
CA TRP C 391 8.81 1.71 -8.63
C TRP C 391 10.04 2.56 -8.84
N GLN C 392 9.88 3.57 -9.69
CA GLN C 392 10.85 4.65 -9.89
C GLN C 392 10.35 5.91 -9.22
N ASP C 393 11.26 6.62 -8.56
CA ASP C 393 10.91 7.89 -7.93
C ASP C 393 10.78 8.97 -8.99
N ARG C 394 10.39 10.17 -8.56
CA ARG C 394 10.16 11.25 -9.50
C ARG C 394 11.48 11.86 -9.96
N ASP C 395 11.48 12.34 -11.19
CA ASP C 395 12.69 12.86 -11.82
C ASP C 395 13.03 14.22 -11.24
N VAL C 396 14.29 14.62 -11.41
CA VAL C 396 14.72 15.95 -11.01
C VAL C 396 14.99 16.75 -12.27
N TYR C 397 14.83 18.06 -12.16
CA TYR C 397 14.96 18.97 -13.29
C TYR C 397 15.97 20.05 -12.96
N LEU C 398 16.48 20.69 -14.01
CA LEU C 398 17.38 21.82 -13.82
C LEU C 398 16.73 22.89 -12.96
N GLN C 399 15.42 23.07 -13.09
CA GLN C 399 14.68 24.10 -12.39
C GLN C 399 14.13 23.65 -11.03
N GLY C 400 14.27 22.37 -10.70
CA GLY C 400 13.57 21.81 -9.57
C GLY C 400 14.40 21.75 -8.31
N PRO C 401 13.79 21.31 -7.22
CA PRO C 401 14.48 21.30 -5.93
C PRO C 401 15.53 20.21 -5.86
N ILE C 402 16.55 20.45 -5.05
CA ILE C 402 17.62 19.48 -4.88
C ILE C 402 17.28 18.56 -3.72
N TRP C 403 17.15 19.11 -2.51
CA TRP C 403 16.92 18.31 -1.32
C TRP C 403 15.64 18.76 -0.62
N ALA C 404 15.20 17.92 0.31
CA ALA C 404 14.16 18.26 1.25
C ALA C 404 14.54 17.71 2.61
N LYS C 405 13.88 18.21 3.65
CA LYS C 405 14.09 17.70 5.00
C LYS C 405 13.01 16.68 5.32
N ILE C 406 13.43 15.55 5.85
CA ILE C 406 12.45 14.55 6.29
C ILE C 406 11.85 15.00 7.62
N PRO C 407 10.54 15.03 7.78
CA PRO C 407 9.96 15.37 9.07
C PRO C 407 10.43 14.41 10.15
N HIS C 408 10.53 14.92 11.36
CA HIS C 408 11.09 14.13 12.46
C HIS C 408 9.93 13.43 13.14
N THR C 409 9.85 12.11 12.95
CA THR C 409 8.65 11.37 13.31
C THR C 409 9.03 9.96 13.72
N ASP C 410 8.07 9.26 14.32
CA ASP C 410 8.29 7.88 14.73
C ASP C 410 8.51 6.98 13.52
N GLY C 411 7.82 7.24 12.43
CA GLY C 411 7.96 6.40 11.25
C GLY C 411 7.76 7.18 9.97
N ASN C 412 8.30 6.60 8.89
CA ASN C 412 8.09 7.09 7.54
C ASN C 412 8.37 5.94 6.59
N PHE C 413 7.86 6.04 5.37
CA PHE C 413 8.15 5.04 4.37
C PHE C 413 8.68 5.70 3.11
N HIS C 414 9.80 5.19 2.63
CA HIS C 414 10.52 5.65 1.44
C HIS C 414 10.60 7.17 1.49
N PRO C 415 11.42 7.71 2.37
CA PRO C 415 11.42 9.15 2.65
C PRO C 415 11.72 10.06 1.48
N SER C 416 12.13 9.52 0.33
CA SER C 416 12.40 10.34 -0.84
C SER C 416 11.25 11.31 -1.10
N PRO C 417 11.52 12.60 -1.26
CA PRO C 417 10.43 13.58 -1.29
C PRO C 417 9.62 13.52 -2.57
N LEU C 418 8.36 13.93 -2.46
CA LEU C 418 7.43 13.74 -3.56
C LEU C 418 7.61 14.75 -4.68
N MET C 419 8.24 15.89 -4.43
CA MET C 419 8.52 16.82 -5.50
C MET C 419 9.80 16.52 -6.25
N GLY C 420 10.56 15.53 -5.80
CA GLY C 420 11.81 15.17 -6.41
C GLY C 420 13.00 15.60 -5.57
N GLY C 421 14.14 14.97 -5.84
CA GLY C 421 15.35 15.28 -5.14
C GLY C 421 15.70 14.30 -4.04
N PHE C 422 16.57 14.76 -3.13
CA PHE C 422 17.19 13.93 -2.11
C PHE C 422 16.61 14.28 -0.75
N GLY C 423 15.86 13.35 -0.16
CA GLY C 423 15.39 13.56 1.20
C GLY C 423 16.50 13.31 2.20
N MET C 424 16.55 14.16 3.22
CA MET C 424 17.63 14.12 4.20
C MET C 424 17.10 14.48 5.58
N LYS C 425 17.55 13.76 6.60
CA LYS C 425 17.20 14.12 7.96
C LYS C 425 17.99 15.32 8.44
N HIS C 426 19.18 15.52 7.90
CA HIS C 426 20.05 16.64 8.25
C HIS C 426 20.46 17.30 6.94
N PRO C 427 19.56 18.05 6.31
CA PRO C 427 19.89 18.69 5.06
C PRO C 427 20.80 19.88 5.29
N PRO C 428 21.26 20.56 4.25
CA PRO C 428 22.05 21.76 4.44
C PRO C 428 21.33 22.76 5.32
N PRO C 429 21.99 23.27 6.34
CA PRO C 429 21.31 24.08 7.35
C PRO C 429 20.82 25.40 6.78
N GLN C 430 19.84 25.97 7.45
CA GLN C 430 19.37 27.29 7.08
C GLN C 430 20.42 28.34 7.45
N ILE C 431 20.53 29.36 6.63
CA ILE C 431 21.48 30.44 6.84
C ILE C 431 20.68 31.73 6.96
N LEU C 432 20.66 32.30 8.15
CA LEU C 432 19.84 33.47 8.44
C LEU C 432 20.72 34.70 8.46
N ILE C 433 20.18 35.84 8.02
CA ILE C 433 20.94 37.08 7.92
C ILE C 433 20.00 38.26 8.10
N LYS C 434 20.50 39.32 8.75
CA LYS C 434 19.74 40.56 8.86
C LYS C 434 20.71 41.72 9.03
N ASN C 435 20.21 42.92 8.80
CA ASN C 435 20.93 44.14 9.14
C ASN C 435 20.76 44.44 10.63
N THR C 436 21.84 44.80 11.29
CA THR C 436 21.75 45.14 12.71
C THR C 436 21.16 46.54 12.86
N PRO C 437 20.09 46.71 13.63
CA PRO C 437 19.38 47.99 13.64
C PRO C 437 20.20 49.10 14.27
N VAL C 438 20.19 50.27 13.64
CA VAL C 438 20.89 51.46 14.11
C VAL C 438 19.84 52.52 14.41
N PRO C 439 19.65 52.92 15.67
CA PRO C 439 18.66 53.94 16.05
C PRO C 439 19.15 55.37 15.87
N LEU C 451 12.53 52.08 21.30
CA LEU C 451 12.96 52.97 20.23
C LEU C 451 12.58 52.44 18.86
N ASN C 452 11.65 53.11 18.19
CA ASN C 452 11.21 52.72 16.86
C ASN C 452 11.88 53.52 15.75
N SER C 453 12.71 54.50 16.08
CA SER C 453 13.31 55.39 15.09
C SER C 453 14.68 54.86 14.70
N PHE C 454 14.80 54.39 13.46
CA PHE C 454 16.04 53.81 12.96
C PHE C 454 16.41 54.49 11.65
N ILE C 455 17.65 54.27 11.24
CA ILE C 455 18.14 54.84 9.98
C ILE C 455 17.84 53.85 8.86
N THR C 456 17.30 54.34 7.76
CA THR C 456 17.05 53.47 6.61
C THR C 456 18.38 52.92 6.09
N GLN C 457 18.49 51.60 6.07
CA GLN C 457 19.80 50.99 5.84
C GLN C 457 19.60 49.63 5.18
N TYR C 458 20.49 49.33 4.23
CA TYR C 458 20.47 48.05 3.53
C TYR C 458 21.91 47.63 3.27
N SER C 459 22.07 46.37 2.88
CA SER C 459 23.39 45.80 2.67
C SER C 459 23.44 45.10 1.32
N THR C 460 24.66 44.76 0.91
CA THR C 460 24.88 43.97 -0.29
C THR C 460 26.24 43.30 -0.19
N GLY C 461 26.45 42.29 -1.01
CA GLY C 461 27.68 41.53 -0.93
C GLY C 461 27.75 40.48 -2.01
N GLN C 462 28.60 39.48 -1.77
CA GLN C 462 28.83 38.38 -2.69
C GLN C 462 28.64 37.07 -1.95
N VAL C 463 28.11 36.06 -2.62
CA VAL C 463 27.89 34.74 -2.02
C VAL C 463 28.44 33.68 -2.96
N SER C 464 29.40 32.90 -2.47
CA SER C 464 29.95 31.79 -3.23
C SER C 464 29.60 30.48 -2.54
N VAL C 465 28.94 29.59 -3.27
CA VAL C 465 28.54 28.28 -2.77
C VAL C 465 29.16 27.21 -3.65
N GLU C 466 29.65 26.14 -3.04
CA GLU C 466 30.39 25.09 -3.73
C GLU C 466 29.88 23.74 -3.27
N ILE C 467 29.46 22.90 -4.21
CA ILE C 467 28.95 21.57 -3.91
C ILE C 467 29.81 20.56 -4.65
N GLU C 468 30.18 19.49 -3.95
CA GLU C 468 30.90 18.38 -4.55
C GLU C 468 29.92 17.26 -4.87
N TRP C 469 29.75 16.98 -6.15
CA TRP C 469 28.77 16.01 -6.63
C TRP C 469 29.50 14.73 -7.02
N GLU C 470 28.90 13.59 -6.68
CA GLU C 470 29.46 12.29 -7.02
C GLU C 470 28.69 11.72 -8.20
N LEU C 471 29.37 10.97 -9.05
CA LEU C 471 28.81 10.49 -10.32
C LEU C 471 28.81 8.97 -10.36
N GLN C 472 27.97 8.43 -11.24
CA GLN C 472 27.90 7.00 -11.51
C GLN C 472 27.90 6.81 -13.03
N LYS C 473 28.92 6.14 -13.54
CA LYS C 473 29.14 6.09 -14.97
C LYS C 473 28.26 5.06 -15.65
N GLU C 474 28.05 5.29 -16.95
CA GLU C 474 27.18 4.45 -17.78
C GLU C 474 27.98 3.31 -18.37
N ASN C 475 27.68 2.10 -17.92
CA ASN C 475 28.40 0.87 -18.21
C ASN C 475 27.78 0.04 -19.34
N SER C 476 26.75 0.55 -20.02
CA SER C 476 25.88 -0.27 -20.84
C SER C 476 26.59 -0.87 -22.05
N LYS C 477 26.24 -2.11 -22.37
CA LYS C 477 26.69 -2.83 -23.54
C LYS C 477 25.74 -2.71 -24.72
N ARG C 478 24.73 -1.85 -24.60
CA ARG C 478 23.80 -1.61 -25.69
C ARG C 478 24.53 -1.28 -26.98
N TRP C 479 24.14 -1.96 -28.07
CA TRP C 479 24.80 -1.79 -29.35
C TRP C 479 24.44 -0.46 -30.01
N ASN C 480 23.14 -0.21 -30.21
CA ASN C 480 22.70 0.96 -30.96
C ASN C 480 22.81 2.21 -30.09
N PRO C 481 22.87 3.39 -30.71
CA PRO C 481 23.13 4.61 -29.93
C PRO C 481 21.98 5.04 -29.06
N GLU C 482 22.33 5.65 -27.93
CA GLU C 482 21.44 6.18 -26.92
C GLU C 482 20.65 7.37 -27.44
N ILE C 483 19.57 7.70 -26.73
CA ILE C 483 18.97 9.02 -26.84
C ILE C 483 19.78 9.99 -26.00
N GLN C 484 19.93 11.22 -26.49
CA GLN C 484 20.75 12.22 -25.83
C GLN C 484 19.94 13.51 -25.70
N TYR C 485 20.44 14.43 -24.90
CA TYR C 485 19.87 15.77 -24.88
C TYR C 485 20.65 16.66 -25.83
N THR C 486 19.95 17.26 -26.79
CA THR C 486 20.58 18.03 -27.85
C THR C 486 19.89 19.38 -27.98
N SER C 487 20.65 20.37 -28.41
CA SER C 487 20.06 21.56 -29.00
C SER C 487 19.70 21.29 -30.45
N ASN C 488 18.74 22.06 -30.96
CA ASN C 488 18.32 21.89 -32.34
C ASN C 488 19.08 22.84 -33.25
N TYR C 489 19.61 22.29 -34.36
CA TYR C 489 20.42 23.10 -35.25
C TYR C 489 19.59 24.15 -35.97
N TYR C 490 18.28 23.94 -36.11
CA TYR C 490 17.46 24.84 -36.92
C TYR C 490 17.52 26.25 -36.38
N LYS C 491 17.59 27.21 -37.30
CA LYS C 491 17.84 28.60 -36.94
C LYS C 491 16.66 29.22 -36.19
N SER C 492 16.97 30.21 -35.36
CA SER C 492 15.97 30.86 -34.52
C SER C 492 16.41 32.29 -34.26
N ASN C 493 15.46 33.11 -33.78
CA ASN C 493 15.79 34.49 -33.45
C ASN C 493 16.81 34.58 -32.34
N ASN C 494 16.70 33.74 -31.32
CA ASN C 494 17.61 33.76 -30.19
C ASN C 494 18.13 32.36 -29.93
N VAL C 495 19.26 32.28 -29.26
CA VAL C 495 19.82 31.01 -28.82
C VAL C 495 19.13 30.61 -27.53
N GLU C 496 18.76 29.33 -27.43
CA GLU C 496 18.18 28.82 -26.20
C GLU C 496 19.18 28.94 -25.05
N PHE C 497 18.67 29.24 -23.86
CA PHE C 497 19.51 29.40 -22.68
C PHE C 497 20.55 30.50 -22.90
N ALA C 498 20.08 31.69 -23.26
CA ALA C 498 20.92 32.86 -23.40
C ALA C 498 20.04 34.09 -23.36
N VAL C 499 20.66 35.26 -23.40
CA VAL C 499 19.93 36.51 -23.25
C VAL C 499 19.27 36.90 -24.57
N ASN C 500 18.19 37.68 -24.47
CA ASN C 500 17.58 38.28 -25.63
C ASN C 500 18.21 39.64 -25.88
N THR C 501 17.59 40.44 -26.76
CA THR C 501 18.14 41.74 -27.07
C THR C 501 18.01 42.72 -25.91
N GLU C 502 17.18 42.43 -24.91
CA GLU C 502 17.10 43.23 -23.70
C GLU C 502 17.93 42.67 -22.56
N GLY C 503 18.64 41.58 -22.77
CA GLY C 503 19.50 41.04 -21.74
C GLY C 503 18.81 40.23 -20.68
N VAL C 504 17.74 39.51 -21.03
CA VAL C 504 16.94 38.75 -20.08
C VAL C 504 17.18 37.26 -20.30
N TYR C 505 17.83 36.62 -19.33
CA TYR C 505 18.09 35.20 -19.38
C TYR C 505 16.78 34.43 -19.24
N SER C 506 16.57 33.41 -20.07
CA SER C 506 15.36 32.62 -19.95
C SER C 506 15.60 31.15 -20.28
N GLU C 507 14.81 30.27 -19.67
CA GLU C 507 14.94 28.83 -19.93
C GLU C 507 13.74 28.42 -20.76
N PRO C 508 13.99 27.95 -22.00
CA PRO C 508 13.00 27.53 -22.98
C PRO C 508 12.15 26.32 -22.61
N ARG C 509 12.78 25.30 -22.03
CA ARG C 509 12.07 24.08 -21.69
C ARG C 509 12.60 23.45 -20.41
N PRO C 510 11.76 22.67 -19.72
CA PRO C 510 12.24 22.00 -18.51
C PRO C 510 13.10 20.84 -18.95
N ILE C 511 14.26 20.65 -18.34
CA ILE C 511 15.14 19.58 -18.77
C ILE C 511 15.21 18.46 -17.74
N GLY C 512 14.69 17.29 -18.11
CA GLY C 512 14.72 16.15 -17.23
C GLY C 512 16.08 15.50 -17.18
N THR C 513 16.24 14.60 -16.22
CA THR C 513 17.51 13.94 -16.00
C THR C 513 17.64 12.59 -16.69
N ARG C 514 16.56 12.01 -17.19
CA ARG C 514 16.53 10.62 -17.62
C ARG C 514 16.57 10.54 -19.14
N TYR C 515 17.72 10.12 -19.68
CA TYR C 515 17.95 9.93 -21.11
C TYR C 515 18.54 8.56 -21.37
N LEU C 516 19.70 8.28 -20.78
CA LEU C 516 20.35 6.98 -20.92
C LEU C 516 19.42 5.89 -20.41
N THR C 517 19.68 4.67 -20.82
CA THR C 517 18.79 3.56 -20.50
C THR C 517 19.51 2.46 -19.74
N ARG C 518 18.73 1.69 -18.99
CA ARG C 518 19.21 0.48 -18.33
C ARG C 518 18.24 -0.66 -18.60
N ASN C 519 18.68 -1.86 -18.26
CA ASN C 519 17.77 -2.99 -18.20
C ASN C 519 16.99 -2.96 -16.89
N LEU C 520 15.83 -3.58 -16.90
CA LEU C 520 14.99 -3.61 -15.72
C LEU C 520 15.39 -4.77 -14.82
N GLU D 1 -24.30 -9.61 -5.54
CA GLU D 1 -25.35 -9.63 -6.56
C GLU D 1 -26.35 -8.50 -6.31
N VAL D 2 -26.47 -7.60 -7.28
CA VAL D 2 -27.34 -6.44 -7.18
C VAL D 2 -28.74 -6.83 -7.61
N GLN D 3 -29.74 -6.45 -6.79
CA GLN D 3 -31.13 -6.67 -7.12
C GLN D 3 -31.91 -5.39 -6.92
N LEU D 4 -32.84 -5.11 -7.83
CA LEU D 4 -33.66 -3.92 -7.79
C LEU D 4 -35.11 -4.33 -8.02
N VAL D 5 -35.97 -4.07 -7.03
CA VAL D 5 -37.39 -4.33 -7.15
C VAL D 5 -38.12 -2.99 -7.15
N GLU D 6 -39.23 -2.92 -7.86
CA GLU D 6 -40.07 -1.73 -7.89
C GLU D 6 -41.45 -2.09 -7.36
N SER D 7 -42.19 -1.09 -6.93
CA SER D 7 -43.54 -1.27 -6.43
C SER D 7 -44.32 0.02 -6.62
N GLY D 8 -45.60 -0.01 -6.24
CA GLY D 8 -46.46 1.14 -6.34
C GLY D 8 -47.19 1.28 -7.67
N GLY D 9 -47.15 0.25 -8.52
CA GLY D 9 -47.83 0.34 -9.80
C GLY D 9 -49.26 -0.17 -9.71
N GLY D 10 -50.10 0.34 -10.59
CA GLY D 10 -51.50 -0.01 -10.58
C GLY D 10 -52.31 0.99 -11.38
N LEU D 11 -53.59 1.05 -11.04
CA LEU D 11 -54.55 1.87 -11.79
C LEU D 11 -54.72 3.22 -11.11
N VAL D 12 -54.56 4.30 -11.88
CA VAL D 12 -54.85 5.65 -11.42
C VAL D 12 -55.55 6.40 -12.55
N LYS D 13 -56.56 7.18 -12.21
CA LYS D 13 -57.29 7.98 -13.19
C LYS D 13 -56.34 8.93 -13.90
N PRO D 14 -56.69 9.38 -15.11
CA PRO D 14 -55.81 10.31 -15.83
C PRO D 14 -55.39 11.52 -15.01
N GLY D 15 -56.34 12.18 -14.35
CA GLY D 15 -56.04 13.10 -13.29
C GLY D 15 -55.70 12.31 -12.04
N GLY D 16 -54.63 12.70 -11.37
CA GLY D 16 -54.29 12.07 -10.11
C GLY D 16 -52.78 12.01 -9.92
N SER D 17 -52.39 11.29 -8.88
CA SER D 17 -51.00 11.17 -8.49
C SER D 17 -50.72 9.78 -7.95
N LEU D 18 -49.47 9.35 -8.08
CA LEU D 18 -49.02 8.03 -7.65
C LEU D 18 -47.54 8.09 -7.30
N ARG D 19 -47.12 7.25 -6.37
CA ARG D 19 -45.71 7.12 -6.03
C ARG D 19 -45.21 5.74 -6.42
N LEU D 20 -44.01 5.70 -7.00
CA LEU D 20 -43.30 4.46 -7.24
C LEU D 20 -42.07 4.42 -6.33
N SER D 21 -41.65 3.21 -5.96
CA SER D 21 -40.51 3.05 -5.06
C SER D 21 -39.62 1.93 -5.57
N CYS D 22 -38.32 2.06 -5.34
CA CYS D 22 -37.32 1.10 -5.76
C CYS D 22 -36.37 0.84 -4.60
N ALA D 23 -36.35 -0.40 -4.10
CA ALA D 23 -35.51 -0.75 -2.97
C ALA D 23 -34.28 -1.51 -3.46
N ALA D 24 -33.13 -0.86 -3.36
CA ALA D 24 -31.88 -1.39 -3.90
C ALA D 24 -31.29 -2.43 -2.95
N SER D 25 -30.52 -3.36 -3.51
CA SER D 25 -29.89 -4.42 -2.74
C SER D 25 -28.55 -4.77 -3.37
N GLY D 26 -27.57 -5.06 -2.54
CA GLY D 26 -26.26 -5.46 -3.01
C GLY D 26 -25.43 -4.35 -3.63
N VAL D 27 -25.92 -3.12 -3.61
CA VAL D 27 -25.18 -2.02 -4.19
C VAL D 27 -25.00 -0.95 -3.13
N PRO D 28 -23.94 -0.15 -3.23
CA PRO D 28 -23.82 0.87 -2.20
C PRO D 28 -24.71 1.99 -2.69
N PHE D 29 -25.92 2.02 -2.16
CA PHE D 29 -26.92 3.01 -2.55
C PHE D 29 -26.49 4.45 -2.28
N SER D 30 -25.79 4.67 -1.17
CA SER D 30 -25.37 6.02 -0.83
C SER D 30 -24.43 6.62 -1.88
N ASP D 31 -23.54 5.80 -2.40
CA ASP D 31 -22.55 6.24 -3.39
C ASP D 31 -22.98 6.17 -4.86
N ALA D 32 -24.16 5.67 -5.13
CA ALA D 32 -24.59 5.52 -6.52
C ALA D 32 -25.71 6.45 -7.01
N TRP D 33 -25.62 6.80 -8.29
CA TRP D 33 -26.65 7.60 -8.96
C TRP D 33 -27.71 6.62 -9.41
N MET D 34 -28.97 7.02 -9.37
CA MET D 34 -30.04 6.12 -9.80
C MET D 34 -30.81 6.68 -10.99
N ASN D 35 -31.57 5.84 -11.66
CA ASN D 35 -32.31 6.27 -12.84
C ASN D 35 -33.67 5.59 -12.90
N TRP D 36 -34.62 6.30 -13.51
CA TRP D 36 -35.92 5.74 -13.88
C TRP D 36 -36.05 5.81 -15.39
N VAL D 37 -36.47 4.71 -16.01
CA VAL D 37 -36.80 4.68 -17.43
C VAL D 37 -38.13 3.96 -17.57
N ARG D 38 -38.89 4.33 -18.58
CA ARG D 38 -40.22 3.77 -18.82
C ARG D 38 -40.31 3.25 -20.23
N GLN D 39 -41.10 2.20 -20.43
CA GLN D 39 -41.29 1.62 -21.75
C GLN D 39 -42.78 1.48 -22.02
N ALA D 40 -43.28 2.26 -22.98
CA ALA D 40 -44.67 2.16 -23.35
C ALA D 40 -44.91 0.84 -24.09
N PRO D 41 -46.04 0.18 -23.84
CA PRO D 41 -46.25 -1.16 -24.41
C PRO D 41 -46.08 -1.20 -25.92
N GLY D 42 -45.25 -2.10 -26.41
CA GLY D 42 -44.94 -2.16 -27.82
C GLY D 42 -43.99 -1.10 -28.33
N LYS D 43 -43.44 -0.28 -27.44
CA LYS D 43 -42.56 0.82 -27.81
C LYS D 43 -41.22 0.63 -27.11
N GLY D 44 -40.23 1.40 -27.56
CA GLY D 44 -38.90 1.26 -27.02
C GLY D 44 -38.72 2.01 -25.71
N LEU D 45 -37.55 1.81 -25.12
CA LEU D 45 -37.22 2.44 -23.85
C LEU D 45 -37.24 3.95 -23.99
N GLU D 46 -37.61 4.63 -22.92
CA GLU D 46 -37.59 6.09 -22.85
C GLU D 46 -37.14 6.48 -21.45
N TRP D 47 -36.18 7.40 -21.37
CA TRP D 47 -35.62 7.79 -20.08
C TRP D 47 -36.54 8.79 -19.39
N VAL D 48 -36.57 8.72 -18.06
CA VAL D 48 -37.41 9.60 -17.25
C VAL D 48 -36.58 10.59 -16.46
N GLY D 49 -35.73 10.11 -15.56
CA GLY D 49 -34.91 11.02 -14.78
C GLY D 49 -33.89 10.27 -13.95
N ARG D 50 -32.98 11.03 -13.35
CA ARG D 50 -31.93 10.47 -12.51
C ARG D 50 -31.93 11.19 -11.17
N ILE D 51 -31.22 10.61 -10.21
CA ILE D 51 -30.96 11.25 -8.92
C ILE D 51 -29.49 11.05 -8.60
N LYS D 52 -28.77 12.16 -8.44
CA LYS D 52 -27.35 12.09 -8.14
C LYS D 52 -27.12 11.73 -6.68
N SER D 53 -25.90 11.27 -6.40
CA SER D 53 -25.55 10.87 -5.05
C SER D 53 -25.38 12.07 -4.14
N LYS D 54 -25.46 11.82 -2.84
CA LYS D 54 -25.33 12.89 -1.85
C LYS D 54 -24.02 13.64 -2.01
N LYS D 55 -22.92 12.93 -2.25
CA LYS D 55 -21.62 13.58 -2.41
C LYS D 55 -21.63 14.55 -3.57
N ASP D 56 -22.24 14.17 -4.68
CA ASP D 56 -22.32 15.02 -5.86
C ASP D 56 -23.48 16.00 -5.79
N GLY D 57 -24.20 16.01 -4.67
CA GLY D 57 -25.40 16.79 -4.49
C GLY D 57 -26.65 15.98 -4.80
N GLY D 58 -27.71 16.25 -4.07
CA GLY D 58 -28.90 15.47 -4.26
C GLY D 58 -29.75 15.88 -5.43
N THR D 59 -29.20 16.67 -6.34
CA THR D 59 -30.00 17.21 -7.44
C THR D 59 -30.45 16.09 -8.37
N ALA D 60 -31.55 16.32 -9.06
CA ALA D 60 -32.13 15.35 -9.97
C ALA D 60 -32.32 15.97 -11.34
N ASP D 61 -32.24 15.13 -12.37
CA ASP D 61 -32.42 15.54 -13.75
C ASP D 61 -33.66 14.84 -14.30
N TYR D 62 -34.34 15.50 -15.23
CA TYR D 62 -35.63 15.01 -15.70
C TYR D 62 -35.69 15.09 -17.21
N ALA D 63 -36.39 14.13 -17.81
CA ALA D 63 -36.59 14.15 -19.24
C ALA D 63 -37.61 15.22 -19.60
N ALA D 64 -37.41 15.81 -20.79
CA ALA D 64 -38.28 16.91 -21.21
C ALA D 64 -39.77 16.62 -21.12
N PRO D 65 -40.27 15.43 -21.46
CA PRO D 65 -41.71 15.19 -21.30
C PRO D 65 -42.19 15.31 -19.86
N VAL D 66 -41.46 14.74 -18.91
CA VAL D 66 -41.95 14.59 -17.55
C VAL D 66 -41.47 15.71 -16.63
N LYS D 67 -40.77 16.70 -17.16
CA LYS D 67 -40.24 17.78 -16.33
C LYS D 67 -41.38 18.52 -15.63
N GLY D 68 -41.22 18.75 -14.34
CA GLY D 68 -42.15 19.53 -13.57
C GLY D 68 -43.37 18.77 -13.09
N ARG D 69 -43.72 17.67 -13.74
CA ARG D 69 -44.78 16.81 -13.24
C ARG D 69 -44.31 15.86 -12.15
N PHE D 70 -43.11 15.31 -12.29
CA PHE D 70 -42.61 14.26 -11.43
C PHE D 70 -41.45 14.77 -10.59
N SER D 71 -41.25 14.10 -9.45
CA SER D 71 -40.11 14.34 -8.60
C SER D 71 -39.47 13.00 -8.28
N ILE D 72 -38.16 13.02 -8.06
CA ILE D 72 -37.42 11.84 -7.65
C ILE D 72 -36.85 12.08 -6.27
N SER D 73 -37.01 11.12 -5.37
CA SER D 73 -36.48 11.25 -4.01
C SER D 73 -35.72 9.99 -3.64
N ARG D 74 -34.81 10.11 -2.68
CA ARG D 74 -34.05 8.95 -2.23
C ARG D 74 -33.95 8.93 -0.71
N ASP D 75 -33.95 7.73 -0.13
CA ASP D 75 -33.83 7.59 1.31
C ASP D 75 -32.63 6.72 1.59
N ASP D 76 -31.48 7.36 1.72
CA ASP D 76 -30.23 6.63 1.92
C ASP D 76 -30.26 5.63 3.07
N SER D 77 -30.90 6.01 4.16
CA SER D 77 -30.97 5.16 5.34
C SER D 77 -31.73 3.87 5.06
N LYS D 78 -32.84 4.01 4.33
CA LYS D 78 -33.67 2.86 3.99
C LYS D 78 -33.29 2.21 2.68
N LYS D 79 -32.29 2.78 2.00
CA LYS D 79 -31.80 2.27 0.73
C LYS D 79 -32.90 2.13 -0.32
N MET D 80 -33.75 3.14 -0.42
CA MET D 80 -34.84 3.13 -1.39
C MET D 80 -34.88 4.33 -2.31
N LEU D 81 -35.29 4.10 -3.55
CA LEU D 81 -35.42 5.14 -4.57
C LEU D 81 -36.90 5.38 -4.82
N TYR D 82 -37.29 6.64 -4.92
CA TYR D 82 -38.69 7.02 -5.03
C TYR D 82 -38.94 7.79 -6.31
N LEU D 83 -40.13 7.61 -6.86
CA LEU D 83 -40.62 8.39 -7.99
C LEU D 83 -42.03 8.87 -7.68
N HIS D 84 -42.19 10.17 -7.54
CA HIS D 84 -43.49 10.73 -7.24
C HIS D 84 -44.09 11.27 -8.51
N MET D 85 -45.27 10.77 -8.85
CA MET D 85 -45.94 11.21 -10.07
C MET D 85 -47.19 12.02 -9.77
N ASN D 86 -47.30 13.16 -10.41
CA ASN D 86 -48.44 14.05 -10.27
C ASN D 86 -48.90 14.46 -11.66
N SER D 87 -50.16 14.84 -11.80
CA SER D 87 -50.72 15.26 -13.10
C SER D 87 -50.40 14.28 -14.24
N LEU D 88 -51.00 13.10 -14.16
CA LEU D 88 -50.78 12.04 -15.14
C LEU D 88 -51.42 12.28 -16.51
N LYS D 89 -51.01 11.47 -17.47
CA LYS D 89 -51.55 11.52 -18.82
C LYS D 89 -51.75 10.09 -19.30
N THR D 90 -52.65 9.88 -20.25
CA THR D 90 -52.87 8.53 -20.75
C THR D 90 -51.58 7.97 -21.32
N GLU D 91 -50.83 8.80 -22.04
CA GLU D 91 -49.56 8.40 -22.62
C GLU D 91 -48.50 7.93 -21.60
N ASP D 92 -48.63 8.36 -20.35
CA ASP D 92 -47.70 8.01 -19.29
C ASP D 92 -47.61 6.51 -19.03
N THR D 93 -48.73 5.80 -19.15
CA THR D 93 -48.77 4.35 -18.93
C THR D 93 -47.65 3.61 -19.66
N ALA D 94 -46.74 3.08 -18.85
CA ALA D 94 -45.55 2.35 -19.27
C ALA D 94 -45.13 1.43 -18.13
N VAL D 95 -44.23 0.50 -18.46
CA VAL D 95 -43.55 -0.32 -17.45
C VAL D 95 -42.36 0.51 -17.00
N TYR D 96 -42.33 0.86 -15.72
CA TYR D 96 -41.28 1.73 -15.20
C TYR D 96 -40.16 0.92 -14.57
N TYR D 97 -38.99 0.98 -15.18
CA TYR D 97 -37.81 0.26 -14.75
C TYR D 97 -36.96 1.14 -13.85
N CYS D 98 -36.33 0.52 -12.85
CA CYS D 98 -35.38 1.17 -11.96
C CYS D 98 -33.98 0.71 -12.33
N THR D 99 -33.17 1.61 -12.87
CA THR D 99 -31.87 1.24 -13.38
C THR D 99 -30.79 2.10 -12.76
N THR D 100 -29.65 1.48 -12.47
CA THR D 100 -28.49 2.20 -11.98
C THR D 100 -27.80 2.93 -13.13
N GLU D 101 -26.98 3.91 -12.77
CA GLU D 101 -26.46 4.85 -13.75
C GLU D 101 -25.40 4.17 -14.61
N PRO D 102 -25.42 4.39 -15.93
CA PRO D 102 -24.69 3.49 -16.84
C PRO D 102 -23.19 3.53 -16.69
N SER D 103 -22.63 4.68 -16.36
CA SER D 103 -21.19 4.80 -16.19
C SER D 103 -20.71 3.84 -15.11
N GLY D 104 -21.35 3.86 -13.96
CA GLY D 104 -21.00 2.94 -12.89
C GLY D 104 -21.23 3.62 -11.55
N TYR D 105 -20.68 3.02 -10.51
CA TYR D 105 -20.79 3.60 -9.18
C TYR D 105 -19.52 3.24 -8.43
N CYS D 106 -18.88 4.21 -7.79
CA CYS D 106 -17.64 3.93 -7.08
C CYS D 106 -17.79 4.09 -5.58
N SER D 107 -17.54 3.01 -4.85
CA SER D 107 -17.64 3.03 -3.40
C SER D 107 -16.32 2.65 -2.75
N ASN D 108 -15.86 3.47 -1.81
CA ASN D 108 -14.62 3.23 -1.07
C ASN D 108 -13.39 3.03 -1.94
N GLY D 109 -13.24 3.83 -2.98
CA GLY D 109 -12.08 3.73 -3.84
C GLY D 109 -12.06 2.57 -4.81
N LEU D 110 -13.21 1.93 -5.01
CA LEU D 110 -13.34 0.81 -5.94
C LEU D 110 -14.46 1.16 -6.89
N CYS D 111 -14.28 0.95 -8.20
CA CYS D 111 -15.33 1.28 -9.17
C CYS D 111 -15.97 0.06 -9.82
N TYR D 112 -17.23 0.18 -10.20
CA TYR D 112 -17.94 -0.94 -10.80
C TYR D 112 -18.47 -0.50 -12.15
N THR D 113 -18.09 -1.25 -13.19
CA THR D 113 -18.18 -0.83 -14.58
C THR D 113 -19.45 -1.27 -15.27
N GLY D 114 -20.45 -1.76 -14.55
CA GLY D 114 -21.57 -2.40 -15.19
C GLY D 114 -22.89 -1.99 -14.57
N ASN D 115 -23.96 -2.27 -15.31
CA ASN D 115 -25.26 -1.64 -15.11
C ASN D 115 -26.26 -2.73 -14.75
N TYR D 116 -27.22 -2.38 -13.91
CA TYR D 116 -28.18 -3.33 -13.36
C TYR D 116 -29.59 -2.77 -13.49
N TRP D 117 -30.40 -3.41 -14.32
CA TRP D 117 -31.79 -3.00 -14.51
C TRP D 117 -32.67 -3.55 -13.40
N GLY D 118 -33.77 -2.84 -13.16
CA GLY D 118 -34.74 -3.31 -12.21
C GLY D 118 -35.67 -4.35 -12.79
N GLN D 119 -36.61 -4.79 -11.96
CA GLN D 119 -37.53 -5.84 -12.35
C GLN D 119 -38.64 -5.30 -13.25
N GLY D 120 -39.07 -4.07 -13.00
CA GLY D 120 -40.13 -3.45 -13.77
C GLY D 120 -41.48 -3.46 -13.08
N THR D 121 -42.26 -2.41 -13.32
CA THR D 121 -43.59 -2.28 -12.74
C THR D 121 -44.54 -1.68 -13.77
N LEU D 122 -45.66 -2.35 -14.01
CA LEU D 122 -46.67 -1.89 -14.94
C LEU D 122 -47.57 -0.87 -14.28
N VAL D 123 -47.76 0.27 -14.94
CA VAL D 123 -48.64 1.33 -14.45
C VAL D 123 -49.64 1.67 -15.55
N THR D 124 -50.90 1.37 -15.30
CA THR D 124 -51.97 1.62 -16.26
C THR D 124 -52.78 2.82 -15.77
N VAL D 125 -52.73 3.91 -16.53
CA VAL D 125 -53.46 5.13 -16.21
C VAL D 125 -54.71 5.15 -17.07
N SER D 126 -55.86 4.93 -16.44
CA SER D 126 -57.13 4.85 -17.13
C SER D 126 -58.25 5.10 -16.14
N SER D 127 -59.42 5.41 -16.67
CA SER D 127 -60.62 5.52 -15.86
C SER D 127 -61.75 4.73 -16.50
N GLN E 1 -28.03 18.14 -26.75
CA GLN E 1 -28.57 16.81 -26.54
C GLN E 1 -28.22 15.89 -27.70
N PRO E 2 -27.68 14.70 -27.39
CA PRO E 2 -27.30 13.77 -28.46
C PRO E 2 -28.52 13.11 -29.08
N VAL E 3 -28.33 12.62 -30.30
CA VAL E 3 -29.37 11.96 -31.07
C VAL E 3 -28.85 10.61 -31.55
N LEU E 4 -29.43 9.53 -31.05
CA LEU E 4 -29.05 8.18 -31.43
C LEU E 4 -29.96 7.69 -32.53
N THR E 5 -29.36 7.33 -33.66
CA THR E 5 -30.07 6.75 -34.79
C THR E 5 -29.56 5.34 -34.99
N GLN E 6 -30.47 4.43 -35.35
CA GLN E 6 -30.07 3.05 -35.65
C GLN E 6 -31.13 2.41 -36.53
N SER E 7 -30.74 1.30 -37.15
CA SER E 7 -31.62 0.62 -38.10
C SER E 7 -32.88 0.12 -37.40
N SER E 8 -33.96 0.01 -38.17
CA SER E 8 -35.24 -0.36 -37.60
C SER E 8 -35.30 -1.83 -37.23
N SER E 9 -34.98 -2.72 -38.17
CA SER E 9 -34.97 -4.14 -37.89
C SER E 9 -34.03 -4.84 -38.85
N ALA E 10 -33.37 -5.89 -38.36
CA ALA E 10 -32.46 -6.68 -39.19
C ALA E 10 -32.40 -8.09 -38.62
N SER E 11 -32.24 -9.08 -39.49
CA SER E 11 -32.24 -10.48 -39.08
C SER E 11 -31.05 -11.21 -39.70
N ALA E 12 -30.79 -12.42 -39.19
CA ALA E 12 -29.71 -13.26 -39.68
C ALA E 12 -30.06 -14.71 -39.43
N SER E 13 -29.47 -15.58 -40.24
CA SER E 13 -29.65 -17.02 -40.08
C SER E 13 -28.71 -17.55 -38.99
N LEU E 14 -29.13 -18.64 -38.37
CA LEU E 14 -28.38 -19.25 -37.27
C LEU E 14 -26.96 -19.61 -37.69
N GLY E 15 -26.03 -19.47 -36.75
CA GLY E 15 -24.65 -19.85 -36.98
C GLY E 15 -23.80 -18.82 -37.67
N SER E 16 -24.35 -17.64 -37.94
CA SER E 16 -23.66 -16.59 -38.68
C SER E 16 -23.61 -15.32 -37.84
N SER E 17 -22.76 -14.39 -38.25
CA SER E 17 -22.61 -13.14 -37.51
C SER E 17 -23.51 -12.07 -38.10
N VAL E 18 -24.16 -11.31 -37.21
CA VAL E 18 -24.98 -10.16 -37.59
C VAL E 18 -24.34 -8.92 -36.97
N LYS E 19 -24.37 -7.82 -37.70
CA LYS E 19 -23.83 -6.56 -37.23
C LYS E 19 -24.93 -5.51 -37.19
N LEU E 20 -24.91 -4.69 -36.14
CA LEU E 20 -25.96 -3.71 -35.90
C LEU E 20 -25.35 -2.33 -35.72
N THR E 21 -25.84 -1.36 -36.46
CA THR E 21 -25.27 -0.02 -36.51
C THR E 21 -26.05 0.91 -35.60
N CYS E 22 -25.33 1.72 -34.83
CA CYS E 22 -25.89 2.79 -34.02
C CYS E 22 -25.12 4.07 -34.31
N THR E 23 -25.79 5.07 -34.86
CA THR E 23 -25.13 6.27 -35.37
C THR E 23 -25.31 7.41 -34.37
N LEU E 24 -24.20 7.95 -33.88
CA LEU E 24 -24.24 9.13 -33.04
C LEU E 24 -24.41 10.39 -33.86
N SER E 25 -24.98 11.41 -33.22
CA SER E 25 -25.10 12.72 -33.83
C SER E 25 -23.73 13.34 -34.04
N SER E 26 -23.67 14.30 -34.94
CA SER E 26 -22.42 15.03 -35.15
C SER E 26 -22.14 15.92 -33.95
N GLY E 27 -20.87 16.00 -33.56
CA GLY E 27 -20.43 16.76 -32.42
C GLY E 27 -20.56 16.03 -31.11
N HIS E 28 -21.40 15.00 -31.06
CA HIS E 28 -21.46 14.03 -29.98
C HIS E 28 -20.61 12.80 -30.27
N ILE E 29 -19.82 12.87 -31.35
CA ILE E 29 -19.10 11.72 -31.88
C ILE E 29 -18.39 10.94 -30.78
N THR E 30 -17.70 11.65 -29.90
CA THR E 30 -16.79 10.98 -28.98
C THR E 30 -17.50 10.24 -27.86
N TYR E 31 -18.82 10.34 -27.77
CA TYR E 31 -19.51 9.82 -26.60
C TYR E 31 -19.41 8.31 -26.50
N ILE E 32 -19.46 7.82 -25.27
CA ILE E 32 -19.42 6.39 -25.00
C ILE E 32 -20.87 5.93 -25.05
N ILE E 33 -21.11 4.72 -25.55
CA ILE E 33 -22.47 4.20 -25.63
C ILE E 33 -22.56 2.80 -25.05
N ALA E 34 -23.76 2.40 -24.66
CA ALA E 34 -23.98 1.08 -24.09
C ALA E 34 -25.07 0.34 -24.84
N TRP E 35 -24.96 -0.98 -24.91
CA TRP E 35 -25.95 -1.79 -25.60
C TRP E 35 -26.77 -2.61 -24.63
N HIS E 36 -28.07 -2.69 -24.88
CA HIS E 36 -28.99 -3.45 -24.06
C HIS E 36 -29.80 -4.37 -24.99
N GLN E 37 -30.06 -5.59 -24.55
CA GLN E 37 -31.03 -6.44 -25.22
C GLN E 37 -32.24 -6.60 -24.33
N GLN E 38 -33.42 -6.64 -24.92
CA GLN E 38 -34.65 -6.90 -24.19
C GLN E 38 -35.39 -8.05 -24.84
N GLN E 39 -35.47 -9.18 -24.15
CA GLN E 39 -36.27 -10.29 -24.62
C GLN E 39 -37.72 -9.82 -24.77
N PRO E 40 -38.49 -10.49 -25.63
CA PRO E 40 -39.84 -10.01 -25.92
C PRO E 40 -40.72 -9.80 -24.69
N GLY E 41 -40.55 -10.63 -23.65
CA GLY E 41 -41.33 -10.49 -22.44
C GLY E 41 -40.62 -10.03 -21.19
N LYS E 42 -39.36 -9.59 -21.27
CA LYS E 42 -38.50 -9.51 -20.10
C LYS E 42 -37.92 -8.12 -19.95
N ALA E 43 -37.33 -7.88 -18.78
CA ALA E 43 -36.59 -6.64 -18.54
C ALA E 43 -35.30 -6.63 -19.34
N PRO E 44 -34.79 -5.45 -19.67
CA PRO E 44 -33.59 -5.37 -20.51
C PRO E 44 -32.37 -5.94 -19.80
N ARG E 45 -31.38 -6.33 -20.60
CA ARG E 45 -30.12 -6.82 -20.07
C ARG E 45 -28.98 -5.97 -20.62
N TYR E 46 -28.19 -5.40 -19.71
CA TYR E 46 -26.99 -4.66 -20.10
C TYR E 46 -26.03 -5.59 -20.81
N LEU E 47 -25.58 -5.20 -22.00
CA LEU E 47 -24.59 -6.02 -22.70
C LEU E 47 -23.18 -5.48 -22.49
N MET E 48 -22.89 -4.34 -23.10
CA MET E 48 -21.58 -3.73 -22.99
C MET E 48 -21.64 -2.25 -23.35
N LYS E 49 -20.54 -1.54 -23.18
CA LYS E 49 -20.47 -0.14 -23.54
C LYS E 49 -19.23 0.04 -24.39
N LEU E 50 -19.34 0.71 -25.53
CA LEU E 50 -18.17 0.89 -26.40
C LEU E 50 -17.75 2.33 -26.68
N GLU E 51 -16.45 2.56 -26.51
CA GLU E 51 -15.82 3.86 -26.74
C GLU E 51 -15.57 4.14 -28.21
N ASP E 52 -15.24 5.40 -28.53
CA ASP E 52 -14.94 5.81 -29.91
C ASP E 52 -13.69 5.11 -30.48
N SER E 53 -12.72 4.81 -29.61
CA SER E 53 -11.48 4.11 -29.94
C SER E 53 -11.69 2.65 -30.38
N GLY E 54 -12.81 2.05 -29.96
CA GLY E 54 -13.13 0.67 -30.28
C GLY E 54 -12.94 -0.23 -29.10
N SER E 55 -12.44 0.33 -28.00
CA SER E 55 -12.28 -0.42 -26.76
C SER E 55 -13.68 -0.62 -26.20
N TYR E 56 -13.95 -1.80 -25.64
CA TYR E 56 -15.28 -2.02 -25.06
C TYR E 56 -15.20 -2.80 -23.76
N ASN E 57 -16.16 -2.53 -22.88
CA ASN E 57 -16.23 -3.21 -21.59
C ASN E 57 -17.46 -4.08 -21.65
N LYS E 58 -17.26 -5.39 -21.72
CA LYS E 58 -18.39 -6.30 -21.81
C LYS E 58 -18.97 -6.55 -20.43
N GLY E 59 -20.25 -6.92 -20.39
CA GLY E 59 -20.89 -7.20 -19.13
C GLY E 59 -20.27 -8.37 -18.41
N SER E 60 -20.72 -8.59 -17.18
CA SER E 60 -20.20 -9.71 -16.40
C SER E 60 -20.84 -11.02 -16.82
N GLY E 61 -22.14 -11.00 -17.07
CA GLY E 61 -22.89 -12.20 -17.37
C GLY E 61 -23.11 -12.47 -18.84
N VAL E 62 -22.22 -12.00 -19.69
CA VAL E 62 -22.49 -11.94 -21.12
C VAL E 62 -21.59 -12.92 -21.86
N PRO E 63 -22.10 -13.61 -22.89
CA PRO E 63 -21.26 -14.54 -23.64
C PRO E 63 -20.17 -13.82 -24.40
N ASP E 64 -19.18 -14.59 -24.85
CA ASP E 64 -18.04 -14.00 -25.54
C ASP E 64 -18.33 -13.75 -27.01
N ARG E 65 -19.48 -14.21 -27.50
CA ARG E 65 -19.77 -14.04 -28.92
C ARG E 65 -20.24 -12.62 -29.22
N PHE E 66 -20.59 -11.86 -28.19
CA PHE E 66 -20.87 -10.44 -28.38
C PHE E 66 -19.57 -9.65 -28.43
N SER E 67 -19.49 -8.70 -29.35
CA SER E 67 -18.36 -7.80 -29.44
C SER E 67 -18.83 -6.57 -30.19
N GLY E 68 -18.03 -5.51 -30.13
CA GLY E 68 -18.38 -4.26 -30.79
C GLY E 68 -17.15 -3.55 -31.29
N SER E 69 -17.37 -2.62 -32.20
CA SER E 69 -16.31 -1.82 -32.80
C SER E 69 -16.92 -0.54 -33.34
N SER E 70 -16.09 0.45 -33.61
CA SER E 70 -16.59 1.74 -34.02
C SER E 70 -15.69 2.38 -35.06
N SER E 71 -16.31 2.94 -36.08
CA SER E 71 -15.68 3.93 -36.95
C SER E 71 -16.01 5.31 -36.41
N GLY E 72 -15.76 6.40 -37.13
CA GLY E 72 -16.11 7.72 -36.61
C GLY E 72 -17.60 7.96 -36.48
N ALA E 73 -18.05 8.27 -35.26
CA ALA E 73 -19.45 8.58 -34.98
C ALA E 73 -20.38 7.45 -35.40
N ASP E 74 -19.84 6.24 -35.50
CA ASP E 74 -20.62 5.10 -35.93
C ASP E 74 -20.24 3.89 -35.10
N ARG E 75 -21.22 3.33 -34.41
CA ARG E 75 -21.00 2.27 -33.44
C ARG E 75 -21.58 0.96 -33.96
N TYR E 76 -20.99 -0.15 -33.55
CA TYR E 76 -21.40 -1.46 -34.03
C TYR E 76 -21.65 -2.40 -32.87
N LEU E 77 -22.38 -3.48 -33.14
CA LEU E 77 -22.53 -4.61 -32.25
C LEU E 77 -22.52 -5.87 -33.10
N THR E 78 -21.66 -6.82 -32.78
CA THR E 78 -21.47 -8.00 -33.61
C THR E 78 -21.82 -9.25 -32.83
N ILE E 79 -22.84 -9.98 -33.28
CA ILE E 79 -23.19 -11.25 -32.64
C ILE E 79 -22.58 -12.36 -33.49
N SER E 80 -21.36 -12.78 -33.16
CA SER E 80 -20.63 -13.78 -33.96
C SER E 80 -21.25 -15.15 -34.13
N ASN E 81 -21.78 -15.72 -33.06
CA ASN E 81 -22.43 -17.01 -33.21
C ASN E 81 -23.86 -16.76 -32.81
N LEU E 82 -24.80 -17.06 -33.69
CA LEU E 82 -26.19 -16.78 -33.38
C LEU E 82 -26.88 -18.01 -32.83
N GLN E 83 -27.42 -17.86 -31.63
CA GLN E 83 -28.12 -18.93 -30.98
C GLN E 83 -29.57 -18.47 -30.93
N PHE E 84 -30.48 -19.37 -31.22
CA PHE E 84 -31.90 -19.09 -31.20
C PHE E 84 -32.31 -18.39 -29.90
N GLU E 85 -31.44 -18.46 -28.88
CA GLU E 85 -31.81 -17.94 -27.57
C GLU E 85 -31.80 -16.43 -27.55
N ASP E 86 -30.97 -15.79 -28.37
CA ASP E 86 -30.96 -14.33 -28.43
C ASP E 86 -31.46 -13.82 -29.78
N GLU E 87 -32.70 -13.37 -29.76
CA GLU E 87 -33.27 -12.48 -30.76
C GLU E 87 -34.21 -11.57 -29.97
N ALA E 88 -34.02 -10.26 -30.12
CA ALA E 88 -34.67 -9.34 -29.22
C ALA E 88 -34.33 -7.92 -29.64
N ASP E 89 -35.08 -6.97 -29.10
CA ASP E 89 -34.76 -5.57 -29.32
C ASP E 89 -33.39 -5.26 -28.74
N TYR E 90 -32.54 -4.67 -29.57
CA TYR E 90 -31.21 -4.21 -29.16
C TYR E 90 -31.26 -2.70 -29.12
N TYR E 91 -31.24 -2.14 -27.92
CA TYR E 91 -31.28 -0.70 -27.77
C TYR E 91 -29.87 -0.15 -27.60
N CYS E 92 -29.66 1.02 -28.17
CA CYS E 92 -28.41 1.75 -28.07
C CYS E 92 -28.69 2.99 -27.23
N GLU E 93 -27.94 3.16 -26.14
CA GLU E 93 -28.11 4.35 -25.31
C GLU E 93 -26.80 5.10 -25.20
N THR E 94 -26.89 6.38 -24.90
CA THR E 94 -25.74 7.23 -24.70
C THR E 94 -26.14 8.20 -23.61
N TRP E 95 -25.17 8.62 -22.80
CA TRP E 95 -25.49 9.52 -21.71
C TRP E 95 -24.61 10.75 -21.68
N ASP E 96 -25.18 11.79 -21.12
CA ASP E 96 -24.55 13.08 -20.92
C ASP E 96 -24.82 13.49 -19.47
N SER E 97 -24.11 14.48 -18.97
CA SER E 97 -24.35 14.89 -17.59
C SER E 97 -25.80 15.37 -17.43
N TYR E 98 -26.28 16.16 -18.38
CA TYR E 98 -27.65 16.66 -18.37
C TYR E 98 -28.78 15.64 -18.62
N THR E 99 -28.60 14.74 -19.59
CA THR E 99 -29.64 13.77 -19.96
C THR E 99 -29.12 12.44 -20.47
N ARG E 100 -29.99 11.43 -20.48
CA ARG E 100 -29.68 10.11 -20.99
C ARG E 100 -30.61 9.86 -22.18
N VAL E 101 -30.07 9.37 -23.28
CA VAL E 101 -30.87 9.14 -24.48
C VAL E 101 -30.84 7.67 -24.93
N PHE E 102 -31.96 7.18 -25.44
CA PHE E 102 -32.07 5.82 -25.95
C PHE E 102 -32.33 5.82 -27.45
N GLY E 103 -31.95 4.72 -28.09
CA GLY E 103 -32.31 4.52 -29.48
C GLY E 103 -33.73 4.03 -29.62
N GLY E 104 -34.15 3.86 -30.87
CA GLY E 104 -35.52 3.46 -31.12
C GLY E 104 -35.72 1.96 -31.07
N GLY E 105 -34.62 1.22 -31.00
CA GLY E 105 -34.66 -0.23 -30.94
C GLY E 105 -34.40 -0.88 -32.28
N THR E 106 -33.75 -2.04 -32.25
CA THR E 106 -33.52 -2.86 -33.42
C THR E 106 -33.97 -4.27 -33.11
N LYS E 107 -34.99 -4.73 -33.82
CA LYS E 107 -35.55 -6.06 -33.60
C LYS E 107 -34.77 -7.06 -34.45
N LEU E 108 -34.13 -8.02 -33.80
CA LEU E 108 -33.37 -9.06 -34.47
C LEU E 108 -34.26 -10.29 -34.66
N THR E 109 -34.11 -10.95 -35.80
CA THR E 109 -34.87 -12.17 -36.07
C THR E 109 -34.02 -13.20 -36.81
#